data_3OV3
#
_entry.id   3OV3
#
_cell.length_a   76.700
_cell.length_b   116.360
_cell.length_c   221.240
_cell.angle_alpha   90.000
_cell.angle_beta   90.000
_cell.angle_gamma   90.000
#
_symmetry.space_group_name_H-M   'P 21 21 21'
#
loop_
_entity.id
_entity.type
_entity.pdbx_description
1 polymer 'Curcumin synthase'
2 non-polymer 'MALONATE ION'
3 water water
#
_entity_poly.entity_id   1
_entity_poly.type   'polypeptide(L)'
_entity_poly.pdbx_seq_one_letter_code
;MANLHALRREQRAQGPATIMAIGTATPPNLYEQSTFPDFYFRVTNSDDKQELKKKFRRMCEKTMVKKRYLHLTEEILKER
PKLCSYKEASFDDRQDIVVEEIPRLAKEAAEKAIKEWGRPKSEITHLVFCSISGIDMPGADYRLATLLGLPLTVNRLMIY
SQACHMGAAMLRIAKDLAENNRGARVLVVACEITVLSFRGPNEGDFEALAFQAGFGDGAGAVVVGADPLEGIEKPIYEIA
AAMQETVAESQGAVGGHLRAFGWTFYFLNQLPAIIADNLGRSLERALAPLGVREWNDVFWVAHPGNWAIIDAIEAKLQLS
PDKLSTARHVFTEYGNMQSATVYFVMDELRKRSAVEGRSTTGDGLQWGVLLGFGPGLSIETVVLRSMPLHHHH
;
_entity_poly.pdbx_strand_id   A,B,C,D
#
# COMPACT_ATOMS: atom_id res chain seq x y z
N HIS A 5 -29.87 -34.80 6.17
CA HIS A 5 -30.25 -35.49 7.43
C HIS A 5 -29.19 -36.50 7.89
N ALA A 6 -28.92 -37.50 7.06
CA ALA A 6 -27.77 -38.39 7.29
C ALA A 6 -26.44 -37.61 7.17
N LEU A 7 -26.38 -36.71 6.19
CA LEU A 7 -25.25 -35.80 6.01
C LEU A 7 -25.17 -34.86 7.21
N ARG A 8 -26.31 -34.31 7.58
CA ARG A 8 -26.40 -33.39 8.70
C ARG A 8 -25.82 -34.01 9.99
N ARG A 9 -26.20 -35.25 10.32
CA ARG A 9 -25.78 -35.88 11.57
C ARG A 9 -24.26 -36.11 11.65
N GLU A 10 -23.67 -36.38 10.48
CA GLU A 10 -22.24 -36.68 10.39
C GLU A 10 -21.37 -35.42 10.45
N GLN A 11 -21.76 -34.39 9.70
CA GLN A 11 -20.97 -33.18 9.58
C GLN A 11 -21.00 -32.28 10.82
N ARG A 12 -21.83 -32.63 11.80
CA ARG A 12 -21.93 -31.80 13.01
C ARG A 12 -21.16 -32.33 14.24
N ALA A 13 -20.76 -31.43 15.13
CA ALA A 13 -20.09 -31.81 16.38
C ALA A 13 -21.07 -32.48 17.35
N GLN A 14 -20.55 -33.09 18.41
CA GLN A 14 -21.39 -33.83 19.36
C GLN A 14 -21.64 -33.16 20.71
N GLY A 15 -20.61 -32.52 21.26
CA GLY A 15 -20.64 -31.93 22.61
C GLY A 15 -20.61 -30.42 22.57
N PRO A 16 -20.51 -29.78 23.75
CA PRO A 16 -20.58 -28.30 23.78
C PRO A 16 -19.28 -27.61 23.33
N ALA A 17 -19.42 -26.41 22.78
CA ALA A 17 -18.28 -25.52 22.53
C ALA A 17 -17.43 -25.33 23.79
N THR A 18 -16.12 -25.27 23.58
CA THR A 18 -15.17 -25.25 24.66
C THR A 18 -14.16 -24.13 24.43
N ILE A 19 -13.84 -23.36 25.46
CA ILE A 19 -12.74 -22.45 25.36
C ILE A 19 -11.45 -23.22 25.70
N MET A 20 -10.51 -23.23 24.77
CA MET A 20 -9.39 -24.14 24.86
C MET A 20 -8.07 -23.48 25.21
N ALA A 21 -8.04 -22.15 25.12
CA ALA A 21 -6.82 -21.39 25.28
C ALA A 21 -7.19 -19.93 25.29
N ILE A 22 -6.45 -19.13 26.06
CA ILE A 22 -6.65 -17.68 26.08
C ILE A 22 -5.31 -16.97 25.92
N GLY A 23 -5.27 -16.00 25.00
CA GLY A 23 -4.16 -15.09 24.87
C GLY A 23 -4.58 -13.62 24.90
N THR A 24 -3.69 -12.78 25.47
CA THR A 24 -3.85 -11.32 25.50
C THR A 24 -2.59 -10.57 25.12
N ALA A 25 -2.80 -9.33 24.66
CA ALA A 25 -1.68 -8.44 24.32
C ALA A 25 -2.07 -6.96 24.46
N THR A 26 -1.05 -6.11 24.65
CA THR A 26 -1.22 -4.65 24.63
C THR A 26 -0.11 -3.96 23.87
N PRO A 27 -0.33 -2.70 23.42
CA PRO A 27 0.81 -1.93 22.94
C PRO A 27 1.92 -1.88 24.02
N PRO A 28 3.14 -1.45 23.64
CA PRO A 28 4.30 -1.47 24.59
C PRO A 28 4.50 -0.15 25.39
N ASN A 29 3.60 0.82 25.22
CA ASN A 29 3.73 2.10 25.87
C ASN A 29 2.88 2.14 27.11
N LEU A 30 3.54 2.02 28.25
CA LEU A 30 2.93 2.22 29.54
C LEU A 30 2.52 3.69 29.76
N TYR A 31 1.26 3.92 30.10
CA TYR A 31 0.84 5.23 30.54
C TYR A 31 0.32 5.14 31.95
N GLU A 32 1.06 5.76 32.87
CA GLU A 32 0.71 5.80 34.27
C GLU A 32 -0.33 6.89 34.53
N GLN A 33 -1.39 6.51 35.25
CA GLN A 33 -2.53 7.41 35.46
C GLN A 33 -2.17 8.67 36.29
N SER A 34 -1.23 8.54 37.22
CA SER A 34 -0.77 9.66 38.04
C SER A 34 -0.02 10.74 37.27
N THR A 35 0.57 10.41 36.11
CA THR A 35 1.25 11.44 35.29
C THR A 35 0.53 11.65 33.94
N PHE A 36 -0.60 11.00 33.75
CA PHE A 36 -1.33 11.16 32.51
C PHE A 36 -1.93 12.56 32.30
N PRO A 37 -2.45 13.21 33.37
CA PRO A 37 -2.90 14.58 33.23
C PRO A 37 -1.82 15.51 32.69
N ASP A 38 -0.57 15.24 33.07
CA ASP A 38 0.56 16.04 32.65
C ASP A 38 0.94 15.81 31.23
N PHE A 39 0.94 14.54 30.82
CA PHE A 39 1.26 14.18 29.45
C PHE A 39 0.15 14.71 28.49
N TYR A 40 -1.10 14.38 28.82
CA TYR A 40 -2.23 14.73 28.01
C TYR A 40 -2.35 16.26 27.73
N PHE A 41 -2.21 17.08 28.78
CA PHE A 41 -2.31 18.54 28.64
C PHE A 41 -1.10 19.17 27.98
N ARG A 42 0.08 18.61 28.21
CA ARG A 42 1.30 19.11 27.52
C ARG A 42 1.26 18.79 26.02
N VAL A 43 1.14 17.52 25.68
CA VAL A 43 1.19 17.15 24.26
C VAL A 43 -0.01 17.54 23.40
N THR A 44 -1.16 17.85 24.00
CA THR A 44 -2.24 18.41 23.17
C THR A 44 -2.22 19.93 23.18
N ASN A 45 -1.14 20.52 23.72
CA ASN A 45 -0.92 21.98 23.80
C ASN A 45 -1.97 22.71 24.62
N SER A 46 -2.31 22.12 25.76
CA SER A 46 -3.42 22.62 26.53
C SER A 46 -2.97 23.05 27.92
N ASP A 47 -1.68 23.37 28.05
CA ASP A 47 -1.10 23.84 29.31
C ASP A 47 -1.65 25.20 29.78
N ASP A 48 -2.36 25.92 28.90
CA ASP A 48 -3.03 27.19 29.30
C ASP A 48 -4.46 26.96 29.82
N LYS A 49 -4.86 25.69 29.89
CA LYS A 49 -6.16 25.32 30.43
C LYS A 49 -5.99 24.72 31.81
N GLN A 50 -5.49 25.49 32.78
CA GLN A 50 -5.07 24.86 34.05
C GLN A 50 -6.25 24.40 34.89
N GLU A 51 -7.36 25.10 34.78
CA GLU A 51 -8.52 24.76 35.58
C GLU A 51 -9.12 23.46 35.06
N LEU A 52 -9.30 23.34 33.75
CA LEU A 52 -9.69 22.09 33.15
C LEU A 52 -8.71 20.93 33.46
N LYS A 53 -7.43 21.25 33.50
CA LYS A 53 -6.41 20.24 33.79
C LYS A 53 -6.54 19.71 35.22
N LYS A 54 -6.69 20.61 36.19
CA LYS A 54 -6.85 20.23 37.58
C LYS A 54 -8.10 19.37 37.74
N LYS A 55 -9.13 19.67 36.98
CA LYS A 55 -10.38 18.92 36.96
C LYS A 55 -10.12 17.55 36.33
N PHE A 56 -9.29 17.55 35.31
CA PHE A 56 -8.87 16.31 34.70
C PHE A 56 -8.13 15.40 35.67
N ARG A 57 -7.32 16.01 36.55
CA ARG A 57 -6.52 15.27 37.50
C ARG A 57 -7.43 14.54 38.48
N ARG A 58 -8.46 15.24 38.94
CA ARG A 58 -9.40 14.70 39.91
C ARG A 58 -10.16 13.53 39.26
N MET A 59 -10.76 13.78 38.10
CA MET A 59 -11.38 12.71 37.31
C MET A 59 -10.48 11.46 37.16
N CYS A 60 -9.20 11.66 36.82
CA CYS A 60 -8.27 10.52 36.67
C CYS A 60 -8.13 9.72 37.94
N GLU A 61 -8.01 10.42 39.07
CA GLU A 61 -7.83 9.78 40.37
C GLU A 61 -9.07 8.94 40.73
N LYS A 62 -10.25 9.44 40.38
CA LYS A 62 -11.51 8.77 40.67
C LYS A 62 -11.84 7.61 39.71
N THR A 63 -11.18 7.54 38.57
CA THR A 63 -11.48 6.45 37.65
C THR A 63 -11.02 5.13 38.25
N MET A 64 -10.18 5.25 39.29
CA MET A 64 -9.46 4.11 39.86
C MET A 64 -8.55 3.36 38.88
N VAL A 65 -8.19 3.93 37.74
CA VAL A 65 -7.25 3.26 36.82
C VAL A 65 -5.85 3.63 37.26
N LYS A 66 -4.92 2.66 37.28
CA LYS A 66 -3.49 2.90 37.64
C LYS A 66 -2.62 3.05 36.39
N LYS A 67 -2.82 2.15 35.43
CA LYS A 67 -2.10 2.21 34.18
C LYS A 67 -2.94 1.76 32.99
N ARG A 68 -2.64 2.32 31.82
CA ARG A 68 -3.16 1.80 30.55
C ARG A 68 -2.02 1.68 29.56
N TYR A 69 -2.25 0.93 28.49
CA TYR A 69 -1.35 0.81 27.37
C TYR A 69 -2.00 1.39 26.08
N LEU A 70 -1.30 2.34 25.44
CA LEU A 70 -1.78 2.96 24.21
C LEU A 70 -0.78 2.80 23.10
N HIS A 71 -1.29 2.64 21.87
CA HIS A 71 -0.44 2.64 20.71
C HIS A 71 0.10 4.02 20.46
N LEU A 72 -0.77 5.01 20.58
CA LEU A 72 -0.39 6.43 20.48
C LEU A 72 0.80 6.82 21.36
N THR A 73 1.64 7.69 20.80
CA THR A 73 2.77 8.28 21.52
C THR A 73 2.76 9.74 21.21
N GLU A 74 3.54 10.50 21.98
CA GLU A 74 3.85 11.89 21.68
C GLU A 74 4.40 12.07 20.26
N GLU A 75 5.24 11.13 19.81
CA GLU A 75 5.82 11.19 18.48
C GLU A 75 4.70 11.20 17.43
N ILE A 76 3.68 10.36 17.62
CA ILE A 76 2.64 10.24 16.63
C ILE A 76 1.77 11.50 16.62
N LEU A 77 1.51 12.03 17.81
CA LEU A 77 0.78 13.30 17.94
C LEU A 77 1.52 14.52 17.34
N LYS A 78 2.84 14.59 17.45
CA LYS A 78 3.55 15.68 16.80
C LYS A 78 3.54 15.57 15.24
N GLU A 79 3.53 14.33 14.73
CA GLU A 79 3.65 14.04 13.30
C GLU A 79 2.33 14.22 12.54
N ARG A 80 1.24 14.22 13.28
CA ARG A 80 -0.11 14.32 12.74
C ARG A 80 -0.91 15.11 13.78
N PRO A 81 -0.65 16.43 13.89
CA PRO A 81 -1.27 17.15 14.99
C PRO A 81 -2.83 17.24 14.95
N LYS A 82 -3.46 16.91 13.82
CA LYS A 82 -4.92 16.95 13.77
C LYS A 82 -5.60 15.95 14.73
N LEU A 83 -4.92 14.85 15.02
CA LEU A 83 -5.31 13.96 16.12
C LEU A 83 -5.61 14.69 17.43
N CYS A 84 -5.01 15.87 17.63
CA CYS A 84 -5.24 16.68 18.82
C CYS A 84 -6.46 17.59 18.77
N SER A 85 -6.80 18.09 17.59
CA SER A 85 -7.97 18.94 17.42
C SER A 85 -9.18 18.21 17.99
N TYR A 86 -10.04 18.89 18.76
CA TYR A 86 -11.21 18.16 19.26
C TYR A 86 -12.39 18.00 18.35
N LYS A 87 -12.52 18.88 17.36
CA LYS A 87 -13.67 18.83 16.46
C LYS A 87 -13.36 19.17 14.97
N GLU A 88 -12.10 19.48 14.64
CA GLU A 88 -11.68 19.54 13.22
C GLU A 88 -11.53 18.16 12.56
N ALA A 89 -11.63 18.12 11.24
CA ALA A 89 -11.48 16.88 10.48
C ALA A 89 -10.11 16.23 10.70
N SER A 90 -10.14 14.95 11.07
CA SER A 90 -8.92 14.20 11.42
C SER A 90 -9.07 12.71 11.04
N PHE A 91 -10.20 12.37 10.43
CA PHE A 91 -10.52 10.99 10.07
C PHE A 91 -9.42 10.25 9.28
N ASP A 92 -8.84 10.91 8.27
CA ASP A 92 -7.80 10.25 7.47
C ASP A 92 -6.56 9.87 8.27
N ASP A 93 -6.09 10.76 9.15
CA ASP A 93 -4.94 10.49 9.99
C ASP A 93 -5.20 9.27 10.88
N ARG A 94 -6.41 9.22 11.46
CA ARG A 94 -6.85 8.10 12.27
C ARG A 94 -6.93 6.78 11.46
N GLN A 95 -7.55 6.82 10.28
CA GLN A 95 -7.64 5.61 9.44
C GLN A 95 -6.27 5.02 9.08
N ASP A 96 -5.35 5.87 8.64
CA ASP A 96 -3.96 5.47 8.31
C ASP A 96 -3.36 4.57 9.42
N ILE A 97 -3.66 4.92 10.67
CA ILE A 97 -3.09 4.21 11.79
C ILE A 97 -3.86 2.93 12.10
N VAL A 98 -5.18 3.02 12.28
CA VAL A 98 -5.93 1.84 12.72
C VAL A 98 -6.00 0.73 11.66
N VAL A 99 -6.05 1.09 10.36
CA VAL A 99 -6.08 0.05 9.33
C VAL A 99 -4.80 -0.82 9.38
N GLU A 100 -3.71 -0.25 9.87
CA GLU A 100 -2.43 -0.99 9.93
C GLU A 100 -2.27 -1.72 11.23
N GLU A 101 -2.56 -1.02 12.32
CA GLU A 101 -2.21 -1.48 13.66
C GLU A 101 -3.21 -2.49 14.27
N ILE A 102 -4.50 -2.32 14.00
CA ILE A 102 -5.52 -3.25 14.51
C ILE A 102 -5.19 -4.74 14.17
N PRO A 103 -4.71 -5.04 12.94
CA PRO A 103 -4.34 -6.44 12.72
C PRO A 103 -3.05 -6.86 13.41
N ARG A 104 -2.08 -5.97 13.47
CA ARG A 104 -0.78 -6.27 14.12
C ARG A 104 -0.94 -6.63 15.60
N LEU A 105 -1.70 -5.81 16.31
CA LEU A 105 -1.94 -6.03 17.74
C LEU A 105 -2.76 -7.33 17.96
N ALA A 106 -3.78 -7.54 17.13
CA ALA A 106 -4.52 -8.80 17.11
C ALA A 106 -3.61 -10.05 16.98
N LYS A 107 -2.65 -9.99 16.09
CA LYS A 107 -1.69 -11.06 15.85
C LYS A 107 -1.03 -11.51 17.16
N GLU A 108 -0.53 -10.54 17.93
CA GLU A 108 0.08 -10.79 19.22
C GLU A 108 -0.78 -11.66 20.14
N ALA A 109 -2.05 -11.31 20.29
CA ALA A 109 -2.95 -12.08 21.13
C ALA A 109 -3.27 -13.43 20.50
N ALA A 110 -3.56 -13.43 19.19
CA ALA A 110 -3.79 -14.66 18.45
C ALA A 110 -2.63 -15.66 18.62
N GLU A 111 -1.40 -15.25 18.31
CA GLU A 111 -0.23 -16.15 18.46
C GLU A 111 -0.17 -16.80 19.84
N LYS A 112 -0.26 -16.00 20.89
CA LYS A 112 -0.18 -16.51 22.28
C LYS A 112 -1.27 -17.56 22.58
N ALA A 113 -2.49 -17.32 22.09
CA ALA A 113 -3.58 -18.25 22.27
C ALA A 113 -3.30 -19.52 21.50
N ILE A 114 -2.76 -19.36 20.28
CA ILE A 114 -2.54 -20.47 19.39
C ILE A 114 -1.41 -21.34 19.96
N LYS A 115 -0.45 -20.69 20.60
CA LYS A 115 0.65 -21.37 21.28
C LYS A 115 0.15 -22.18 22.50
N GLU A 116 -0.74 -21.62 23.31
CA GLU A 116 -1.21 -22.36 24.48
C GLU A 116 -2.02 -23.57 24.03
N TRP A 117 -2.82 -23.35 22.99
CA TRP A 117 -3.59 -24.40 22.33
C TRP A 117 -2.71 -25.60 21.94
N GLY A 118 -1.57 -25.34 21.30
CA GLY A 118 -0.52 -26.34 21.08
C GLY A 118 -0.73 -27.20 19.86
N ARG A 119 -1.47 -26.65 18.91
CA ARG A 119 -1.86 -27.34 17.68
C ARG A 119 -1.42 -26.53 16.44
N PRO A 120 -1.21 -27.21 15.31
CA PRO A 120 -0.84 -26.55 14.03
C PRO A 120 -1.90 -25.57 13.53
N LYS A 121 -1.46 -24.41 13.05
CA LYS A 121 -2.37 -23.39 12.55
C LYS A 121 -3.29 -23.97 11.49
N SER A 122 -2.79 -24.99 10.79
CA SER A 122 -3.49 -25.57 9.64
C SER A 122 -4.80 -26.19 10.08
N GLU A 123 -4.95 -26.37 11.39
CA GLU A 123 -6.15 -26.97 11.94
C GLU A 123 -7.24 -25.97 12.34
N ILE A 124 -6.98 -24.66 12.22
CA ILE A 124 -7.99 -23.65 12.43
C ILE A 124 -8.93 -23.61 11.23
N THR A 125 -10.24 -23.71 11.48
CA THR A 125 -11.25 -23.75 10.43
C THR A 125 -12.00 -22.43 10.24
N HIS A 126 -12.07 -21.62 11.30
CA HIS A 126 -12.80 -20.33 11.29
C HIS A 126 -12.03 -19.26 12.06
N LEU A 127 -12.18 -18.01 11.63
CA LEU A 127 -11.76 -16.85 12.37
C LEU A 127 -12.91 -15.85 12.47
N VAL A 128 -13.19 -15.40 13.68
CA VAL A 128 -14.18 -14.41 13.99
C VAL A 128 -13.44 -13.30 14.76
N PHE A 129 -13.51 -12.09 14.23
CA PHE A 129 -12.63 -10.99 14.64
C PHE A 129 -13.48 -9.72 14.75
N CYS A 130 -13.41 -9.07 15.91
CA CYS A 130 -14.11 -7.82 16.12
C CYS A 130 -13.19 -6.70 16.54
N SER A 131 -13.54 -5.50 16.11
CA SER A 131 -12.89 -4.27 16.52
C SER A 131 -13.86 -3.15 16.17
N ILE A 132 -13.76 -2.06 16.94
CA ILE A 132 -14.40 -0.82 16.61
C ILE A 132 -13.75 -0.23 15.37
N SER A 133 -12.47 -0.54 15.15
CA SER A 133 -11.61 0.25 14.24
C SER A 133 -10.98 -0.52 13.09
N GLY A 134 -10.52 0.21 12.08
CA GLY A 134 -9.70 -0.40 11.01
C GLY A 134 -10.49 -0.83 9.78
N ILE A 135 -11.51 -0.04 9.46
CA ILE A 135 -12.34 -0.27 8.30
C ILE A 135 -11.57 0.03 7.02
N ASP A 136 -11.57 -0.96 6.12
CA ASP A 136 -10.90 -0.99 4.79
C ASP A 136 -11.41 -2.25 4.04
N MET A 137 -11.21 -2.32 2.73
CA MET A 137 -11.58 -3.53 1.94
C MET A 137 -10.40 -3.93 1.05
N PRO A 138 -9.86 -5.14 1.24
CA PRO A 138 -10.32 -6.15 2.21
C PRO A 138 -10.14 -5.60 3.61
N GLY A 139 -10.76 -6.24 4.61
CA GLY A 139 -10.72 -5.73 5.99
C GLY A 139 -9.68 -6.31 6.92
N ALA A 140 -9.88 -6.09 8.22
CA ALA A 140 -8.89 -6.49 9.22
C ALA A 140 -8.82 -8.01 9.41
N ASP A 141 -9.92 -8.71 9.08
CA ASP A 141 -9.91 -10.18 9.12
C ASP A 141 -8.88 -10.71 8.11
N TYR A 142 -8.94 -10.17 6.89
CA TYR A 142 -8.03 -10.55 5.85
C TYR A 142 -6.56 -10.36 6.25
N ARG A 143 -6.27 -9.18 6.81
CA ARG A 143 -4.90 -8.83 7.16
C ARG A 143 -4.40 -9.76 8.27
N LEU A 144 -5.27 -10.03 9.24
CA LEU A 144 -4.89 -10.84 10.40
C LEU A 144 -4.64 -12.29 9.99
N ALA A 145 -5.59 -12.89 9.27
CA ALA A 145 -5.40 -14.21 8.63
C ALA A 145 -4.06 -14.33 7.92
N THR A 146 -3.69 -13.28 7.20
CA THR A 146 -2.44 -13.23 6.44
C THR A 146 -1.20 -13.10 7.31
N LEU A 147 -1.22 -12.19 8.30
CA LEU A 147 -0.09 -12.08 9.21
C LEU A 147 0.23 -13.42 9.87
N LEU A 148 -0.79 -14.04 10.46
CA LEU A 148 -0.69 -15.37 11.07
C LEU A 148 -0.36 -16.56 10.11
N GLY A 149 -0.56 -16.36 8.82
CA GLY A 149 -0.32 -17.40 7.84
C GLY A 149 -1.30 -18.53 7.95
N LEU A 150 -2.57 -18.17 8.19
CA LEU A 150 -3.68 -19.12 8.20
C LEU A 150 -3.92 -19.71 6.81
N PRO A 151 -4.49 -20.95 6.71
CA PRO A 151 -4.81 -21.49 5.38
C PRO A 151 -5.87 -20.62 4.69
N LEU A 152 -5.86 -20.59 3.37
CA LEU A 152 -6.72 -19.68 2.63
C LEU A 152 -8.18 -20.09 2.71
N THR A 153 -8.43 -21.32 3.16
CA THR A 153 -9.77 -21.89 3.14
C THR A 153 -10.51 -21.56 4.44
N VAL A 154 -9.86 -20.84 5.34
CA VAL A 154 -10.41 -20.45 6.65
C VAL A 154 -11.61 -19.50 6.49
N ASN A 155 -12.73 -19.85 7.13
CA ASN A 155 -13.91 -18.99 7.09
C ASN A 155 -13.68 -17.80 8.01
N ARG A 156 -13.70 -16.63 7.40
CA ARG A 156 -13.40 -15.40 8.07
C ARG A 156 -14.67 -14.59 8.23
N LEU A 157 -14.80 -13.97 9.40
CA LEU A 157 -15.87 -13.02 9.65
C LEU A 157 -15.33 -11.85 10.47
N MET A 158 -15.52 -10.66 9.94
CA MET A 158 -15.14 -9.41 10.61
C MET A 158 -16.37 -8.72 11.15
N ILE A 159 -16.33 -8.35 12.43
CA ILE A 159 -17.39 -7.54 13.02
C ILE A 159 -16.84 -6.18 13.42
N TYR A 160 -17.09 -5.17 12.62
CA TYR A 160 -16.64 -3.79 12.87
C TYR A 160 -17.60 -2.90 13.71
N SER A 161 -17.03 -2.05 14.55
CA SER A 161 -17.74 -0.89 15.11
C SER A 161 -18.91 -1.21 16.03
N GLN A 162 -18.86 -2.34 16.73
CA GLN A 162 -19.78 -2.71 17.81
C GLN A 162 -18.99 -2.51 19.05
N ALA A 163 -19.60 -2.15 20.15
CA ALA A 163 -18.69 -1.69 21.20
C ALA A 163 -18.28 -2.78 22.16
N CYS A 164 -18.37 -2.47 23.46
CA CYS A 164 -17.72 -3.24 24.50
C CYS A 164 -18.31 -4.65 24.57
N HIS A 165 -19.58 -4.79 24.20
CA HIS A 165 -20.28 -6.05 24.38
C HIS A 165 -19.94 -7.08 23.33
N MET A 166 -19.20 -6.65 22.32
CA MET A 166 -18.91 -7.50 21.19
C MET A 166 -17.97 -8.64 21.58
N GLY A 167 -17.16 -8.41 22.61
CA GLY A 167 -16.25 -9.43 23.08
C GLY A 167 -17.07 -10.62 23.47
N ALA A 168 -18.06 -10.39 24.32
CA ALA A 168 -18.92 -11.47 24.75
C ALA A 168 -19.69 -12.06 23.58
N ALA A 169 -20.19 -11.20 22.69
CA ALA A 169 -21.02 -11.63 21.56
C ALA A 169 -20.24 -12.62 20.67
N MET A 170 -18.97 -12.37 20.47
CA MET A 170 -18.15 -13.33 19.72
C MET A 170 -18.21 -14.74 20.28
N LEU A 171 -18.27 -14.87 21.60
CA LEU A 171 -18.47 -16.21 22.17
C LEU A 171 -19.78 -16.81 21.71
N ARG A 172 -20.81 -15.95 21.62
CA ARG A 172 -22.12 -16.36 21.20
C ARG A 172 -22.10 -16.94 19.78
N ILE A 173 -21.36 -16.29 18.88
CA ILE A 173 -21.20 -16.79 17.52
C ILE A 173 -20.31 -18.05 17.47
N ALA A 174 -19.12 -17.95 18.04
CA ALA A 174 -18.23 -19.09 18.11
C ALA A 174 -18.93 -20.37 18.62
N LYS A 175 -19.82 -20.22 19.62
CA LYS A 175 -20.59 -21.37 20.12
C LYS A 175 -21.27 -22.15 19.00
N ASP A 176 -22.01 -21.45 18.15
CA ASP A 176 -22.74 -22.10 17.08
C ASP A 176 -21.79 -22.66 16.01
N LEU A 177 -20.74 -21.90 15.64
CA LEU A 177 -19.79 -22.43 14.62
C LEU A 177 -19.10 -23.70 15.11
N ALA A 178 -18.61 -23.67 16.35
CA ALA A 178 -17.94 -24.83 16.92
C ALA A 178 -18.87 -26.04 17.01
N GLU A 179 -20.12 -25.83 17.44
CA GLU A 179 -21.02 -26.95 17.75
C GLU A 179 -21.66 -27.60 16.52
N ASN A 180 -21.89 -26.80 15.47
CA ASN A 180 -22.61 -27.28 14.31
C ASN A 180 -21.73 -27.91 13.22
N ASN A 181 -20.42 -27.94 13.48
CA ASN A 181 -19.42 -28.44 12.51
C ASN A 181 -18.39 -29.34 13.15
N ARG A 182 -18.49 -30.64 12.88
CA ARG A 182 -17.57 -31.63 13.44
C ARG A 182 -16.15 -31.17 13.08
N GLY A 183 -15.26 -31.08 14.08
CA GLY A 183 -13.86 -30.72 13.84
C GLY A 183 -13.50 -29.23 13.80
N ALA A 184 -14.50 -28.35 13.75
CA ALA A 184 -14.22 -26.92 13.70
C ALA A 184 -13.40 -26.41 14.91
N ARG A 185 -12.44 -25.54 14.62
CA ARG A 185 -11.65 -24.91 15.65
C ARG A 185 -11.67 -23.44 15.34
N VAL A 186 -12.41 -22.69 16.14
CA VAL A 186 -12.62 -21.27 15.89
C VAL A 186 -11.59 -20.37 16.61
N LEU A 187 -10.85 -19.55 15.84
CA LEU A 187 -10.07 -18.44 16.40
C LEU A 187 -10.96 -17.19 16.51
N VAL A 188 -11.13 -16.74 17.75
CA VAL A 188 -11.96 -15.59 18.09
C VAL A 188 -11.02 -14.51 18.58
N VAL A 189 -11.17 -13.28 18.08
CA VAL A 189 -10.22 -12.24 18.44
C VAL A 189 -10.91 -10.88 18.55
N ALA A 190 -10.60 -10.20 19.67
CA ALA A 190 -10.99 -8.81 19.94
C ALA A 190 -9.73 -7.97 20.06
N CYS A 191 -9.73 -6.85 19.36
CA CYS A 191 -8.61 -5.92 19.45
C CYS A 191 -9.19 -4.54 19.41
N GLU A 192 -8.75 -3.68 20.33
CA GLU A 192 -9.13 -2.28 20.23
C GLU A 192 -7.92 -1.37 20.39
N ILE A 193 -7.90 -0.31 19.59
CA ILE A 193 -6.87 0.73 19.68
C ILE A 193 -7.58 2.09 19.64
N THR A 194 -7.35 2.90 20.67
CA THR A 194 -8.12 4.12 20.91
C THR A 194 -7.76 5.31 20.03
N VAL A 195 -7.00 5.07 18.96
CA VAL A 195 -6.58 6.13 18.07
C VAL A 195 -7.71 6.90 17.38
N LEU A 196 -8.83 6.25 17.11
CA LEU A 196 -9.99 6.91 16.48
C LEU A 196 -10.82 7.78 17.42
N SER A 197 -10.66 7.58 18.73
CA SER A 197 -11.42 8.38 19.73
C SER A 197 -10.56 9.34 20.56
N PHE A 198 -9.24 9.15 20.53
CA PHE A 198 -8.32 10.08 21.18
C PHE A 198 -8.39 11.50 20.60
N ARG A 199 -8.36 12.50 21.47
CA ARG A 199 -8.40 13.89 21.03
C ARG A 199 -8.13 14.86 22.17
N GLY A 200 -7.75 16.08 21.83
CA GLY A 200 -7.50 17.10 22.83
C GLY A 200 -8.72 17.56 23.60
N PRO A 201 -8.49 18.26 24.73
CA PRO A 201 -9.54 18.60 25.67
C PRO A 201 -10.26 19.88 25.30
N ASN A 202 -11.53 19.93 25.65
CA ASN A 202 -12.40 21.04 25.35
C ASN A 202 -13.03 21.52 26.66
N GLU A 203 -12.82 22.79 26.99
CA GLU A 203 -13.38 23.32 28.24
C GLU A 203 -14.93 23.27 28.36
N GLY A 204 -15.65 23.19 27.24
CA GLY A 204 -17.11 23.09 27.31
C GLY A 204 -17.66 21.65 27.29
N ASP A 205 -16.79 20.67 27.57
CA ASP A 205 -17.07 19.24 27.37
C ASP A 205 -16.20 18.43 28.33
N PHE A 206 -16.25 18.85 29.58
CA PHE A 206 -15.50 18.20 30.62
C PHE A 206 -15.89 16.71 30.77
N GLU A 207 -17.19 16.44 30.74
CA GLU A 207 -17.66 15.06 30.86
C GLU A 207 -17.01 14.15 29.80
N ALA A 208 -17.02 14.55 28.53
CA ALA A 208 -16.40 13.74 27.47
C ALA A 208 -14.93 13.34 27.74
N LEU A 209 -14.28 13.97 28.71
CA LEU A 209 -12.92 13.62 29.07
C LEU A 209 -12.83 12.26 29.74
N ALA A 210 -13.99 11.75 30.19
CA ALA A 210 -14.07 10.41 30.79
C ALA A 210 -13.49 9.34 29.83
N PHE A 211 -13.62 9.56 28.53
CA PHE A 211 -13.04 8.67 27.57
C PHE A 211 -11.55 8.86 27.33
N GLN A 212 -10.98 9.97 27.81
CA GLN A 212 -9.56 10.14 27.68
C GLN A 212 -8.88 9.58 28.93
N ALA A 213 -9.62 9.54 30.03
CA ALA A 213 -9.10 8.99 31.25
C ALA A 213 -9.32 7.49 31.31
N GLY A 214 -10.46 7.02 30.79
CA GLY A 214 -10.88 5.62 31.03
C GLY A 214 -10.53 4.50 30.04
N PHE A 215 -10.25 4.82 28.78
CA PHE A 215 -10.07 3.82 27.74
C PHE A 215 -8.60 3.51 27.54
N GLY A 216 -8.28 2.23 27.37
CA GLY A 216 -6.93 1.83 26.96
C GLY A 216 -6.98 0.90 25.78
N ASP A 217 -5.83 0.38 25.34
CA ASP A 217 -5.79 -0.52 24.18
C ASP A 217 -5.43 -1.95 24.59
N GLY A 218 -5.81 -2.91 23.75
CA GLY A 218 -5.51 -4.28 24.03
C GLY A 218 -6.22 -5.25 23.12
N ALA A 219 -5.69 -6.47 23.07
CA ALA A 219 -6.31 -7.49 22.24
C ALA A 219 -6.51 -8.77 23.06
N GLY A 220 -7.60 -9.48 22.81
CA GLY A 220 -7.79 -10.76 23.47
C GLY A 220 -8.13 -11.81 22.43
N ALA A 221 -7.58 -13.02 22.58
CA ALA A 221 -7.90 -14.11 21.66
C ALA A 221 -8.25 -15.41 22.39
N VAL A 222 -9.08 -16.27 21.79
CA VAL A 222 -9.32 -17.62 22.30
C VAL A 222 -9.44 -18.57 21.16
N VAL A 223 -9.22 -19.86 21.42
CA VAL A 223 -9.53 -20.94 20.49
C VAL A 223 -10.75 -21.67 21.07
N VAL A 224 -11.86 -21.65 20.33
CA VAL A 224 -13.08 -22.37 20.70
C VAL A 224 -13.28 -23.61 19.80
N GLY A 225 -13.65 -24.72 20.42
CA GLY A 225 -14.11 -25.90 19.70
C GLY A 225 -14.89 -26.89 20.52
N ALA A 226 -15.75 -27.65 19.85
CA ALA A 226 -16.40 -28.81 20.44
C ALA A 226 -15.51 -30.09 20.34
N ASP A 227 -15.87 -31.12 21.10
CA ASP A 227 -15.22 -32.45 21.07
C ASP A 227 -13.70 -32.44 21.28
N PRO A 228 -13.25 -31.88 22.41
CA PRO A 228 -11.78 -31.79 22.63
C PRO A 228 -11.01 -33.13 22.38
N LEU A 229 -9.89 -33.10 21.65
CA LEU A 229 -9.05 -34.29 21.53
C LEU A 229 -8.57 -34.75 22.91
N GLU A 230 -8.83 -36.02 23.23
CA GLU A 230 -8.47 -36.56 24.53
C GLU A 230 -6.95 -36.56 24.71
N GLY A 231 -6.49 -35.89 25.77
CA GLY A 231 -5.06 -35.83 26.10
C GLY A 231 -4.19 -34.93 25.25
N ILE A 232 -4.80 -34.07 24.43
CA ILE A 232 -4.08 -33.09 23.62
C ILE A 232 -4.68 -31.70 23.80
N GLU A 233 -6.00 -31.60 23.92
CA GLU A 233 -6.67 -30.33 24.14
C GLU A 233 -7.30 -30.33 25.52
N LYS A 234 -6.88 -29.38 26.37
CA LYS A 234 -7.43 -29.31 27.72
C LYS A 234 -8.34 -28.08 27.79
N PRO A 235 -9.67 -28.28 27.84
CA PRO A 235 -10.60 -27.12 27.97
C PRO A 235 -10.50 -26.37 29.29
N ILE A 236 -10.49 -25.04 29.21
CA ILE A 236 -10.60 -24.14 30.36
C ILE A 236 -12.06 -23.89 30.81
N TYR A 237 -12.98 -23.76 29.84
CA TYR A 237 -14.44 -23.60 30.12
C TYR A 237 -15.32 -24.24 29.04
N GLU A 238 -16.59 -24.50 29.37
CA GLU A 238 -17.58 -24.95 28.39
C GLU A 238 -18.59 -23.81 28.24
N ILE A 239 -18.90 -23.41 27.01
CA ILE A 239 -19.97 -22.44 26.83
C ILE A 239 -21.27 -23.21 26.93
N ALA A 240 -22.04 -22.98 27.97
CA ALA A 240 -23.29 -23.71 28.08
C ALA A 240 -24.47 -23.03 27.35
N ALA A 241 -24.54 -21.71 27.42
CA ALA A 241 -25.60 -20.94 26.73
C ALA A 241 -25.09 -19.53 26.49
N ALA A 242 -25.52 -18.92 25.40
CA ALA A 242 -25.06 -17.58 25.11
C ALA A 242 -26.23 -16.85 24.53
N MET A 243 -26.52 -15.64 25.03
CA MET A 243 -27.67 -14.88 24.51
C MET A 243 -27.54 -13.38 24.66
N GLN A 244 -28.34 -12.66 23.91
CA GLN A 244 -28.28 -11.24 23.95
C GLN A 244 -29.67 -10.80 24.24
N GLU A 245 -29.79 -9.71 24.98
CA GLU A 245 -31.01 -8.93 24.97
C GLU A 245 -30.81 -7.41 25.07
N THR A 246 -31.84 -6.67 24.70
CA THR A 246 -31.82 -5.24 24.58
C THR A 246 -32.78 -4.64 25.61
N VAL A 247 -32.33 -3.59 26.31
CA VAL A 247 -33.15 -2.88 27.31
C VAL A 247 -34.05 -1.87 26.60
N ALA A 248 -35.36 -1.95 26.84
CA ALA A 248 -36.27 -1.04 26.14
C ALA A 248 -35.86 0.40 26.43
N GLU A 249 -35.99 1.27 25.44
CA GLU A 249 -35.89 2.72 25.66
C GLU A 249 -34.65 3.19 26.44
N SER A 250 -33.48 2.65 26.06
CA SER A 250 -32.21 3.04 26.62
C SER A 250 -31.15 3.32 25.55
N GLN A 251 -31.57 3.64 24.34
CA GLN A 251 -30.63 4.01 23.28
C GLN A 251 -29.77 5.20 23.65
N GLY A 252 -30.31 6.16 24.41
CA GLY A 252 -29.56 7.33 24.82
C GLY A 252 -28.61 7.12 26.00
N ALA A 253 -28.55 5.91 26.53
CA ALA A 253 -27.83 5.65 27.77
C ALA A 253 -26.33 5.63 27.55
N VAL A 254 -25.92 5.08 26.42
CA VAL A 254 -24.52 5.06 26.07
C VAL A 254 -24.47 4.85 24.55
N GLY A 255 -23.49 5.43 23.88
CA GLY A 255 -23.33 5.18 22.45
C GLY A 255 -22.31 6.14 21.84
N GLY A 256 -22.26 6.21 20.51
CA GLY A 256 -21.36 7.13 19.82
C GLY A 256 -21.70 7.41 18.37
N HIS A 257 -20.95 8.34 17.78
CA HIS A 257 -21.06 8.67 16.36
C HIS A 257 -19.70 8.71 15.71
N LEU A 258 -19.62 8.17 14.49
CA LEU A 258 -18.43 8.19 13.66
C LEU A 258 -18.57 9.32 12.69
N ARG A 259 -17.75 10.34 12.85
CA ARG A 259 -17.88 11.55 12.02
C ARG A 259 -16.53 11.92 11.44
N ALA A 260 -16.46 13.04 10.75
CA ALA A 260 -15.16 13.53 10.24
C ALA A 260 -14.06 13.67 11.31
N PHE A 261 -14.43 13.85 12.58
CA PHE A 261 -13.42 14.05 13.60
C PHE A 261 -13.02 12.74 14.31
N GLY A 262 -13.54 11.62 13.81
CA GLY A 262 -13.38 10.30 14.43
C GLY A 262 -14.62 9.91 15.24
N TRP A 263 -14.43 9.05 16.22
CA TRP A 263 -15.49 8.60 17.14
C TRP A 263 -15.64 9.58 18.31
N THR A 264 -16.88 9.94 18.61
CA THR A 264 -17.24 10.67 19.83
C THR A 264 -18.15 9.71 20.58
N PHE A 265 -17.98 9.59 21.90
CA PHE A 265 -18.90 8.76 22.71
C PHE A 265 -19.68 9.59 23.73
N TYR A 266 -20.84 9.08 24.13
CA TYR A 266 -21.74 9.77 25.04
C TYR A 266 -22.29 8.74 26.03
N PHE A 267 -22.70 9.19 27.21
CA PHE A 267 -23.26 8.32 28.24
C PHE A 267 -24.08 9.25 29.14
N LEU A 268 -25.13 8.72 29.78
CA LEU A 268 -25.82 9.43 30.85
C LEU A 268 -25.19 9.06 32.18
N ASN A 269 -25.29 9.96 33.18
CA ASN A 269 -24.77 9.73 34.55
C ASN A 269 -25.36 8.49 35.26
N GLN A 270 -26.61 8.18 34.93
CA GLN A 270 -27.30 7.03 35.47
C GLN A 270 -26.95 5.69 34.80
N LEU A 271 -26.05 5.70 33.82
CA LEU A 271 -25.65 4.44 33.18
C LEU A 271 -25.29 3.30 34.15
N PRO A 272 -24.63 3.61 35.29
CA PRO A 272 -24.44 2.45 36.16
C PRO A 272 -25.75 1.85 36.66
N ALA A 273 -26.62 2.69 37.21
CA ALA A 273 -27.98 2.27 37.62
C ALA A 273 -28.73 1.58 36.46
N ILE A 274 -28.66 2.13 35.25
CA ILE A 274 -29.41 1.53 34.12
C ILE A 274 -28.94 0.09 33.84
N ILE A 275 -27.63 -0.12 33.85
CA ILE A 275 -27.07 -1.44 33.62
C ILE A 275 -27.44 -2.36 34.76
N ALA A 276 -27.23 -1.91 36.00
CA ALA A 276 -27.40 -2.77 37.17
C ALA A 276 -28.85 -3.23 37.32
N ASP A 277 -29.76 -2.31 37.05
CA ASP A 277 -31.16 -2.52 37.31
C ASP A 277 -31.80 -3.43 36.26
N ASN A 278 -31.11 -3.66 35.14
CA ASN A 278 -31.69 -4.44 34.06
C ASN A 278 -30.99 -5.76 33.78
N LEU A 279 -30.13 -6.15 34.70
CA LEU A 279 -29.32 -7.33 34.55
C LEU A 279 -30.11 -8.57 34.97
N GLY A 280 -30.93 -8.37 36.00
CA GLY A 280 -31.67 -9.43 36.69
C GLY A 280 -32.59 -10.24 35.79
N ARG A 281 -33.31 -9.57 34.91
CA ARG A 281 -34.12 -10.25 33.91
C ARG A 281 -33.24 -11.19 33.08
N SER A 282 -32.12 -10.67 32.57
CA SER A 282 -31.20 -11.48 31.75
C SER A 282 -30.68 -12.70 32.48
N LEU A 283 -30.12 -12.47 33.65
CA LEU A 283 -29.44 -13.56 34.34
C LEU A 283 -30.45 -14.62 34.79
N GLU A 284 -31.67 -14.19 35.09
CA GLU A 284 -32.76 -15.08 35.43
C GLU A 284 -32.95 -16.11 34.31
N ARG A 285 -33.19 -15.59 33.10
CA ARG A 285 -33.43 -16.41 31.90
C ARG A 285 -32.29 -17.39 31.62
N ALA A 286 -31.09 -17.01 32.04
CA ALA A 286 -29.89 -17.78 31.77
C ALA A 286 -29.60 -18.86 32.83
N LEU A 287 -29.98 -18.60 34.09
CA LEU A 287 -29.51 -19.41 35.20
C LEU A 287 -30.58 -20.22 35.95
N ALA A 288 -31.84 -19.77 35.90
CA ALA A 288 -32.93 -20.53 36.51
C ALA A 288 -32.95 -22.00 36.06
N PRO A 289 -32.90 -22.27 34.72
CA PRO A 289 -32.83 -23.66 34.22
C PRO A 289 -31.82 -24.55 34.95
N LEU A 290 -30.77 -23.95 35.52
CA LEU A 290 -29.75 -24.70 36.23
C LEU A 290 -30.13 -24.83 37.69
N GLY A 291 -31.20 -24.15 38.10
CA GLY A 291 -31.60 -24.15 39.50
C GLY A 291 -30.64 -23.48 40.48
N VAL A 292 -29.85 -22.50 40.00
CA VAL A 292 -29.12 -21.64 40.94
C VAL A 292 -30.15 -20.71 41.61
N ARG A 293 -29.94 -20.39 42.88
CA ARG A 293 -30.90 -19.49 43.53
C ARG A 293 -30.30 -18.19 44.07
N GLU A 294 -28.98 -18.09 44.12
CA GLU A 294 -28.34 -16.87 44.61
C GLU A 294 -27.29 -16.39 43.62
N TRP A 295 -27.16 -15.09 43.45
CA TRP A 295 -26.22 -14.58 42.46
C TRP A 295 -24.78 -14.93 42.86
N ASN A 296 -24.59 -15.21 44.15
CA ASN A 296 -23.28 -15.62 44.70
C ASN A 296 -23.03 -17.11 44.54
N ASP A 297 -23.95 -17.80 43.90
CA ASP A 297 -23.76 -19.21 43.63
C ASP A 297 -22.91 -19.45 42.39
N VAL A 298 -22.78 -18.43 41.53
CA VAL A 298 -22.02 -18.55 40.29
C VAL A 298 -20.80 -17.65 40.26
N PHE A 299 -19.83 -17.96 39.39
CA PHE A 299 -18.71 -17.06 39.24
C PHE A 299 -19.01 -16.01 38.18
N TRP A 300 -18.22 -14.94 38.15
CA TRP A 300 -18.52 -13.80 37.30
C TRP A 300 -17.31 -13.39 36.49
N VAL A 301 -17.40 -13.44 35.16
CA VAL A 301 -16.41 -12.79 34.28
C VAL A 301 -17.08 -11.54 33.68
N ALA A 302 -16.96 -10.42 34.40
CA ALA A 302 -17.64 -9.19 34.02
C ALA A 302 -16.78 -8.26 33.18
N HIS A 303 -17.38 -7.66 32.16
CA HIS A 303 -16.72 -6.60 31.44
C HIS A 303 -16.90 -5.41 32.35
N PRO A 304 -15.81 -4.70 32.72
CA PRO A 304 -15.97 -3.64 33.73
C PRO A 304 -16.70 -2.37 33.28
N GLY A 305 -16.37 -1.81 32.13
CA GLY A 305 -17.05 -0.62 31.71
C GLY A 305 -16.39 0.55 32.42
N ASN A 306 -16.69 0.71 33.71
CA ASN A 306 -15.90 1.58 34.61
C ASN A 306 -16.22 1.17 36.04
N TRP A 307 -15.60 1.87 37.00
CA TRP A 307 -15.66 1.53 38.42
C TRP A 307 -17.08 1.65 38.98
N ALA A 308 -17.77 2.70 38.55
CA ALA A 308 -19.14 2.96 38.97
C ALA A 308 -20.01 1.80 38.52
N ILE A 309 -19.78 1.35 37.28
CA ILE A 309 -20.55 0.23 36.76
C ILE A 309 -20.36 -1.04 37.59
N ILE A 310 -19.09 -1.41 37.85
CA ILE A 310 -18.82 -2.56 38.68
C ILE A 310 -19.51 -2.39 40.02
N ASP A 311 -19.36 -1.21 40.61
CA ASP A 311 -20.04 -0.84 41.87
C ASP A 311 -21.56 -1.09 41.87
N ALA A 312 -22.26 -0.50 40.92
CA ALA A 312 -23.72 -0.56 40.84
C ALA A 312 -24.16 -2.01 40.61
N ILE A 313 -23.40 -2.77 39.81
CA ILE A 313 -23.73 -4.19 39.67
C ILE A 313 -23.49 -4.93 40.98
N GLU A 314 -22.42 -4.58 41.68
CA GLU A 314 -22.10 -5.30 42.89
C GLU A 314 -23.16 -5.01 43.93
N ALA A 315 -23.55 -3.75 44.06
CA ALA A 315 -24.59 -3.37 45.02
C ALA A 315 -25.96 -3.99 44.70
N LYS A 316 -26.37 -3.94 43.43
CA LYS A 316 -27.73 -4.38 43.08
C LYS A 316 -27.89 -5.88 43.22
N LEU A 317 -26.92 -6.64 42.74
CA LEU A 317 -27.00 -8.09 42.92
C LEU A 317 -26.59 -8.59 44.31
N GLN A 318 -26.12 -7.70 45.18
CA GLN A 318 -25.65 -8.09 46.51
C GLN A 318 -24.48 -9.10 46.43
N LEU A 319 -23.56 -8.91 45.48
CA LEU A 319 -22.42 -9.79 45.29
C LEU A 319 -21.38 -9.52 46.37
N SER A 320 -20.83 -10.56 46.97
CA SER A 320 -19.66 -10.38 47.83
C SER A 320 -18.50 -9.81 46.99
N PRO A 321 -17.61 -9.02 47.60
CA PRO A 321 -16.55 -8.36 46.80
C PRO A 321 -15.65 -9.29 45.96
N ASP A 322 -15.58 -10.58 46.27
CA ASP A 322 -14.75 -11.49 45.45
C ASP A 322 -15.24 -11.70 43.99
N LYS A 323 -16.54 -11.59 43.81
CA LYS A 323 -17.16 -11.89 42.53
C LYS A 323 -16.57 -11.11 41.41
N LEU A 324 -16.46 -9.80 41.58
CA LEU A 324 -16.02 -8.87 40.53
C LEU A 324 -14.58 -8.39 40.77
N SER A 325 -13.89 -9.01 41.73
CA SER A 325 -12.53 -8.58 42.00
C SER A 325 -11.61 -8.68 40.76
N THR A 326 -11.84 -9.69 39.92
CA THR A 326 -11.13 -9.85 38.65
C THR A 326 -11.43 -8.77 37.62
N ALA A 327 -12.69 -8.33 37.55
CA ALA A 327 -12.99 -7.19 36.67
C ALA A 327 -12.23 -5.97 37.17
N ARG A 328 -12.29 -5.72 38.49
CA ARG A 328 -11.57 -4.61 39.09
C ARG A 328 -10.05 -4.64 38.85
N HIS A 329 -9.42 -5.81 39.02
CA HIS A 329 -7.99 -5.91 38.81
C HIS A 329 -7.68 -5.48 37.39
N VAL A 330 -8.26 -6.17 36.43
CA VAL A 330 -8.03 -5.90 35.03
C VAL A 330 -8.26 -4.44 34.66
N PHE A 331 -9.39 -3.86 35.11
CA PHE A 331 -9.70 -2.47 34.85
C PHE A 331 -8.67 -1.49 35.44
N THR A 332 -8.29 -1.72 36.69
CA THR A 332 -7.28 -0.89 37.34
C THR A 332 -5.92 -0.98 36.62
N GLU A 333 -5.60 -2.16 36.10
CA GLU A 333 -4.26 -2.38 35.55
C GLU A 333 -4.18 -2.12 34.05
N TYR A 334 -5.30 -1.90 33.37
CA TYR A 334 -5.35 -1.77 31.90
C TYR A 334 -6.44 -0.79 31.39
N GLY A 335 -7.33 -0.36 32.27
CA GLY A 335 -8.49 0.45 31.82
C GLY A 335 -9.49 -0.39 31.04
N ASN A 336 -10.44 0.32 30.47
CA ASN A 336 -11.47 -0.28 29.65
C ASN A 336 -10.90 -0.47 28.24
N MET A 337 -10.64 -1.72 27.88
CA MET A 337 -10.11 -1.96 26.53
C MET A 337 -11.24 -2.36 25.60
N GLN A 338 -12.41 -1.82 25.86
CA GLN A 338 -13.62 -2.16 25.14
C GLN A 338 -13.77 -3.66 24.89
N SER A 339 -14.06 -4.08 23.65
CA SER A 339 -14.47 -5.48 23.45
C SER A 339 -13.45 -6.51 23.95
N ALA A 340 -12.20 -6.10 24.05
CA ALA A 340 -11.15 -7.03 24.46
C ALA A 340 -11.20 -7.36 25.94
N THR A 341 -11.63 -6.41 26.76
CA THR A 341 -11.40 -6.49 28.22
C THR A 341 -11.80 -7.82 28.84
N VAL A 342 -12.96 -8.32 28.40
CA VAL A 342 -13.57 -9.49 29.02
C VAL A 342 -12.67 -10.74 28.88
N TYR A 343 -11.79 -10.72 27.88
CA TYR A 343 -10.87 -11.82 27.70
C TYR A 343 -9.75 -11.75 28.74
N PHE A 344 -9.39 -10.52 29.12
CA PHE A 344 -8.38 -10.30 30.15
C PHE A 344 -8.92 -10.79 31.47
N VAL A 345 -10.17 -10.44 31.74
CA VAL A 345 -10.84 -10.83 32.97
C VAL A 345 -10.92 -12.34 33.03
N MET A 346 -11.31 -12.93 31.90
CA MET A 346 -11.35 -14.37 31.76
C MET A 346 -10.00 -14.95 32.13
N ASP A 347 -8.96 -14.46 31.47
CA ASP A 347 -7.61 -14.97 31.68
C ASP A 347 -7.21 -14.88 33.15
N GLU A 348 -7.43 -13.70 33.73
CA GLU A 348 -7.14 -13.44 35.11
C GLU A 348 -7.92 -14.38 36.07
N LEU A 349 -9.18 -14.66 35.78
CA LEU A 349 -9.93 -15.60 36.64
C LEU A 349 -9.33 -17.03 36.67
N ARG A 350 -8.98 -17.59 35.52
CA ARG A 350 -8.52 -18.99 35.49
C ARG A 350 -7.12 -19.13 36.09
N LYS A 351 -6.28 -18.10 35.94
CA LYS A 351 -4.94 -18.09 36.55
C LYS A 351 -5.01 -18.01 38.11
N ARG A 352 -5.93 -17.18 38.60
CA ARG A 352 -6.10 -17.00 40.04
C ARG A 352 -6.66 -18.24 40.69
N SER A 353 -7.62 -18.86 40.01
CA SER A 353 -8.15 -20.15 40.42
C SER A 353 -7.01 -21.18 40.61
N ALA A 354 -6.02 -21.16 39.72
CA ALA A 354 -4.90 -22.13 39.81
C ALA A 354 -3.93 -21.78 40.95
N VAL A 355 -3.59 -20.50 41.08
CA VAL A 355 -2.67 -20.00 42.10
C VAL A 355 -3.25 -20.12 43.50
N GLU A 356 -4.54 -19.80 43.67
CA GLU A 356 -5.18 -19.89 44.99
C GLU A 356 -5.68 -21.32 45.38
N GLY A 357 -5.36 -22.31 44.55
CA GLY A 357 -5.70 -23.71 44.84
C GLY A 357 -7.19 -24.01 44.85
N ARG A 358 -7.92 -23.43 43.91
CA ARG A 358 -9.36 -23.64 43.81
C ARG A 358 -9.68 -24.94 43.06
N SER A 359 -10.87 -25.49 43.29
CA SER A 359 -11.23 -26.79 42.69
C SER A 359 -11.56 -26.71 41.22
N THR A 360 -11.99 -25.53 40.77
CA THR A 360 -12.29 -25.30 39.35
C THR A 360 -11.63 -24.04 38.79
N THR A 361 -11.71 -23.84 37.49
CA THR A 361 -11.19 -22.61 36.85
C THR A 361 -12.14 -21.43 36.99
N GLY A 362 -13.29 -21.65 37.65
CA GLY A 362 -14.22 -20.58 37.96
C GLY A 362 -14.25 -20.31 39.46
N ASP A 363 -13.06 -20.38 40.10
CA ASP A 363 -12.95 -20.03 41.50
C ASP A 363 -13.72 -21.04 42.39
N GLY A 364 -13.80 -22.30 41.92
CA GLY A 364 -14.34 -23.39 42.74
C GLY A 364 -15.83 -23.64 42.57
N LEU A 365 -16.49 -22.85 41.72
CA LEU A 365 -17.93 -22.96 41.50
C LEU A 365 -18.13 -23.66 40.17
N GLN A 366 -19.28 -24.30 39.99
CA GLN A 366 -19.52 -25.04 38.76
C GLN A 366 -19.86 -24.10 37.63
N TRP A 367 -20.78 -23.17 37.89
CA TRP A 367 -21.38 -22.35 36.85
C TRP A 367 -20.98 -20.87 36.93
N GLY A 368 -20.83 -20.22 35.77
CA GLY A 368 -20.46 -18.82 35.73
C GLY A 368 -21.23 -18.01 34.71
N VAL A 369 -21.24 -16.70 34.90
CA VAL A 369 -21.67 -15.83 33.80
C VAL A 369 -20.55 -14.93 33.34
N LEU A 370 -20.33 -14.96 32.03
CA LEU A 370 -19.53 -13.96 31.34
C LEU A 370 -20.50 -12.90 30.77
N LEU A 371 -20.26 -11.65 31.14
CA LEU A 371 -21.20 -10.57 30.88
C LEU A 371 -20.59 -9.43 30.08
N GLY A 372 -21.16 -9.11 28.92
CA GLY A 372 -20.83 -7.89 28.18
C GLY A 372 -21.98 -6.89 28.09
N PHE A 373 -21.66 -5.60 28.08
CA PHE A 373 -22.67 -4.57 27.86
C PHE A 373 -22.15 -3.40 27.02
N GLY A 374 -23.06 -2.78 26.28
CA GLY A 374 -22.71 -1.71 25.38
C GLY A 374 -23.97 -1.07 24.83
N PRO A 375 -23.80 -0.18 23.82
CA PRO A 375 -24.89 0.63 23.24
C PRO A 375 -26.06 -0.24 22.84
N GLY A 376 -27.25 0.17 23.25
CA GLY A 376 -28.50 -0.54 22.95
C GLY A 376 -29.64 0.07 23.76
N LEU A 377 -29.58 -0.10 25.08
CA LEU A 377 -28.49 -0.82 25.74
C LEU A 377 -28.45 -2.31 25.42
N SER A 378 -27.25 -2.85 25.19
CA SER A 378 -27.08 -4.26 24.84
C SER A 378 -26.43 -5.10 25.95
N ILE A 379 -27.10 -6.18 26.35
CA ILE A 379 -26.54 -7.09 27.33
C ILE A 379 -26.23 -8.47 26.72
N GLU A 380 -25.00 -8.93 26.89
CA GLU A 380 -24.60 -10.21 26.36
C GLU A 380 -24.33 -11.10 27.53
N THR A 381 -25.15 -12.14 27.69
CA THR A 381 -24.91 -13.14 28.72
C THR A 381 -24.42 -14.42 28.06
N VAL A 382 -23.29 -14.91 28.58
CA VAL A 382 -22.72 -16.18 28.16
C VAL A 382 -22.51 -17.05 29.41
N VAL A 383 -23.21 -18.16 29.49
CA VAL A 383 -23.11 -19.06 30.65
C VAL A 383 -21.98 -20.07 30.49
N LEU A 384 -21.08 -20.09 31.47
CA LEU A 384 -19.91 -21.02 31.41
C LEU A 384 -20.02 -22.14 32.41
N ARG A 385 -19.58 -23.33 32.03
CA ARG A 385 -19.25 -24.33 33.04
C ARG A 385 -17.74 -24.31 33.24
N SER A 386 -17.32 -24.31 34.49
CA SER A 386 -15.89 -24.40 34.79
C SER A 386 -15.37 -25.82 34.56
N MET A 387 -14.06 -25.97 34.63
CA MET A 387 -13.40 -27.27 34.49
C MET A 387 -12.56 -27.54 35.72
N PRO A 388 -12.47 -28.83 36.12
CA PRO A 388 -11.74 -29.23 37.34
C PRO A 388 -10.27 -28.81 37.26
N LEU A 389 -9.71 -28.27 38.35
CA LEU A 389 -8.26 -28.11 38.49
C LEU A 389 -7.61 -29.24 39.32
N HIS A 390 -6.64 -29.90 38.70
CA HIS A 390 -5.94 -31.00 39.32
C HIS A 390 -4.57 -30.53 39.79
N HIS A 391 -4.47 -30.25 41.09
CA HIS A 391 -3.22 -29.73 41.65
C HIS A 391 -2.33 -30.88 42.10
N ASN B 3 -25.42 -35.00 30.53
CA ASN B 3 -25.47 -33.72 31.30
C ASN B 3 -25.59 -32.51 30.35
N LEU B 4 -24.43 -32.04 29.88
CA LEU B 4 -24.35 -31.01 28.83
C LEU B 4 -24.27 -31.65 27.42
N HIS B 5 -24.00 -32.96 27.39
CA HIS B 5 -24.22 -33.80 26.20
C HIS B 5 -25.72 -34.06 26.04
N ALA B 6 -26.38 -34.37 27.16
CA ALA B 6 -27.83 -34.48 27.21
C ALA B 6 -28.49 -33.17 26.73
N LEU B 7 -28.28 -32.08 27.47
CA LEU B 7 -28.86 -30.78 27.12
C LEU B 7 -28.54 -30.36 25.68
N ARG B 8 -27.29 -30.60 25.26
CA ARG B 8 -26.89 -30.39 23.89
C ARG B 8 -27.89 -30.97 22.89
N ARG B 9 -28.34 -32.22 23.10
CA ARG B 9 -29.34 -32.85 22.22
C ARG B 9 -30.70 -32.14 22.21
N GLU B 10 -31.07 -31.58 23.36
CA GLU B 10 -32.34 -30.88 23.49
C GLU B 10 -32.32 -29.56 22.77
N GLN B 11 -31.22 -28.81 22.91
CA GLN B 11 -31.04 -27.48 22.30
C GLN B 11 -30.97 -27.47 20.75
N ARG B 12 -30.33 -28.46 20.14
CA ARG B 12 -29.96 -28.38 18.73
C ARG B 12 -31.13 -28.74 17.79
N ALA B 13 -31.10 -28.23 16.58
CA ALA B 13 -32.14 -28.53 15.60
C ALA B 13 -31.85 -29.89 14.94
N GLN B 14 -32.73 -30.38 14.08
CA GLN B 14 -32.52 -31.70 13.47
C GLN B 14 -32.11 -31.64 11.99
N GLY B 15 -32.81 -30.83 11.20
CA GLY B 15 -32.56 -30.80 9.77
C GLY B 15 -31.61 -29.74 9.25
N PRO B 16 -31.51 -29.64 7.95
CA PRO B 16 -30.76 -28.52 7.39
C PRO B 16 -31.53 -27.20 7.54
N ALA B 17 -30.77 -26.11 7.55
CA ALA B 17 -31.30 -24.76 7.47
C ALA B 17 -31.99 -24.61 6.13
N THR B 18 -33.11 -23.92 6.10
CA THR B 18 -33.86 -23.70 4.87
C THR B 18 -34.12 -22.22 4.75
N ILE B 19 -34.09 -21.72 3.53
CA ILE B 19 -34.59 -20.38 3.21
C ILE B 19 -36.12 -20.48 3.07
N MET B 20 -36.83 -19.75 3.91
CA MET B 20 -38.30 -19.86 4.04
C MET B 20 -39.12 -18.80 3.34
N ALA B 21 -38.49 -17.68 3.00
CA ALA B 21 -39.18 -16.51 2.42
C ALA B 21 -38.07 -15.58 1.93
N ILE B 22 -38.40 -14.71 0.96
CA ILE B 22 -37.47 -13.72 0.41
C ILE B 22 -38.29 -12.47 0.08
N GLY B 23 -37.92 -11.33 0.64
CA GLY B 23 -38.50 -10.07 0.21
C GLY B 23 -37.38 -9.13 -0.20
N THR B 24 -37.70 -8.21 -1.11
CA THR B 24 -36.76 -7.21 -1.61
C THR B 24 -37.43 -5.85 -1.73
N ALA B 25 -36.60 -4.80 -1.73
CA ALA B 25 -37.06 -3.39 -1.82
C ALA B 25 -35.99 -2.49 -2.43
N THR B 26 -36.43 -1.39 -3.05
CA THR B 26 -35.53 -0.36 -3.54
C THR B 26 -36.00 1.03 -3.08
N PRO B 27 -35.18 2.07 -3.27
CA PRO B 27 -35.68 3.42 -3.07
C PRO B 27 -36.70 3.77 -4.14
N PRO B 28 -37.54 4.79 -3.88
CA PRO B 28 -38.63 5.11 -4.81
C PRO B 28 -38.18 5.82 -6.08
N ASN B 29 -36.89 6.16 -6.19
CA ASN B 29 -36.45 7.04 -7.29
C ASN B 29 -35.80 6.35 -8.45
N LEU B 30 -36.50 6.39 -9.58
CA LEU B 30 -36.06 5.76 -10.82
C LEU B 30 -35.02 6.60 -11.55
N TYR B 31 -33.88 5.96 -11.84
CA TYR B 31 -32.77 6.57 -12.58
C TYR B 31 -32.49 5.76 -13.82
N GLU B 32 -33.12 6.19 -14.92
CA GLU B 32 -32.90 5.59 -16.23
C GLU B 32 -31.48 5.86 -16.73
N GLN B 33 -30.88 4.84 -17.32
CA GLN B 33 -29.47 4.86 -17.66
C GLN B 33 -29.20 5.59 -18.96
N SER B 34 -30.23 5.73 -19.80
CA SER B 34 -30.08 6.43 -21.05
C SER B 34 -29.85 7.93 -20.80
N THR B 35 -30.48 8.46 -19.74
CA THR B 35 -30.44 9.89 -19.43
C THR B 35 -29.70 10.17 -18.14
N PHE B 36 -29.02 9.16 -17.60
CA PHE B 36 -28.25 9.35 -16.38
C PHE B 36 -27.08 10.30 -16.57
N PRO B 37 -26.32 10.19 -17.71
CA PRO B 37 -25.21 11.14 -17.96
C PRO B 37 -25.65 12.59 -17.87
N ASP B 38 -26.77 12.94 -18.51
CA ASP B 38 -27.40 14.25 -18.37
C ASP B 38 -27.54 14.67 -16.92
N PHE B 39 -28.38 13.96 -16.18
CA PHE B 39 -28.63 14.26 -14.78
C PHE B 39 -27.36 14.34 -13.96
N TYR B 40 -26.43 13.41 -14.20
CA TYR B 40 -25.19 13.35 -13.43
C TYR B 40 -24.20 14.47 -13.73
N PHE B 41 -24.33 15.12 -14.90
CA PHE B 41 -23.47 16.28 -15.21
C PHE B 41 -24.17 17.58 -14.79
N ARG B 42 -25.49 17.64 -14.98
CA ARG B 42 -26.27 18.79 -14.54
C ARG B 42 -26.10 19.08 -13.03
N VAL B 43 -26.30 18.04 -12.21
CA VAL B 43 -26.43 18.24 -10.78
C VAL B 43 -25.07 18.40 -10.06
N THR B 44 -24.00 17.86 -10.64
CA THR B 44 -22.64 18.03 -10.09
C THR B 44 -21.90 19.27 -10.64
N ASN B 45 -22.66 20.19 -11.24
CA ASN B 45 -22.12 21.43 -11.83
C ASN B 45 -20.92 21.17 -12.72
N SER B 46 -21.02 20.11 -13.52
CA SER B 46 -19.94 19.72 -14.41
C SER B 46 -20.37 19.82 -15.89
N ASP B 47 -21.33 20.71 -16.14
CA ASP B 47 -21.84 20.97 -17.50
C ASP B 47 -20.83 21.66 -18.43
N ASP B 48 -20.04 22.58 -17.88
CA ASP B 48 -18.98 23.28 -18.65
C ASP B 48 -17.78 22.37 -19.05
N LYS B 49 -17.92 21.05 -18.83
CA LYS B 49 -17.00 20.05 -19.37
C LYS B 49 -17.80 19.20 -20.34
N GLN B 50 -17.17 18.75 -21.42
CA GLN B 50 -17.91 18.10 -22.52
C GLN B 50 -17.28 16.84 -23.12
N GLU B 51 -15.96 16.79 -23.17
CA GLU B 51 -15.28 15.60 -23.68
C GLU B 51 -15.23 14.46 -22.67
N LEU B 52 -15.36 14.80 -21.38
CA LEU B 52 -15.55 13.76 -20.38
C LEU B 52 -17.02 13.24 -20.49
N LYS B 53 -18.01 14.20 -20.59
CA LYS B 53 -19.46 13.88 -20.69
C LYS B 53 -19.71 12.70 -21.72
N LYS B 54 -18.94 12.67 -22.82
CA LYS B 54 -19.12 11.68 -23.90
C LYS B 54 -18.44 10.37 -23.55
N LYS B 55 -17.33 10.45 -22.79
CA LYS B 55 -16.66 9.25 -22.29
C LYS B 55 -17.59 8.46 -21.37
N PHE B 56 -18.41 9.18 -20.59
CA PHE B 56 -19.27 8.59 -19.56
C PHE B 56 -20.54 7.95 -20.11
N ARG B 57 -21.20 8.67 -21.02
CA ARG B 57 -22.31 8.14 -21.83
C ARG B 57 -21.90 6.81 -22.49
N ARG B 58 -20.64 6.74 -22.95
CA ARG B 58 -20.08 5.52 -23.51
C ARG B 58 -19.89 4.43 -22.44
N MET B 59 -19.53 4.82 -21.21
CA MET B 59 -19.42 3.86 -20.11
C MET B 59 -20.79 3.30 -19.75
N CYS B 60 -21.75 4.21 -19.59
CA CYS B 60 -23.11 3.85 -19.22
C CYS B 60 -23.75 2.94 -20.25
N GLU B 61 -23.38 3.11 -21.50
CA GLU B 61 -23.87 2.23 -22.54
C GLU B 61 -23.27 0.82 -22.42
N LYS B 62 -21.96 0.71 -22.14
CA LYS B 62 -21.30 -0.60 -22.08
C LYS B 62 -21.54 -1.39 -20.78
N THR B 63 -21.96 -0.72 -19.72
CA THR B 63 -22.24 -1.40 -18.44
C THR B 63 -23.33 -2.45 -18.64
N MET B 64 -24.23 -2.16 -19.58
CA MET B 64 -25.46 -2.93 -19.89
C MET B 64 -26.61 -2.71 -18.91
N VAL B 65 -26.43 -1.78 -17.96
CA VAL B 65 -27.47 -1.40 -16.99
C VAL B 65 -28.54 -0.53 -17.66
N LYS B 66 -29.81 -0.81 -17.37
CA LYS B 66 -30.90 0.02 -17.90
C LYS B 66 -31.44 0.97 -16.84
N LYS B 67 -31.42 0.51 -15.59
CA LYS B 67 -32.20 1.11 -14.53
C LYS B 67 -31.51 0.88 -13.21
N ARG B 68 -31.58 1.89 -12.35
CA ARG B 68 -31.21 1.78 -10.94
C ARG B 68 -32.15 2.62 -10.10
N TYR B 69 -32.20 2.32 -8.82
CA TYR B 69 -32.97 3.10 -7.87
C TYR B 69 -32.01 3.65 -6.82
N LEU B 70 -32.08 4.95 -6.60
CA LEU B 70 -31.20 5.63 -5.68
C LEU B 70 -31.99 6.39 -4.66
N HIS B 71 -31.51 6.36 -3.42
CA HIS B 71 -32.04 7.23 -2.36
C HIS B 71 -31.79 8.68 -2.73
N LEU B 72 -30.64 8.92 -3.33
CA LEU B 72 -30.29 10.24 -3.75
C LEU B 72 -31.26 10.87 -4.74
N THR B 73 -31.53 12.15 -4.55
CA THR B 73 -32.29 12.95 -5.52
C THR B 73 -31.53 14.22 -5.79
N GLU B 74 -31.98 14.99 -6.78
CA GLU B 74 -31.42 16.32 -7.03
C GLU B 74 -31.56 17.25 -5.81
N GLU B 75 -32.77 17.28 -5.25
CA GLU B 75 -33.11 18.08 -4.06
C GLU B 75 -32.17 17.86 -2.86
N ILE B 76 -31.83 16.58 -2.59
CA ILE B 76 -30.86 16.23 -1.54
C ILE B 76 -29.49 16.80 -1.85
N LEU B 77 -29.05 16.68 -3.10
CA LEU B 77 -27.77 17.27 -3.51
C LEU B 77 -27.77 18.79 -3.40
N LYS B 78 -28.93 19.42 -3.60
CA LYS B 78 -29.05 20.86 -3.40
C LYS B 78 -28.83 21.21 -1.92
N GLU B 79 -29.51 20.48 -1.03
CA GLU B 79 -29.39 20.69 0.41
C GLU B 79 -28.00 20.37 0.97
N ARG B 80 -27.27 19.49 0.29
CA ARG B 80 -25.97 19.03 0.76
C ARG B 80 -24.90 19.02 -0.35
N PRO B 81 -24.53 20.23 -0.87
CA PRO B 81 -23.61 20.25 -2.02
C PRO B 81 -22.28 19.50 -1.88
N LYS B 82 -21.73 19.38 -0.67
CA LYS B 82 -20.41 18.72 -0.52
C LYS B 82 -20.43 17.28 -1.08
N LEU B 83 -21.65 16.76 -1.27
CA LEU B 83 -21.85 15.38 -1.68
C LEU B 83 -21.45 15.17 -3.13
N CYS B 84 -21.39 16.28 -3.86
CA CYS B 84 -21.05 16.31 -5.26
C CYS B 84 -19.56 16.59 -5.46
N SER B 85 -18.87 16.95 -4.38
CA SER B 85 -17.43 17.21 -4.46
C SER B 85 -16.66 15.93 -4.79
N TYR B 86 -15.59 16.08 -5.56
CA TYR B 86 -14.73 14.96 -5.90
C TYR B 86 -14.06 14.36 -4.66
N LYS B 87 -13.22 15.14 -3.98
CA LYS B 87 -12.39 14.56 -2.93
C LYS B 87 -12.28 15.42 -1.66
N GLU B 88 -13.15 16.43 -1.58
CA GLU B 88 -13.33 17.25 -0.38
C GLU B 88 -13.95 16.44 0.74
N ALA B 89 -13.77 16.91 1.98
CA ALA B 89 -14.42 16.26 3.12
C ALA B 89 -15.95 16.39 2.99
N SER B 90 -16.62 15.25 3.08
CA SER B 90 -18.06 15.20 2.90
C SER B 90 -18.69 14.17 3.83
N PHE B 91 -17.87 13.62 4.72
CA PHE B 91 -18.27 12.45 5.51
C PHE B 91 -19.53 12.68 6.37
N ASP B 92 -19.60 13.84 7.00
CA ASP B 92 -20.68 14.16 7.92
C ASP B 92 -22.02 14.10 7.20
N ASP B 93 -22.11 14.78 6.06
CA ASP B 93 -23.31 14.78 5.25
C ASP B 93 -23.70 13.34 4.87
N ARG B 94 -22.73 12.56 4.42
CA ARG B 94 -22.96 11.20 4.02
C ARG B 94 -23.45 10.35 5.19
N GLN B 95 -22.90 10.61 6.37
CA GLN B 95 -23.26 9.87 7.57
C GLN B 95 -24.68 10.23 8.04
N ASP B 96 -25.01 11.51 7.98
CA ASP B 96 -26.35 12.01 8.27
C ASP B 96 -27.44 11.24 7.52
N ILE B 97 -27.18 10.87 6.27
CA ILE B 97 -28.19 10.15 5.52
C ILE B 97 -28.18 8.64 5.83
N VAL B 98 -26.99 8.03 5.81
CA VAL B 98 -26.91 6.56 5.87
C VAL B 98 -27.32 5.99 7.22
N VAL B 99 -27.07 6.75 8.27
CA VAL B 99 -27.40 6.27 9.59
C VAL B 99 -28.93 6.20 9.67
N GLU B 100 -29.57 7.18 9.05
CA GLU B 100 -31.00 7.24 9.14
C GLU B 100 -31.64 6.25 8.14
N GLU B 101 -31.16 6.25 6.90
CA GLU B 101 -31.86 5.58 5.81
C GLU B 101 -31.60 4.10 5.61
N ILE B 102 -30.39 3.65 5.95
CA ILE B 102 -30.02 2.24 5.77
C ILE B 102 -31.10 1.42 6.46
N PRO B 103 -31.35 1.71 7.76
CA PRO B 103 -32.35 0.88 8.44
C PRO B 103 -33.75 1.01 7.83
N ARG B 104 -34.13 2.21 7.36
CA ARG B 104 -35.49 2.37 6.80
C ARG B 104 -35.72 1.53 5.53
N LEU B 105 -34.77 1.54 4.60
CA LEU B 105 -34.87 0.68 3.43
C LEU B 105 -34.82 -0.83 3.76
N ALA B 106 -34.07 -1.21 4.80
CA ALA B 106 -33.98 -2.63 5.21
C ALA B 106 -35.29 -3.08 5.84
N LYS B 107 -35.93 -2.16 6.56
CA LYS B 107 -37.28 -2.41 7.06
C LYS B 107 -38.23 -2.94 5.98
N GLU B 108 -38.25 -2.28 4.82
CA GLU B 108 -39.15 -2.67 3.74
C GLU B 108 -38.93 -4.12 3.25
N ALA B 109 -37.68 -4.47 2.94
CA ALA B 109 -37.36 -5.84 2.50
C ALA B 109 -37.75 -6.84 3.56
N ALA B 110 -37.40 -6.52 4.81
CA ALA B 110 -37.70 -7.40 5.94
C ALA B 110 -39.20 -7.60 6.15
N GLU B 111 -39.96 -6.51 6.11
CA GLU B 111 -41.42 -6.61 6.21
C GLU B 111 -41.97 -7.53 5.14
N LYS B 112 -41.50 -7.35 3.90
CA LYS B 112 -41.92 -8.24 2.82
C LYS B 112 -41.60 -9.70 3.12
N ALA B 113 -40.36 -10.01 3.50
CA ALA B 113 -40.02 -11.41 3.82
C ALA B 113 -40.92 -12.00 4.91
N ILE B 114 -41.09 -11.24 5.98
CA ILE B 114 -41.89 -11.64 7.11
C ILE B 114 -43.36 -11.87 6.70
N LYS B 115 -43.91 -11.01 5.86
CA LYS B 115 -45.26 -11.21 5.33
C LYS B 115 -45.42 -12.47 4.46
N GLU B 116 -44.44 -12.78 3.62
CA GLU B 116 -44.47 -14.05 2.86
C GLU B 116 -44.48 -15.23 3.82
N TRP B 117 -43.71 -15.08 4.90
CA TRP B 117 -43.47 -16.12 5.85
C TRP B 117 -44.76 -16.34 6.63
N GLY B 118 -45.39 -15.24 6.99
CA GLY B 118 -46.69 -15.27 7.64
C GLY B 118 -46.72 -15.86 9.03
N ARG B 119 -45.70 -15.58 9.82
CA ARG B 119 -45.70 -16.01 11.22
C ARG B 119 -45.40 -14.76 12.08
N PRO B 120 -45.69 -14.81 13.40
CA PRO B 120 -45.48 -13.61 14.18
C PRO B 120 -44.01 -13.28 14.37
N LYS B 121 -43.71 -11.98 14.46
CA LYS B 121 -42.35 -11.48 14.75
C LYS B 121 -41.79 -12.05 16.04
N SER B 122 -42.67 -12.37 16.98
CA SER B 122 -42.24 -12.93 18.25
C SER B 122 -41.51 -14.27 18.09
N GLU B 123 -41.65 -14.92 16.93
CA GLU B 123 -41.05 -16.20 16.70
C GLU B 123 -39.68 -16.06 16.05
N ILE B 124 -39.31 -14.83 15.64
CA ILE B 124 -37.95 -14.54 15.16
C ILE B 124 -36.98 -14.49 16.33
N THR B 125 -35.91 -15.27 16.28
CA THR B 125 -34.97 -15.43 17.40
C THR B 125 -33.58 -14.81 17.15
N HIS B 126 -33.17 -14.72 15.88
CA HIS B 126 -31.92 -14.05 15.50
C HIS B 126 -32.16 -13.00 14.39
N LEU B 127 -31.29 -12.00 14.35
CA LEU B 127 -31.20 -11.10 13.21
C LEU B 127 -29.75 -10.92 12.81
N VAL B 128 -29.45 -11.23 11.55
CA VAL B 128 -28.16 -10.99 10.95
C VAL B 128 -28.34 -10.00 9.80
N PHE B 129 -27.65 -8.87 9.94
CA PHE B 129 -27.84 -7.72 9.09
C PHE B 129 -26.51 -7.15 8.64
N CYS B 130 -26.35 -6.95 7.32
CA CYS B 130 -25.12 -6.34 6.76
C CYS B 130 -25.38 -5.19 5.84
N SER B 131 -24.43 -4.25 5.89
CA SER B 131 -24.38 -3.11 5.00
C SER B 131 -22.95 -2.63 4.97
N ILE B 132 -22.51 -2.10 3.84
CA ILE B 132 -21.33 -1.27 3.75
C ILE B 132 -21.45 -0.05 4.72
N SER B 133 -22.69 0.43 4.90
CA SER B 133 -22.93 1.77 5.41
C SER B 133 -23.77 1.84 6.68
N GLY B 134 -23.83 3.04 7.27
CA GLY B 134 -24.78 3.37 8.32
C GLY B 134 -24.23 3.13 9.71
N ILE B 135 -22.92 3.31 9.87
CA ILE B 135 -22.26 3.10 11.14
C ILE B 135 -22.59 4.17 12.20
N ASP B 136 -23.19 3.71 13.30
CA ASP B 136 -23.49 4.50 14.46
C ASP B 136 -23.48 3.51 15.64
N MET B 137 -23.44 4.04 16.88
CA MET B 137 -23.69 3.21 18.07
C MET B 137 -24.85 3.77 18.92
N PRO B 138 -25.92 2.99 19.12
CA PRO B 138 -26.11 1.61 18.65
C PRO B 138 -26.20 1.49 17.12
N GLY B 139 -26.05 0.27 16.61
CA GLY B 139 -25.97 0.09 15.16
C GLY B 139 -27.26 0.16 14.35
N ALA B 140 -27.10 0.12 13.02
CA ALA B 140 -28.22 -0.10 12.11
C ALA B 140 -29.04 -1.33 12.53
N ASP B 141 -28.36 -2.32 13.13
CA ASP B 141 -29.03 -3.56 13.54
C ASP B 141 -30.04 -3.26 14.60
N TYR B 142 -29.68 -2.35 15.51
CA TYR B 142 -30.56 -1.95 16.59
C TYR B 142 -31.76 -1.18 16.00
N ARG B 143 -31.51 -0.33 15.01
CA ARG B 143 -32.53 0.53 14.46
C ARG B 143 -33.57 -0.29 13.69
N LEU B 144 -33.11 -1.16 12.78
CA LEU B 144 -34.00 -2.09 12.11
C LEU B 144 -34.84 -2.95 13.09
N ALA B 145 -34.17 -3.56 14.08
CA ALA B 145 -34.90 -4.32 15.11
C ALA B 145 -36.08 -3.54 15.72
N THR B 146 -35.80 -2.30 16.13
CA THR B 146 -36.79 -1.41 16.70
C THR B 146 -37.91 -0.99 15.73
N LEU B 147 -37.55 -0.65 14.50
CA LEU B 147 -38.57 -0.25 13.55
C LEU B 147 -39.53 -1.40 13.19
N LEU B 148 -39.03 -2.63 13.25
CA LEU B 148 -39.79 -3.81 12.89
C LEU B 148 -40.64 -4.24 14.07
N GLY B 149 -40.28 -3.76 15.24
CA GLY B 149 -40.90 -4.24 16.47
C GLY B 149 -40.51 -5.64 16.86
N LEU B 150 -39.25 -6.04 16.61
CA LEU B 150 -38.80 -7.37 17.02
C LEU B 150 -38.79 -7.51 18.53
N PRO B 151 -38.82 -8.76 19.05
CA PRO B 151 -38.73 -8.84 20.52
C PRO B 151 -37.39 -8.31 20.99
N LEU B 152 -37.35 -7.75 22.20
CA LEU B 152 -36.13 -7.28 22.79
C LEU B 152 -35.10 -8.39 23.00
N THR B 153 -35.56 -9.65 22.95
CA THR B 153 -34.68 -10.83 23.25
C THR B 153 -34.04 -11.42 22.01
N VAL B 154 -34.33 -10.78 20.87
CA VAL B 154 -33.77 -11.21 19.57
C VAL B 154 -32.27 -11.09 19.61
N ASN B 155 -31.52 -12.12 19.23
CA ASN B 155 -30.06 -12.00 19.25
C ASN B 155 -29.57 -11.36 17.95
N ARG B 156 -29.01 -10.17 18.07
CA ARG B 156 -28.65 -9.40 16.87
C ARG B 156 -27.20 -9.54 16.53
N LEU B 157 -26.92 -9.45 15.24
CA LEU B 157 -25.58 -9.29 14.72
C LEU B 157 -25.57 -8.34 13.52
N MET B 158 -24.92 -7.20 13.69
CA MET B 158 -24.58 -6.33 12.58
C MET B 158 -23.20 -6.62 11.95
N ILE B 159 -23.17 -6.72 10.64
CA ILE B 159 -21.93 -6.78 9.91
C ILE B 159 -21.77 -5.61 8.93
N TYR B 160 -20.97 -4.63 9.34
CA TYR B 160 -20.66 -3.44 8.58
C TYR B 160 -19.49 -3.63 7.60
N SER B 161 -19.60 -2.98 6.44
CA SER B 161 -18.44 -2.62 5.60
C SER B 161 -17.60 -3.78 5.00
N GLN B 162 -18.24 -4.93 4.80
CA GLN B 162 -17.73 -5.98 3.93
C GLN B 162 -18.39 -5.77 2.58
N ALA B 163 -17.77 -6.19 1.50
CA ALA B 163 -18.35 -5.68 0.26
C ALA B 163 -19.46 -6.56 -0.29
N CYS B 164 -19.28 -7.09 -1.49
CA CYS B 164 -20.40 -7.68 -2.19
C CYS B 164 -20.67 -9.13 -1.74
N HIS B 165 -19.61 -9.85 -1.36
CA HIS B 165 -19.72 -11.26 -1.01
C HIS B 165 -20.49 -11.49 0.30
N MET B 166 -20.79 -10.41 1.01
CA MET B 166 -21.41 -10.50 2.34
C MET B 166 -22.85 -11.01 2.29
N GLY B 167 -23.53 -10.79 1.16
CA GLY B 167 -24.88 -11.30 0.98
C GLY B 167 -24.93 -12.81 1.02
N ALA B 168 -23.95 -13.43 0.40
CA ALA B 168 -23.80 -14.87 0.45
C ALA B 168 -23.23 -15.32 1.81
N ALA B 169 -22.35 -14.53 2.39
CA ALA B 169 -21.70 -14.98 3.63
C ALA B 169 -22.70 -15.05 4.75
N MET B 170 -23.74 -14.24 4.69
CA MET B 170 -24.70 -14.26 5.77
C MET B 170 -25.37 -15.61 5.83
N LEU B 171 -25.71 -16.15 4.64
CA LEU B 171 -26.28 -17.49 4.57
C LEU B 171 -25.39 -18.50 5.30
N ARG B 172 -24.08 -18.39 5.08
CA ARG B 172 -23.10 -19.22 5.77
C ARG B 172 -23.20 -19.11 7.30
N ILE B 173 -23.42 -17.91 7.82
CA ILE B 173 -23.62 -17.75 9.26
C ILE B 173 -24.99 -18.25 9.73
N ALA B 174 -26.05 -17.88 9.01
CA ALA B 174 -27.41 -18.23 9.42
C ALA B 174 -27.56 -19.73 9.42
N LYS B 175 -26.90 -20.39 8.46
CA LYS B 175 -26.83 -21.85 8.48
C LYS B 175 -26.50 -22.38 9.88
N ASP B 176 -25.44 -21.87 10.47
CA ASP B 176 -25.02 -22.40 11.76
C ASP B 176 -25.94 -21.99 12.91
N LEU B 177 -26.57 -20.82 12.79
CA LEU B 177 -27.44 -20.36 13.86
C LEU B 177 -28.72 -21.19 13.86
N ALA B 178 -29.28 -21.36 12.66
CA ALA B 178 -30.49 -22.13 12.48
C ALA B 178 -30.26 -23.61 12.80
N GLU B 179 -29.15 -24.16 12.32
CA GLU B 179 -28.93 -25.58 12.56
C GLU B 179 -28.66 -25.96 14.02
N ASN B 180 -28.05 -25.06 14.81
CA ASN B 180 -27.57 -25.41 16.16
C ASN B 180 -28.57 -25.08 17.27
N ASN B 181 -29.72 -24.51 16.89
CA ASN B 181 -30.74 -24.11 17.85
C ASN B 181 -32.13 -24.55 17.46
N ARG B 182 -32.74 -25.41 18.25
CA ARG B 182 -34.12 -25.83 18.04
C ARG B 182 -35.05 -24.62 18.04
N GLY B 183 -35.81 -24.48 16.97
CA GLY B 183 -36.79 -23.42 16.87
C GLY B 183 -36.20 -22.10 16.38
N ALA B 184 -34.88 -22.01 16.22
CA ALA B 184 -34.28 -20.77 15.71
C ALA B 184 -34.98 -20.32 14.41
N ARG B 185 -35.36 -19.06 14.38
CA ARG B 185 -35.81 -18.44 13.16
C ARG B 185 -34.98 -17.17 13.02
N VAL B 186 -34.19 -17.11 11.94
CA VAL B 186 -33.17 -16.07 11.72
C VAL B 186 -33.63 -15.10 10.63
N LEU B 187 -33.78 -13.84 10.98
CA LEU B 187 -34.10 -12.83 9.99
C LEU B 187 -32.76 -12.38 9.37
N VAL B 188 -32.58 -12.66 8.09
CA VAL B 188 -31.33 -12.30 7.44
C VAL B 188 -31.63 -11.12 6.52
N VAL B 189 -30.98 -9.98 6.76
CA VAL B 189 -31.17 -8.81 5.90
C VAL B 189 -29.84 -8.21 5.37
N ALA B 190 -29.87 -7.71 4.12
CA ALA B 190 -28.79 -6.94 3.48
C ALA B 190 -29.35 -5.64 2.88
N CYS B 191 -28.72 -4.51 3.18
CA CYS B 191 -29.19 -3.23 2.65
C CYS B 191 -28.01 -2.39 2.18
N GLU B 192 -28.11 -1.78 1.01
CA GLU B 192 -27.04 -0.93 0.47
C GLU B 192 -27.56 0.34 -0.17
N ILE B 193 -26.91 1.44 0.17
CA ILE B 193 -27.31 2.78 -0.26
C ILE B 193 -26.01 3.47 -0.57
N THR B 194 -25.86 3.98 -1.79
CA THR B 194 -24.56 4.46 -2.33
C THR B 194 -24.21 5.89 -2.03
N VAL B 195 -24.88 6.46 -1.03
CA VAL B 195 -24.61 7.83 -0.58
C VAL B 195 -23.13 8.04 -0.19
N LEU B 196 -22.50 7.05 0.42
CA LEU B 196 -21.09 7.20 0.82
C LEU B 196 -20.14 7.18 -0.37
N SER B 197 -20.56 6.63 -1.52
CA SER B 197 -19.65 6.46 -2.66
C SER B 197 -19.91 7.40 -3.83
N PHE B 198 -21.12 7.93 -3.91
CA PHE B 198 -21.46 8.90 -4.91
C PHE B 198 -20.56 10.13 -4.85
N ARG B 199 -20.09 10.57 -6.01
CA ARG B 199 -19.30 11.80 -6.15
C ARG B 199 -19.22 12.24 -7.61
N GLY B 200 -18.81 13.49 -7.83
CA GLY B 200 -18.59 14.04 -9.18
C GLY B 200 -17.35 13.49 -9.87
N PRO B 201 -17.16 13.85 -11.16
CA PRO B 201 -16.07 13.25 -11.94
C PRO B 201 -14.71 13.95 -11.80
N ASN B 202 -13.63 13.18 -12.00
CA ASN B 202 -12.29 13.71 -12.31
C ASN B 202 -11.67 12.97 -13.50
N GLU B 203 -10.96 13.72 -14.36
CA GLU B 203 -10.41 13.17 -15.60
C GLU B 203 -9.27 12.20 -15.33
N GLY B 204 -8.47 12.50 -14.31
CA GLY B 204 -7.35 11.65 -13.93
C GLY B 204 -7.79 10.38 -13.23
N ASP B 205 -9.08 10.02 -13.37
CA ASP B 205 -9.71 8.85 -12.72
C ASP B 205 -10.87 8.20 -13.50
N PHE B 206 -10.65 6.96 -13.96
CA PHE B 206 -11.63 6.12 -14.70
C PHE B 206 -12.43 5.21 -13.77
N GLU B 207 -11.76 4.71 -12.73
CA GLU B 207 -12.35 3.74 -11.79
C GLU B 207 -13.61 4.31 -11.14
N ALA B 208 -13.45 5.48 -10.52
CA ALA B 208 -14.55 6.15 -9.83
C ALA B 208 -15.76 6.23 -10.77
N LEU B 209 -15.48 6.61 -12.01
CA LEU B 209 -16.49 6.79 -13.03
C LEU B 209 -17.37 5.54 -13.20
N ALA B 210 -16.75 4.36 -13.12
CA ALA B 210 -17.46 3.09 -13.21
C ALA B 210 -18.49 2.86 -12.10
N PHE B 211 -18.20 3.36 -10.90
CA PHE B 211 -19.08 3.15 -9.75
C PHE B 211 -20.23 4.15 -9.73
N GLN B 212 -20.11 5.23 -10.48
CA GLN B 212 -21.25 6.14 -10.66
C GLN B 212 -22.23 5.56 -11.68
N ALA B 213 -21.76 4.59 -12.45
CA ALA B 213 -22.51 4.01 -13.54
C ALA B 213 -23.12 2.67 -13.19
N GLY B 214 -22.36 1.87 -12.43
CA GLY B 214 -22.71 0.47 -12.16
C GLY B 214 -23.52 0.19 -10.92
N PHE B 215 -23.44 1.06 -9.92
CA PHE B 215 -23.90 0.78 -8.56
C PHE B 215 -25.30 1.29 -8.29
N GLY B 216 -26.10 0.52 -7.57
CA GLY B 216 -27.46 0.92 -7.25
C GLY B 216 -27.82 0.63 -5.81
N ASP B 217 -29.03 1.03 -5.43
CA ASP B 217 -29.46 0.83 -4.04
C ASP B 217 -30.48 -0.25 -3.94
N GLY B 218 -30.50 -0.96 -2.82
CA GLY B 218 -31.54 -1.93 -2.54
C GLY B 218 -31.30 -2.77 -1.32
N ALA B 219 -32.26 -3.63 -1.01
CA ALA B 219 -32.18 -4.51 0.15
C ALA B 219 -32.82 -5.85 -0.13
N GLY B 220 -32.31 -6.89 0.50
CA GLY B 220 -32.96 -8.19 0.42
C GLY B 220 -33.09 -8.79 1.79
N ALA B 221 -34.07 -9.65 1.98
CA ALA B 221 -34.29 -10.29 3.27
C ALA B 221 -34.85 -11.67 3.06
N VAL B 222 -34.31 -12.63 3.80
CA VAL B 222 -34.87 -13.96 3.83
C VAL B 222 -35.06 -14.35 5.27
N VAL B 223 -35.87 -15.38 5.51
CA VAL B 223 -36.00 -15.98 6.82
C VAL B 223 -35.41 -17.39 6.73
N VAL B 224 -34.52 -17.72 7.66
CA VAL B 224 -33.84 -19.00 7.66
C VAL B 224 -34.16 -19.76 8.94
N GLY B 225 -34.51 -21.03 8.78
CA GLY B 225 -34.88 -21.88 9.90
C GLY B 225 -34.67 -23.32 9.50
N ALA B 226 -34.28 -24.14 10.47
CA ALA B 226 -34.35 -25.60 10.34
C ALA B 226 -35.65 -26.14 10.95
N ASP B 227 -35.96 -27.39 10.58
CA ASP B 227 -37.16 -28.12 11.01
C ASP B 227 -38.46 -27.35 10.75
N PRO B 228 -38.79 -27.11 9.47
CA PRO B 228 -40.02 -26.38 9.18
C PRO B 228 -41.27 -27.02 9.78
N LEU B 229 -42.17 -26.16 10.28
CA LEU B 229 -43.51 -26.53 10.75
C LEU B 229 -44.32 -27.04 9.62
N GLU B 230 -44.71 -28.32 9.69
CA GLU B 230 -45.36 -29.01 8.57
C GLU B 230 -46.64 -28.28 8.15
N GLY B 231 -46.74 -27.93 6.87
CA GLY B 231 -47.94 -27.28 6.34
C GLY B 231 -48.05 -25.76 6.49
N ILE B 232 -47.14 -25.16 7.27
CA ILE B 232 -47.08 -23.71 7.50
C ILE B 232 -45.84 -23.06 6.88
N GLU B 233 -44.66 -23.61 7.17
CA GLU B 233 -43.43 -23.06 6.60
C GLU B 233 -43.12 -23.84 5.32
N LYS B 234 -42.88 -23.12 4.23
CA LYS B 234 -42.61 -23.75 2.94
C LYS B 234 -41.23 -23.43 2.44
N PRO B 235 -40.27 -24.33 2.73
CA PRO B 235 -38.89 -24.05 2.30
C PRO B 235 -38.78 -23.79 0.79
N ILE B 236 -38.01 -22.79 0.41
CA ILE B 236 -37.75 -22.54 -0.98
C ILE B 236 -36.46 -23.22 -1.37
N TYR B 237 -35.43 -23.14 -0.53
CA TYR B 237 -34.20 -23.91 -0.75
C TYR B 237 -33.71 -24.49 0.57
N GLU B 238 -32.94 -25.57 0.50
CA GLU B 238 -32.21 -26.07 1.68
C GLU B 238 -30.76 -25.66 1.51
N ILE B 239 -30.20 -25.06 2.54
CA ILE B 239 -28.76 -24.83 2.56
C ILE B 239 -28.05 -26.17 2.86
N ALA B 240 -27.33 -26.71 1.89
CA ALA B 240 -26.61 -27.97 2.09
C ALA B 240 -25.20 -27.78 2.67
N ALA B 241 -24.54 -26.71 2.22
CA ALA B 241 -23.16 -26.41 2.55
C ALA B 241 -22.92 -24.95 2.26
N ALA B 242 -22.03 -24.37 3.06
CA ALA B 242 -21.55 -23.02 2.82
C ALA B 242 -20.09 -22.91 3.22
N MET B 243 -19.27 -22.31 2.34
CA MET B 243 -17.85 -22.12 2.62
C MET B 243 -17.29 -20.84 2.01
N GLN B 244 -16.10 -20.49 2.48
CA GLN B 244 -15.42 -19.29 2.06
C GLN B 244 -14.07 -19.68 1.57
N GLU B 245 -13.62 -19.03 0.50
CA GLU B 245 -12.24 -19.22 0.06
C GLU B 245 -11.61 -17.90 -0.34
N THR B 246 -10.32 -17.77 -0.02
CA THR B 246 -9.52 -16.62 -0.42
C THR B 246 -8.48 -17.04 -1.44
N VAL B 247 -8.49 -16.36 -2.57
CA VAL B 247 -7.49 -16.57 -3.59
C VAL B 247 -6.21 -15.93 -3.13
N ALA B 248 -5.12 -16.68 -3.11
CA ALA B 248 -3.78 -16.16 -2.81
C ALA B 248 -3.41 -14.91 -3.63
N GLU B 249 -2.57 -14.04 -3.04
CA GLU B 249 -1.92 -12.92 -3.76
C GLU B 249 -2.88 -12.12 -4.66
N SER B 250 -4.07 -11.80 -4.14
CA SER B 250 -5.07 -11.07 -4.96
C SER B 250 -5.83 -9.98 -4.22
N GLN B 251 -5.24 -9.47 -3.15
CA GLN B 251 -5.84 -8.38 -2.36
C GLN B 251 -6.03 -7.11 -3.18
N GLY B 252 -5.25 -6.97 -4.25
CA GLY B 252 -5.31 -5.79 -5.09
C GLY B 252 -6.29 -5.89 -6.24
N ALA B 253 -6.89 -7.06 -6.43
CA ALA B 253 -7.85 -7.25 -7.52
C ALA B 253 -9.11 -6.35 -7.42
N VAL B 254 -9.66 -6.23 -6.21
CA VAL B 254 -10.80 -5.35 -5.94
C VAL B 254 -10.81 -4.99 -4.46
N GLY B 255 -11.24 -3.77 -4.13
CA GLY B 255 -11.21 -3.28 -2.77
C GLY B 255 -11.69 -1.85 -2.59
N GLY B 256 -11.34 -1.26 -1.45
CA GLY B 256 -11.82 0.08 -1.14
C GLY B 256 -11.29 0.69 0.12
N HIS B 257 -11.50 1.99 0.27
CA HIS B 257 -10.96 2.72 1.43
C HIS B 257 -12.01 3.70 1.97
N LEU B 258 -12.13 3.76 3.28
CA LEU B 258 -13.08 4.67 3.91
C LEU B 258 -12.30 5.85 4.40
N ARG B 259 -12.47 6.98 3.72
CA ARG B 259 -11.76 8.25 4.03
C ARG B 259 -12.75 9.41 4.27
N ALA B 260 -12.24 10.61 4.53
CA ALA B 260 -13.10 11.75 4.85
C ALA B 260 -13.97 12.21 3.67
N PHE B 261 -13.68 11.66 2.50
CA PHE B 261 -14.51 11.93 1.33
C PHE B 261 -15.51 10.81 1.07
N GLY B 262 -15.54 9.83 1.98
CA GLY B 262 -16.42 8.65 1.89
C GLY B 262 -15.68 7.40 1.46
N TRP B 263 -16.37 6.53 0.74
CA TRP B 263 -15.76 5.29 0.26
C TRP B 263 -15.19 5.50 -1.11
N THR B 264 -14.02 4.92 -1.33
CA THR B 264 -13.45 4.87 -2.65
C THR B 264 -13.21 3.41 -3.02
N PHE B 265 -13.59 3.01 -4.22
CA PHE B 265 -13.41 1.63 -4.63
C PHE B 265 -12.45 1.52 -5.77
N TYR B 266 -11.52 0.57 -5.71
CA TYR B 266 -10.61 0.30 -6.82
C TYR B 266 -10.89 -1.06 -7.53
N PHE B 267 -10.25 -1.33 -8.66
CA PHE B 267 -10.27 -2.66 -9.31
C PHE B 267 -9.18 -2.80 -10.39
N LEU B 268 -8.70 -4.02 -10.63
CA LEU B 268 -7.92 -4.30 -11.84
C LEU B 268 -8.86 -4.66 -13.00
N ASN B 269 -8.50 -4.25 -14.22
CA ASN B 269 -9.32 -4.57 -15.40
C ASN B 269 -9.56 -6.07 -15.57
N GLN B 270 -8.59 -6.89 -15.15
CA GLN B 270 -8.66 -8.34 -15.32
C GLN B 270 -9.41 -9.04 -14.20
N LEU B 271 -10.10 -8.26 -13.38
CA LEU B 271 -10.90 -8.82 -12.31
C LEU B 271 -11.86 -9.93 -12.83
N PRO B 272 -12.48 -9.73 -14.02
CA PRO B 272 -13.28 -10.88 -14.53
C PRO B 272 -12.47 -12.16 -14.69
N ALA B 273 -11.37 -12.11 -15.42
CA ALA B 273 -10.47 -13.25 -15.49
C ALA B 273 -10.13 -13.80 -14.09
N ILE B 274 -9.75 -12.91 -13.17
CA ILE B 274 -9.32 -13.34 -11.87
C ILE B 274 -10.43 -14.18 -11.16
N ILE B 275 -11.66 -13.68 -11.18
CA ILE B 275 -12.77 -14.38 -10.52
C ILE B 275 -13.03 -15.74 -11.16
N ALA B 276 -13.09 -15.78 -12.49
CA ALA B 276 -13.49 -16.99 -13.21
C ALA B 276 -12.47 -18.12 -13.13
N ASP B 277 -11.17 -17.77 -13.10
CA ASP B 277 -10.06 -18.73 -13.07
C ASP B 277 -9.85 -19.34 -11.70
N ASN B 278 -10.61 -18.87 -10.71
CA ASN B 278 -10.41 -19.32 -9.35
C ASN B 278 -11.68 -19.91 -8.74
N LEU B 279 -12.65 -20.17 -9.60
CA LEU B 279 -13.91 -20.73 -9.14
C LEU B 279 -13.81 -22.23 -9.01
N GLY B 280 -13.10 -22.87 -9.95
CA GLY B 280 -12.90 -24.32 -9.96
C GLY B 280 -12.55 -24.99 -8.63
N ARG B 281 -11.64 -24.40 -7.87
CA ARG B 281 -11.29 -24.93 -6.54
C ARG B 281 -12.52 -24.97 -5.61
N SER B 282 -13.13 -23.81 -5.39
CA SER B 282 -14.39 -23.73 -4.64
C SER B 282 -15.45 -24.71 -5.16
N LEU B 283 -15.71 -24.68 -6.47
CA LEU B 283 -16.74 -25.57 -7.01
C LEU B 283 -16.46 -27.07 -6.89
N GLU B 284 -15.18 -27.45 -6.84
CA GLU B 284 -14.78 -28.84 -6.63
C GLU B 284 -15.17 -29.33 -5.23
N ARG B 285 -14.65 -28.64 -4.22
CA ARG B 285 -14.96 -28.95 -2.82
C ARG B 285 -16.46 -28.94 -2.54
N ALA B 286 -17.20 -28.21 -3.37
CA ALA B 286 -18.62 -28.05 -3.15
C ALA B 286 -19.45 -29.10 -3.87
N LEU B 287 -19.13 -29.33 -5.14
CA LEU B 287 -20.00 -30.16 -5.97
C LEU B 287 -19.55 -31.60 -6.20
N ALA B 288 -18.32 -31.93 -5.78
CA ALA B 288 -17.79 -33.29 -5.97
C ALA B 288 -18.47 -34.33 -5.06
N PRO B 289 -18.68 -33.99 -3.76
CA PRO B 289 -19.44 -34.88 -2.85
C PRO B 289 -20.76 -35.37 -3.42
N LEU B 290 -21.41 -34.52 -4.23
CA LEU B 290 -22.68 -34.88 -4.89
C LEU B 290 -22.48 -35.56 -6.24
N GLY B 291 -21.23 -35.72 -6.67
CA GLY B 291 -20.94 -36.39 -7.95
C GLY B 291 -21.65 -35.74 -9.13
N VAL B 292 -21.39 -34.45 -9.32
CA VAL B 292 -21.96 -33.68 -10.42
C VAL B 292 -21.04 -33.83 -11.63
N ARG B 293 -21.62 -34.19 -12.78
CA ARG B 293 -20.85 -34.42 -13.98
C ARG B 293 -20.47 -33.09 -14.64
N GLU B 294 -21.50 -32.35 -15.06
CA GLU B 294 -21.35 -31.15 -15.90
C GLU B 294 -21.76 -29.92 -15.09
N TRP B 295 -21.05 -28.81 -15.25
CA TRP B 295 -21.41 -27.55 -14.57
C TRP B 295 -22.84 -27.14 -14.88
N ASN B 296 -23.31 -27.48 -16.08
CA ASN B 296 -24.67 -27.19 -16.53
C ASN B 296 -25.74 -28.06 -15.89
N ASP B 297 -25.35 -28.96 -14.98
CA ASP B 297 -26.32 -29.84 -14.31
C ASP B 297 -26.93 -29.21 -13.06
N VAL B 298 -26.33 -28.12 -12.57
CA VAL B 298 -26.87 -27.41 -11.41
C VAL B 298 -27.34 -26.01 -11.79
N PHE B 299 -28.13 -25.37 -10.95
CA PHE B 299 -28.55 -24.00 -11.23
C PHE B 299 -27.66 -22.99 -10.50
N TRP B 300 -27.76 -21.73 -10.88
CA TRP B 300 -26.80 -20.73 -10.45
C TRP B 300 -27.49 -19.49 -9.94
N VAL B 301 -27.16 -19.08 -8.72
CA VAL B 301 -27.59 -17.80 -8.19
C VAL B 301 -26.32 -17.04 -7.87
N ALA B 302 -25.86 -16.30 -8.88
CA ALA B 302 -24.59 -15.64 -8.85
C ALA B 302 -24.77 -14.16 -8.65
N HIS B 303 -24.01 -13.60 -7.70
CA HIS B 303 -23.86 -12.15 -7.58
C HIS B 303 -23.26 -11.67 -8.90
N PRO B 304 -23.97 -10.80 -9.60
CA PRO B 304 -23.57 -10.34 -10.93
C PRO B 304 -22.29 -9.56 -10.96
N GLY B 305 -22.12 -8.58 -10.08
CA GLY B 305 -20.89 -7.77 -10.09
C GLY B 305 -20.87 -6.79 -11.25
N ASN B 306 -20.69 -7.28 -12.48
CA ASN B 306 -20.87 -6.47 -13.70
C ASN B 306 -20.97 -7.39 -14.93
N TRP B 307 -21.24 -6.81 -16.11
CA TRP B 307 -21.47 -7.61 -17.31
C TRP B 307 -20.25 -8.47 -17.66
N ALA B 308 -19.06 -7.89 -17.54
CA ALA B 308 -17.86 -8.63 -17.92
C ALA B 308 -17.69 -9.87 -17.04
N ILE B 309 -17.90 -9.70 -15.73
CA ILE B 309 -17.82 -10.80 -14.77
C ILE B 309 -18.80 -11.94 -15.12
N ILE B 310 -20.05 -11.60 -15.43
CA ILE B 310 -20.99 -12.64 -15.76
C ILE B 310 -20.43 -13.38 -16.96
N ASP B 311 -20.09 -12.61 -18.00
CA ASP B 311 -19.51 -13.13 -19.25
C ASP B 311 -18.32 -14.07 -19.04
N ALA B 312 -17.41 -13.69 -18.14
CA ALA B 312 -16.23 -14.50 -17.86
C ALA B 312 -16.58 -15.86 -17.25
N ILE B 313 -17.53 -15.85 -16.31
CA ILE B 313 -17.99 -17.05 -15.60
C ILE B 313 -18.70 -18.06 -16.52
N GLU B 314 -19.73 -17.60 -17.22
CA GLU B 314 -20.40 -18.36 -18.27
C GLU B 314 -19.42 -18.91 -19.29
N ALA B 315 -18.49 -18.07 -19.75
CA ALA B 315 -17.56 -18.50 -20.77
C ALA B 315 -16.54 -19.51 -20.22
N LYS B 316 -16.21 -19.43 -18.95
CA LYS B 316 -15.18 -20.31 -18.37
C LYS B 316 -15.73 -21.69 -18.00
N LEU B 317 -16.93 -21.70 -17.43
CA LEU B 317 -17.60 -22.94 -17.04
C LEU B 317 -18.50 -23.48 -18.15
N GLN B 318 -18.49 -22.80 -19.30
CA GLN B 318 -19.25 -23.22 -20.48
C GLN B 318 -20.74 -23.46 -20.13
N LEU B 319 -21.30 -22.55 -19.32
CA LEU B 319 -22.71 -22.59 -18.97
C LEU B 319 -23.55 -22.10 -20.14
N SER B 320 -24.70 -22.73 -20.37
CA SER B 320 -25.61 -22.20 -21.37
C SER B 320 -26.18 -20.85 -20.83
N PRO B 321 -26.60 -19.92 -21.72
CA PRO B 321 -27.11 -18.59 -21.32
C PRO B 321 -28.18 -18.58 -20.20
N ASP B 322 -29.02 -19.62 -20.12
CA ASP B 322 -30.07 -19.68 -19.08
C ASP B 322 -29.54 -19.62 -17.65
N LYS B 323 -28.38 -20.24 -17.41
CA LYS B 323 -27.78 -20.36 -16.06
C LYS B 323 -27.60 -19.07 -15.27
N LEU B 324 -27.17 -18.01 -15.95
CA LEU B 324 -26.85 -16.74 -15.30
C LEU B 324 -27.77 -15.63 -15.76
N SER B 325 -28.75 -16.01 -16.57
CA SER B 325 -29.74 -15.05 -17.07
C SER B 325 -30.51 -14.31 -15.99
N THR B 326 -30.64 -14.92 -14.79
CA THR B 326 -31.25 -14.23 -13.65
C THR B 326 -30.31 -13.15 -13.10
N ALA B 327 -29.01 -13.43 -13.08
CA ALA B 327 -28.02 -12.42 -12.64
C ALA B 327 -28.05 -11.23 -13.60
N ARG B 328 -28.10 -11.55 -14.89
CA ARG B 328 -28.12 -10.55 -15.95
C ARG B 328 -29.33 -9.64 -15.80
N HIS B 329 -30.48 -10.24 -15.49
CA HIS B 329 -31.76 -9.52 -15.44
C HIS B 329 -31.80 -8.52 -14.28
N VAL B 330 -31.23 -8.95 -13.15
CA VAL B 330 -31.18 -8.13 -11.97
C VAL B 330 -30.19 -7.01 -12.22
N PHE B 331 -29.06 -7.33 -12.82
CA PHE B 331 -28.03 -6.31 -13.03
C PHE B 331 -28.48 -5.27 -14.05
N THR B 332 -29.33 -5.70 -14.96
CA THR B 332 -29.88 -4.84 -15.98
C THR B 332 -30.97 -3.91 -15.45
N GLU B 333 -31.85 -4.43 -14.61
CA GLU B 333 -33.01 -3.68 -14.11
C GLU B 333 -32.75 -2.97 -12.79
N TYR B 334 -31.63 -3.26 -12.14
CA TYR B 334 -31.31 -2.67 -10.84
C TYR B 334 -29.89 -2.17 -10.72
N GLY B 335 -28.97 -2.76 -11.49
CA GLY B 335 -27.56 -2.44 -11.34
C GLY B 335 -26.98 -3.27 -10.22
N ASN B 336 -25.79 -2.90 -9.75
CA ASN B 336 -25.09 -3.67 -8.74
C ASN B 336 -25.39 -3.12 -7.34
N MET B 337 -26.19 -3.87 -6.58
CA MET B 337 -26.61 -3.45 -5.25
C MET B 337 -25.76 -4.11 -4.15
N GLN B 338 -24.51 -4.42 -4.50
CA GLN B 338 -23.53 -5.01 -3.58
C GLN B 338 -24.10 -6.22 -2.86
N SER B 339 -23.92 -6.33 -1.55
CA SER B 339 -24.42 -7.51 -0.82
C SER B 339 -25.90 -7.87 -0.99
N ALA B 340 -26.77 -6.92 -1.34
CA ALA B 340 -28.20 -7.24 -1.51
C ALA B 340 -28.54 -7.98 -2.82
N THR B 341 -27.73 -7.76 -3.86
CA THR B 341 -28.04 -8.18 -5.23
C THR B 341 -28.41 -9.66 -5.34
N VAL B 342 -27.64 -10.51 -4.68
CA VAL B 342 -27.80 -11.93 -4.79
C VAL B 342 -29.18 -12.40 -4.28
N TYR B 343 -29.77 -11.63 -3.37
CA TYR B 343 -31.12 -11.90 -2.89
C TYR B 343 -32.19 -11.61 -3.95
N PHE B 344 -32.01 -10.48 -4.65
CA PHE B 344 -32.84 -10.19 -5.84
C PHE B 344 -32.69 -11.31 -6.89
N VAL B 345 -31.49 -11.88 -6.99
CA VAL B 345 -31.20 -12.93 -7.95
C VAL B 345 -31.92 -14.20 -7.52
N MET B 346 -31.78 -14.57 -6.26
CA MET B 346 -32.54 -15.71 -5.69
C MET B 346 -34.04 -15.52 -5.85
N ASP B 347 -34.54 -14.33 -5.48
CA ASP B 347 -35.95 -14.02 -5.72
C ASP B 347 -36.42 -14.19 -7.15
N GLU B 348 -35.64 -13.69 -8.11
CA GLU B 348 -35.93 -13.87 -9.52
C GLU B 348 -36.01 -15.34 -9.94
N LEU B 349 -35.02 -16.14 -9.56
CA LEU B 349 -34.97 -17.52 -9.99
C LEU B 349 -36.20 -18.29 -9.52
N ARG B 350 -36.49 -18.22 -8.23
CA ARG B 350 -37.65 -18.91 -7.71
C ARG B 350 -38.98 -18.37 -8.26
N LYS B 351 -39.05 -17.10 -8.62
CA LYS B 351 -40.32 -16.55 -9.18
C LYS B 351 -40.57 -17.08 -10.58
N ARG B 352 -39.57 -16.96 -11.45
CA ARG B 352 -39.64 -17.45 -12.81
C ARG B 352 -39.93 -18.96 -12.81
N SER B 353 -39.24 -19.70 -11.94
CA SER B 353 -39.45 -21.15 -11.81
C SER B 353 -40.92 -21.51 -11.63
N ALA B 354 -41.62 -20.69 -10.83
CA ALA B 354 -43.03 -20.87 -10.57
C ALA B 354 -43.87 -20.56 -11.81
N VAL B 355 -43.70 -19.33 -12.30
CA VAL B 355 -44.44 -18.79 -13.43
C VAL B 355 -44.24 -19.67 -14.67
N GLU B 356 -43.01 -20.13 -14.88
CA GLU B 356 -42.68 -20.90 -16.09
C GLU B 356 -43.11 -22.36 -16.01
N GLY B 357 -43.59 -22.78 -14.83
CA GLY B 357 -44.09 -24.13 -14.63
C GLY B 357 -43.10 -25.19 -14.17
N ARG B 358 -41.93 -24.81 -13.65
CA ARG B 358 -40.89 -25.79 -13.31
C ARG B 358 -41.28 -26.74 -12.19
N SER B 359 -40.52 -27.82 -12.05
CA SER B 359 -40.82 -28.86 -11.06
C SER B 359 -40.20 -28.52 -9.72
N THR B 360 -39.16 -27.69 -9.75
CA THR B 360 -38.46 -27.26 -8.53
C THR B 360 -38.23 -25.76 -8.52
N THR B 361 -37.84 -25.25 -7.35
CA THR B 361 -37.55 -23.82 -7.20
C THR B 361 -36.22 -23.43 -7.79
N GLY B 362 -35.52 -24.38 -8.38
CA GLY B 362 -34.25 -24.12 -9.04
C GLY B 362 -34.39 -24.44 -10.51
N ASP B 363 -35.42 -23.89 -11.14
CA ASP B 363 -35.64 -24.05 -12.58
C ASP B 363 -35.66 -25.51 -13.05
N GLY B 364 -36.17 -26.42 -12.23
CA GLY B 364 -36.26 -27.81 -12.62
C GLY B 364 -35.16 -28.75 -12.15
N LEU B 365 -34.08 -28.19 -11.60
CA LEU B 365 -32.91 -28.98 -11.22
C LEU B 365 -32.85 -29.26 -9.73
N GLN B 366 -32.08 -30.27 -9.31
CA GLN B 366 -31.94 -30.59 -7.88
C GLN B 366 -30.97 -29.66 -7.10
N TRP B 367 -29.71 -29.61 -7.52
CA TRP B 367 -28.71 -28.86 -6.79
C TRP B 367 -28.39 -27.58 -7.53
N GLY B 368 -27.91 -26.60 -6.77
CA GLY B 368 -27.53 -25.32 -7.31
C GLY B 368 -26.50 -24.69 -6.40
N VAL B 369 -25.73 -23.77 -6.95
CA VAL B 369 -24.75 -23.06 -6.14
C VAL B 369 -25.07 -21.59 -6.17
N LEU B 370 -25.06 -21.01 -4.97
CA LEU B 370 -25.14 -19.58 -4.78
C LEU B 370 -23.73 -19.06 -4.59
N LEU B 371 -23.37 -18.05 -5.39
CA LEU B 371 -22.01 -17.45 -5.39
C LEU B 371 -21.91 -15.96 -5.04
N GLY B 372 -21.03 -15.66 -4.07
CA GLY B 372 -20.64 -14.30 -3.77
C GLY B 372 -19.14 -14.11 -3.99
N PHE B 373 -18.77 -12.95 -4.53
CA PHE B 373 -17.35 -12.53 -4.58
C PHE B 373 -17.20 -11.05 -4.23
N GLY B 374 -16.03 -10.74 -3.67
CA GLY B 374 -15.63 -9.38 -3.35
C GLY B 374 -14.22 -9.37 -2.80
N PRO B 375 -13.81 -8.25 -2.17
CA PRO B 375 -12.42 -8.02 -1.74
C PRO B 375 -11.83 -9.16 -0.95
N GLY B 376 -10.53 -9.41 -1.17
CA GLY B 376 -9.86 -10.60 -0.71
C GLY B 376 -8.74 -10.99 -1.66
N LEU B 377 -9.04 -11.65 -2.79
CA LEU B 377 -10.37 -11.94 -3.27
C LEU B 377 -11.11 -13.01 -2.46
N SER B 378 -12.34 -12.71 -2.09
CA SER B 378 -13.16 -13.64 -1.32
C SER B 378 -14.23 -14.30 -2.20
N ILE B 379 -14.28 -15.63 -2.15
CA ILE B 379 -15.31 -16.40 -2.81
C ILE B 379 -16.22 -17.07 -1.79
N GLU B 380 -17.50 -16.75 -1.87
CA GLU B 380 -18.47 -17.36 -1.00
C GLU B 380 -19.28 -18.39 -1.77
N THR B 381 -19.23 -19.62 -1.29
CA THR B 381 -19.92 -20.71 -1.96
C THR B 381 -20.97 -21.32 -1.04
N VAL B 382 -22.23 -21.16 -1.43
CA VAL B 382 -23.32 -21.80 -0.73
C VAL B 382 -23.92 -22.82 -1.69
N VAL B 383 -24.06 -24.07 -1.24
CA VAL B 383 -24.76 -25.10 -2.03
C VAL B 383 -26.27 -25.14 -1.67
N LEU B 384 -27.12 -25.08 -2.69
CA LEU B 384 -28.56 -25.10 -2.46
C LEU B 384 -29.21 -26.35 -3.02
N ARG B 385 -30.11 -26.94 -2.25
CA ARG B 385 -31.01 -27.97 -2.80
C ARG B 385 -32.36 -27.33 -3.04
N SER B 386 -32.94 -27.54 -4.22
CA SER B 386 -34.17 -26.85 -4.49
C SER B 386 -35.30 -27.65 -3.86
N MET B 387 -36.50 -27.12 -3.99
CA MET B 387 -37.66 -27.73 -3.36
C MET B 387 -38.76 -27.93 -4.39
N PRO B 388 -39.64 -28.93 -4.19
CA PRO B 388 -40.62 -29.24 -5.22
C PRO B 388 -41.63 -28.09 -5.42
N LEU B 389 -42.06 -27.89 -6.66
CA LEU B 389 -43.16 -26.97 -6.94
C LEU B 389 -44.43 -27.74 -7.32
N HIS B 390 -45.36 -27.79 -6.37
CA HIS B 390 -46.68 -28.41 -6.55
C HIS B 390 -47.61 -27.31 -7.05
N HIS B 391 -48.24 -27.57 -8.20
CA HIS B 391 -48.98 -26.54 -8.90
C HIS B 391 -50.47 -26.89 -8.89
N ASN C 3 33.95 -22.43 -13.57
CA ASN C 3 34.84 -22.00 -12.45
C ASN C 3 34.58 -20.55 -12.04
N LEU C 4 33.30 -20.21 -11.84
CA LEU C 4 32.85 -18.83 -11.53
C LEU C 4 32.92 -18.38 -10.05
N HIS C 5 32.91 -19.34 -9.12
CA HIS C 5 33.22 -19.05 -7.71
C HIS C 5 34.70 -18.68 -7.53
N ALA C 6 35.56 -19.36 -8.28
CA ALA C 6 37.00 -19.03 -8.33
C ALA C 6 37.25 -17.64 -8.91
N LEU C 7 36.58 -17.32 -10.04
CA LEU C 7 36.69 -16.00 -10.67
C LEU C 7 36.29 -14.86 -9.72
N ARG C 8 35.11 -15.00 -9.13
CA ARG C 8 34.50 -14.05 -8.18
C ARG C 8 35.44 -13.66 -7.00
N ARG C 9 36.08 -14.67 -6.40
CA ARG C 9 37.06 -14.50 -5.32
C ARG C 9 38.22 -13.57 -5.73
N GLU C 10 38.67 -13.72 -6.97
CA GLU C 10 39.78 -12.94 -7.51
C GLU C 10 39.41 -11.51 -7.94
N GLN C 11 38.18 -11.34 -8.44
CA GLN C 11 37.77 -10.07 -9.03
C GLN C 11 37.33 -9.02 -8.00
N ARG C 12 37.11 -9.44 -6.75
CA ARG C 12 36.55 -8.52 -5.75
C ARG C 12 37.56 -7.97 -4.73
N ALA C 13 37.20 -6.87 -4.09
CA ALA C 13 38.06 -6.24 -3.10
C ALA C 13 37.99 -7.00 -1.78
N GLN C 14 39.02 -6.86 -0.93
CA GLN C 14 39.04 -7.49 0.39
C GLN C 14 38.42 -6.66 1.55
N GLY C 15 38.76 -5.38 1.63
CA GLY C 15 38.39 -4.59 2.79
C GLY C 15 37.11 -3.81 2.60
N PRO C 16 36.81 -2.90 3.55
CA PRO C 16 35.69 -1.97 3.49
C PRO C 16 35.97 -0.78 2.59
N ALA C 17 34.90 -0.28 1.95
CA ALA C 17 34.94 0.95 1.16
C ALA C 17 35.37 2.13 2.06
N THR C 18 36.19 3.03 1.51
CA THR C 18 36.73 4.14 2.27
C THR C 18 36.65 5.42 1.45
N ILE C 19 36.59 6.55 2.14
CA ILE C 19 36.55 7.86 1.51
C ILE C 19 37.95 8.41 1.62
N MET C 20 38.56 8.70 0.47
CA MET C 20 40.00 8.95 0.40
C MET C 20 40.32 10.43 0.15
N ALA C 21 39.26 11.23 -0.05
CA ALA C 21 39.37 12.57 -0.57
C ALA C 21 38.02 13.25 -0.67
N ILE C 22 37.97 14.54 -0.34
CA ILE C 22 36.74 15.34 -0.41
C ILE C 22 37.05 16.64 -1.11
N GLY C 23 36.24 17.01 -2.11
CA GLY C 23 36.42 18.29 -2.79
C GLY C 23 35.09 19.02 -2.90
N THR C 24 35.10 20.33 -2.68
CA THR C 24 33.85 21.09 -2.71
C THR C 24 33.99 22.37 -3.51
N ALA C 25 32.87 22.84 -4.09
CA ALA C 25 32.87 24.03 -4.96
C ALA C 25 31.54 24.77 -5.01
N THR C 26 31.63 26.07 -5.23
CA THR C 26 30.47 26.91 -5.37
C THR C 26 30.64 27.80 -6.58
N PRO C 27 29.51 28.23 -7.17
CA PRO C 27 29.51 29.37 -8.07
C PRO C 27 30.20 30.58 -7.39
N PRO C 28 30.69 31.56 -8.18
CA PRO C 28 31.48 32.69 -7.67
C PRO C 28 30.67 33.88 -7.10
N ASN C 29 29.36 33.88 -7.27
CA ASN C 29 28.56 35.03 -6.87
C ASN C 29 27.98 34.90 -5.49
N LEU C 30 28.56 35.66 -4.57
CA LEU C 30 28.14 35.72 -3.18
C LEU C 30 26.86 36.52 -3.05
N TYR C 31 25.91 35.96 -2.32
CA TYR C 31 24.65 36.63 -2.04
C TYR C 31 24.49 36.73 -0.52
N GLU C 32 24.66 37.94 0.02
CA GLU C 32 24.48 38.16 1.45
C GLU C 32 22.99 38.18 1.80
N GLN C 33 22.61 37.40 2.81
CA GLN C 33 21.19 37.29 3.18
C GLN C 33 20.64 38.62 3.69
N SER C 34 21.45 39.37 4.43
CA SER C 34 21.10 40.72 4.89
C SER C 34 20.47 41.58 3.78
N THR C 35 21.01 41.52 2.55
CA THR C 35 20.51 42.35 1.45
C THR C 35 19.87 41.57 0.29
N PHE C 36 19.52 40.32 0.54
CA PHE C 36 18.88 39.52 -0.48
C PHE C 36 17.41 39.95 -0.75
N PRO C 37 16.65 40.31 0.32
CA PRO C 37 15.28 40.79 0.06
C PRO C 37 15.28 41.95 -0.92
N ASP C 38 16.24 42.85 -0.82
CA ASP C 38 16.28 43.99 -1.75
C ASP C 38 16.59 43.51 -3.15
N PHE C 39 17.67 42.75 -3.31
CA PHE C 39 18.03 42.19 -4.60
C PHE C 39 16.87 41.49 -5.32
N TYR C 40 16.29 40.50 -4.62
CA TYR C 40 15.27 39.61 -5.16
C TYR C 40 13.96 40.34 -5.51
N PHE C 41 13.65 41.41 -4.77
CA PHE C 41 12.40 42.11 -5.00
C PHE C 41 12.55 43.11 -6.13
N ARG C 42 13.78 43.56 -6.35
CA ARG C 42 14.10 44.48 -7.44
C ARG C 42 14.16 43.81 -8.80
N VAL C 43 14.95 42.76 -8.93
CA VAL C 43 15.12 42.07 -10.20
C VAL C 43 13.86 41.33 -10.67
N THR C 44 12.95 40.98 -9.74
CA THR C 44 11.71 40.33 -10.13
C THR C 44 10.64 41.39 -10.32
N ASN C 45 11.10 42.64 -10.41
CA ASN C 45 10.22 43.81 -10.56
C ASN C 45 8.97 43.79 -9.67
N SER C 46 9.23 43.62 -8.36
CA SER C 46 8.18 43.47 -7.37
C SER C 46 8.28 44.50 -6.23
N ASP C 47 8.97 45.61 -6.48
CA ASP C 47 9.14 46.67 -5.48
C ASP C 47 7.82 47.38 -5.12
N ASP C 48 6.73 46.95 -5.73
CA ASP C 48 5.43 47.52 -5.37
C ASP C 48 4.77 46.70 -4.24
N LYS C 49 5.30 45.51 -3.98
CA LYS C 49 4.71 44.63 -2.99
C LYS C 49 5.46 44.86 -1.70
N GLN C 50 5.26 46.02 -1.10
CA GLN C 50 6.06 46.40 0.05
C GLN C 50 5.74 45.47 1.21
N GLU C 51 4.47 45.11 1.35
CA GLU C 51 4.12 44.15 2.40
C GLU C 51 4.83 42.81 2.23
N LEU C 52 4.80 42.27 1.02
CA LEU C 52 5.39 40.97 0.77
C LEU C 52 6.92 40.96 1.02
N LYS C 53 7.57 42.06 0.63
CA LYS C 53 9.00 42.23 0.81
C LYS C 53 9.34 42.17 2.29
N LYS C 54 8.60 42.95 3.09
CA LYS C 54 8.80 42.95 4.53
C LYS C 54 8.63 41.57 5.15
N LYS C 55 7.58 40.84 4.79
CA LYS C 55 7.38 39.50 5.34
C LYS C 55 8.47 38.54 4.88
N PHE C 56 8.95 38.73 3.65
CA PHE C 56 10.11 38.00 3.16
C PHE C 56 11.39 38.31 3.95
N ARG C 57 11.54 39.57 4.38
CA ARG C 57 12.70 40.00 5.15
C ARG C 57 12.75 39.26 6.46
N ARG C 58 11.61 39.26 7.16
CA ARG C 58 11.49 38.45 8.37
C ARG C 58 11.85 36.98 8.13
N MET C 59 11.24 36.36 7.12
CA MET C 59 11.55 34.97 6.73
C MET C 59 13.06 34.72 6.55
N CYS C 60 13.74 35.63 5.83
CA CYS C 60 15.18 35.50 5.61
C CYS C 60 15.92 35.61 6.93
N GLU C 61 15.44 36.46 7.83
CA GLU C 61 16.02 36.55 9.16
C GLU C 61 15.83 35.27 10.00
N LYS C 62 14.60 34.75 10.09
CA LYS C 62 14.35 33.52 10.87
C LYS C 62 15.08 32.34 10.23
N THR C 63 15.48 32.50 8.97
CA THR C 63 16.01 31.39 8.17
C THR C 63 17.35 30.88 8.71
N MET C 64 18.12 31.81 9.29
CA MET C 64 19.45 31.58 9.86
C MET C 64 20.57 31.41 8.80
N VAL C 65 20.23 31.68 7.54
CA VAL C 65 21.22 31.63 6.48
C VAL C 65 21.87 33.00 6.40
N LYS C 66 23.20 33.03 6.40
CA LYS C 66 23.90 34.32 6.27
C LYS C 66 24.37 34.60 4.83
N LYS C 67 25.00 33.62 4.19
CA LYS C 67 25.55 33.78 2.84
C LYS C 67 25.11 32.63 1.98
N ARG C 68 24.92 32.87 0.68
CA ARG C 68 24.78 31.81 -0.34
C ARG C 68 25.55 32.12 -1.62
N TYR C 69 25.64 31.13 -2.48
CA TYR C 69 26.31 31.24 -3.77
C TYR C 69 25.39 30.68 -4.83
N LEU C 70 25.08 31.54 -5.79
CA LEU C 70 24.19 31.21 -6.87
C LEU C 70 24.90 31.42 -8.20
N HIS C 71 24.72 30.47 -9.11
CA HIS C 71 25.13 30.69 -10.48
C HIS C 71 24.38 31.90 -11.08
N LEU C 72 23.12 32.08 -10.67
CA LEU C 72 22.31 33.17 -11.21
C LEU C 72 22.86 34.51 -10.84
N THR C 73 22.75 35.45 -11.76
CA THR C 73 23.15 36.83 -11.55
C THR C 73 22.04 37.73 -12.13
N GLU C 74 22.10 39.02 -11.82
CA GLU C 74 21.21 40.03 -12.38
C GLU C 74 21.36 40.15 -13.89
N GLU C 75 22.57 39.93 -14.38
CA GLU C 75 22.83 40.03 -15.80
C GLU C 75 22.11 38.88 -16.49
N ILE C 76 22.30 37.65 -15.99
CA ILE C 76 21.57 36.48 -16.52
C ILE C 76 20.04 36.62 -16.47
N LEU C 77 19.52 37.13 -15.35
CA LEU C 77 18.10 37.41 -15.22
C LEU C 77 17.61 38.48 -16.20
N LYS C 78 18.47 39.44 -16.50
CA LYS C 78 18.18 40.46 -17.50
C LYS C 78 18.15 39.83 -18.88
N GLU C 79 19.08 38.89 -19.12
CA GLU C 79 19.13 38.13 -20.37
C GLU C 79 17.92 37.20 -20.57
N ARG C 80 17.46 36.52 -19.52
CA ARG C 80 16.33 35.61 -19.65
C ARG C 80 15.17 35.96 -18.70
N PRO C 81 14.44 37.06 -18.98
CA PRO C 81 13.45 37.60 -18.05
C PRO C 81 12.41 36.61 -17.56
N LYS C 82 12.14 35.55 -18.32
CA LYS C 82 11.12 34.55 -17.96
C LYS C 82 11.41 33.77 -16.67
N LEU C 83 12.69 33.67 -16.31
CA LEU C 83 13.10 33.07 -15.05
C LEU C 83 12.47 33.78 -13.85
N CYS C 84 12.19 35.08 -14.00
CA CYS C 84 11.61 35.87 -12.93
C CYS C 84 10.13 35.65 -12.85
N SER C 85 9.51 35.23 -13.95
CA SER C 85 8.08 35.03 -13.98
C SER C 85 7.71 33.99 -12.93
N TYR C 86 6.71 34.33 -12.11
CA TYR C 86 6.19 33.42 -11.08
C TYR C 86 5.84 32.07 -11.70
N LYS C 87 4.88 32.01 -12.63
CA LYS C 87 4.49 30.70 -13.16
C LYS C 87 4.12 30.52 -14.66
N GLU C 88 4.57 31.43 -15.51
CA GLU C 88 4.45 31.23 -16.96
C GLU C 88 5.56 30.28 -17.40
N ALA C 89 5.44 29.71 -18.61
CA ALA C 89 6.38 28.71 -19.10
C ALA C 89 7.78 29.29 -19.20
N SER C 90 8.75 28.63 -18.58
CA SER C 90 10.12 29.13 -18.51
C SER C 90 11.14 28.00 -18.50
N PHE C 91 10.63 26.79 -18.78
CA PHE C 91 11.44 25.59 -18.82
C PHE C 91 12.62 25.60 -19.79
N ASP C 92 12.41 26.18 -20.98
CA ASP C 92 13.48 26.24 -21.98
C ASP C 92 14.70 27.04 -21.51
N ASP C 93 14.47 28.25 -20.96
CA ASP C 93 15.57 29.06 -20.42
C ASP C 93 16.35 28.32 -19.33
N ARG C 94 15.62 27.77 -18.36
CA ARG C 94 16.24 27.06 -17.26
C ARG C 94 17.07 25.84 -17.74
N GLN C 95 16.58 25.16 -18.79
CA GLN C 95 17.27 24.02 -19.37
C GLN C 95 18.56 24.47 -20.09
N ASP C 96 18.47 25.50 -20.93
CA ASP C 96 19.67 26.09 -21.55
C ASP C 96 20.78 26.21 -20.53
N ILE C 97 20.48 26.82 -19.39
CA ILE C 97 21.49 27.05 -18.38
C ILE C 97 22.05 25.76 -17.74
N VAL C 98 21.18 24.90 -17.22
CA VAL C 98 21.62 23.80 -16.36
C VAL C 98 22.31 22.62 -17.09
N VAL C 99 21.86 22.32 -18.31
CA VAL C 99 22.50 21.32 -19.14
C VAL C 99 23.96 21.65 -19.23
N GLU C 100 24.24 22.95 -19.29
CA GLU C 100 25.57 23.46 -19.53
C GLU C 100 26.38 23.60 -18.22
N GLU C 101 25.77 24.22 -17.22
CA GLU C 101 26.51 24.64 -16.04
C GLU C 101 26.73 23.54 -15.03
N ILE C 102 25.78 22.61 -14.94
CA ILE C 102 25.82 21.55 -13.94
C ILE C 102 27.13 20.76 -14.06
N PRO C 103 27.46 20.26 -15.27
CA PRO C 103 28.75 19.58 -15.44
C PRO C 103 29.96 20.45 -15.03
N ARG C 104 29.84 21.76 -15.22
CA ARG C 104 30.98 22.69 -15.04
C ARG C 104 31.31 22.85 -13.57
N LEU C 105 30.31 23.16 -12.76
CA LEU C 105 30.49 23.24 -11.30
C LEU C 105 30.92 21.88 -10.72
N ALA C 106 30.31 20.80 -11.21
CA ALA C 106 30.72 19.48 -10.80
C ALA C 106 32.23 19.27 -11.00
N LYS C 107 32.75 19.70 -12.16
CA LYS C 107 34.15 19.54 -12.53
C LYS C 107 35.11 20.03 -11.47
N GLU C 108 34.84 21.22 -10.95
CA GLU C 108 35.70 21.84 -9.96
C GLU C 108 35.72 21.05 -8.67
N ALA C 109 34.56 20.58 -8.21
CA ALA C 109 34.53 19.75 -7.01
C ALA C 109 35.34 18.47 -7.27
N ALA C 110 35.10 17.86 -8.44
CA ALA C 110 35.74 16.62 -8.79
C ALA C 110 37.26 16.77 -8.87
N GLU C 111 37.76 17.81 -9.57
CA GLU C 111 39.21 18.06 -9.70
C GLU C 111 39.86 18.21 -8.32
N LYS C 112 39.19 18.94 -7.42
CA LYS C 112 39.72 19.12 -6.06
C LYS C 112 39.88 17.78 -5.32
N ALA C 113 38.88 16.92 -5.44
CA ALA C 113 38.92 15.58 -4.83
C ALA C 113 40.07 14.77 -5.41
N ILE C 114 40.20 14.85 -6.72
CA ILE C 114 41.25 14.10 -7.41
C ILE C 114 42.64 14.57 -7.00
N LYS C 115 42.83 15.89 -6.91
CA LYS C 115 44.08 16.43 -6.38
C LYS C 115 44.37 15.83 -5.00
N GLU C 116 43.42 15.88 -4.06
CA GLU C 116 43.71 15.37 -2.71
C GLU C 116 44.12 13.89 -2.70
N TRP C 117 43.35 13.06 -3.39
CA TRP C 117 43.58 11.64 -3.53
C TRP C 117 44.97 11.40 -4.07
N GLY C 118 45.37 12.19 -5.07
CA GLY C 118 46.75 12.23 -5.52
C GLY C 118 47.13 11.24 -6.58
N ARG C 119 46.20 10.41 -7.01
CA ARG C 119 46.49 9.42 -8.04
C ARG C 119 46.09 9.93 -9.44
N PRO C 120 46.54 9.23 -10.50
CA PRO C 120 46.17 9.58 -11.88
C PRO C 120 44.68 9.34 -12.16
N LYS C 121 44.06 10.23 -12.92
CA LYS C 121 42.71 10.05 -13.48
C LYS C 121 42.49 8.65 -14.13
N SER C 122 43.51 8.12 -14.80
CA SER C 122 43.41 6.84 -15.47
C SER C 122 43.13 5.69 -14.50
N GLU C 123 43.25 5.98 -13.20
CA GLU C 123 43.06 4.99 -12.15
C GLU C 123 41.61 4.95 -11.62
N ILE C 124 40.82 5.93 -12.03
CA ILE C 124 39.42 5.98 -11.71
C ILE C 124 38.67 5.01 -12.61
N THR C 125 37.92 4.09 -12.00
CA THR C 125 37.17 3.06 -12.72
C THR C 125 35.66 3.35 -12.86
N HIS C 126 35.11 4.16 -11.96
CA HIS C 126 33.69 4.37 -11.88
C HIS C 126 33.39 5.84 -11.56
N LEU C 127 32.34 6.35 -12.19
CA LEU C 127 31.87 7.68 -11.92
C LEU C 127 30.42 7.59 -11.52
N VAL C 128 30.08 8.11 -10.34
CA VAL C 128 28.68 8.17 -9.92
C VAL C 128 28.31 9.63 -9.67
N PHE C 129 27.24 10.10 -10.35
CA PHE C 129 26.94 11.55 -10.42
C PHE C 129 25.46 11.88 -10.21
N CYS C 130 25.17 12.75 -9.25
CA CYS C 130 23.80 13.09 -8.99
C CYS C 130 23.52 14.59 -9.06
N SER C 131 22.28 14.90 -9.41
CA SER C 131 21.82 16.27 -9.57
C SER C 131 20.35 16.25 -9.91
N ILE C 132 19.67 17.27 -9.42
CA ILE C 132 18.27 17.49 -9.72
C ILE C 132 18.16 17.90 -11.18
N SER C 133 19.19 18.61 -11.65
CA SER C 133 19.07 19.40 -12.90
C SER C 133 20.01 18.90 -13.97
N GLY C 134 19.76 19.35 -15.20
CA GLY C 134 20.74 19.22 -16.28
C GLY C 134 20.45 18.02 -17.15
N ILE C 135 19.18 17.73 -17.35
CA ILE C 135 18.78 16.55 -18.09
C ILE C 135 18.95 16.73 -19.60
N ASP C 136 19.76 15.87 -20.21
CA ASP C 136 19.96 15.85 -21.65
C ASP C 136 20.48 14.45 -22.04
N MET C 137 20.46 14.14 -23.33
CA MET C 137 21.06 12.90 -23.81
C MET C 137 22.07 13.22 -24.90
N PRO C 138 23.35 12.86 -24.68
CA PRO C 138 23.82 12.20 -23.46
C PRO C 138 23.77 13.12 -22.23
N GLY C 139 23.87 12.52 -21.04
CA GLY C 139 23.66 13.23 -19.80
C GLY C 139 24.82 14.04 -19.23
N ALA C 140 24.62 14.53 -18.01
CA ALA C 140 25.58 15.36 -17.34
C ALA C 140 26.85 14.57 -17.03
N ASP C 141 26.67 13.30 -16.68
CA ASP C 141 27.78 12.40 -16.38
C ASP C 141 28.73 12.31 -17.58
N TYR C 142 28.14 12.29 -18.78
CA TYR C 142 28.93 12.23 -19.98
C TYR C 142 29.78 13.49 -20.08
N ARG C 143 29.11 14.63 -19.89
CA ARG C 143 29.75 15.92 -19.99
C ARG C 143 30.80 16.09 -18.88
N LEU C 144 30.47 15.71 -17.65
CA LEU C 144 31.41 15.69 -16.56
C LEU C 144 32.68 14.92 -16.90
N ALA C 145 32.51 13.67 -17.34
CA ALA C 145 33.64 12.76 -17.66
C ALA C 145 34.58 13.26 -18.77
N THR C 146 33.99 13.93 -19.76
CA THR C 146 34.70 14.54 -20.87
C THR C 146 35.46 15.74 -20.36
N LEU C 147 34.79 16.62 -19.61
CA LEU C 147 35.48 17.78 -19.05
C LEU C 147 36.71 17.39 -18.24
N LEU C 148 36.58 16.34 -17.43
CA LEU C 148 37.65 15.86 -16.56
C LEU C 148 38.73 15.12 -17.34
N GLY C 149 38.35 14.68 -18.54
CA GLY C 149 39.19 13.83 -19.35
C GLY C 149 39.38 12.43 -18.78
N LEU C 150 38.30 11.85 -18.24
CA LEU C 150 38.34 10.49 -17.77
C LEU C 150 38.45 9.50 -18.94
N PRO C 151 39.06 8.32 -18.68
CA PRO C 151 39.18 7.28 -19.71
C PRO C 151 37.82 6.91 -20.21
N LEU C 152 37.71 6.64 -21.50
CA LEU C 152 36.46 6.21 -22.12
C LEU C 152 35.81 4.97 -21.45
N THR C 153 36.64 4.17 -20.76
CA THR C 153 36.22 2.91 -20.16
C THR C 153 35.64 3.07 -18.77
N VAL C 154 35.60 4.30 -18.27
CA VAL C 154 35.04 4.53 -16.96
C VAL C 154 33.58 4.13 -16.97
N ASN C 155 33.13 3.42 -15.95
CA ASN C 155 31.71 3.05 -15.82
C ASN C 155 30.90 4.23 -15.22
N ARG C 156 30.07 4.86 -16.04
CA ARG C 156 29.32 6.03 -15.59
C ARG C 156 27.91 5.67 -15.14
N LEU C 157 27.46 6.34 -14.06
CA LEU C 157 26.08 6.31 -13.62
C LEU C 157 25.60 7.76 -13.36
N MET C 158 24.54 8.18 -14.07
CA MET C 158 23.87 9.46 -13.78
C MET C 158 22.58 9.26 -12.95
N ILE C 159 22.41 10.02 -11.87
CA ILE C 159 21.19 9.96 -11.09
C ILE C 159 20.54 11.32 -10.99
N TYR C 160 19.59 11.56 -11.91
CA TYR C 160 18.79 12.79 -11.97
C TYR C 160 17.61 12.82 -11.02
N SER C 161 17.44 13.98 -10.39
CA SER C 161 16.12 14.46 -9.89
C SER C 161 15.61 13.73 -8.67
N GLN C 162 16.53 13.07 -7.95
CA GLN C 162 16.27 12.68 -6.58
C GLN C 162 16.51 13.96 -5.74
N ALA C 163 15.83 14.16 -4.62
CA ALA C 163 16.16 15.39 -3.86
C ALA C 163 17.42 15.24 -2.97
N CYS C 164 17.40 15.87 -1.80
CA CYS C 164 18.59 16.12 -0.97
C CYS C 164 19.25 14.87 -0.44
N HIS C 165 18.53 13.75 -0.38
CA HIS C 165 19.07 12.54 0.24
C HIS C 165 20.05 11.82 -0.70
N MET C 166 20.08 12.25 -1.96
CA MET C 166 20.88 11.55 -2.96
C MET C 166 22.40 11.60 -2.68
N GLY C 167 22.83 12.63 -1.94
CA GLY C 167 24.22 12.83 -1.63
C GLY C 167 24.69 11.67 -0.78
N ALA C 168 24.00 11.45 0.33
CA ALA C 168 24.21 10.28 1.14
C ALA C 168 23.97 8.96 0.35
N ALA C 169 22.89 8.87 -0.42
CA ALA C 169 22.64 7.64 -1.16
C ALA C 169 23.81 7.28 -2.09
N MET C 170 24.53 8.27 -2.58
CA MET C 170 25.61 7.96 -3.49
C MET C 170 26.75 7.14 -2.84
N LEU C 171 27.03 7.42 -1.55
CA LEU C 171 27.97 6.64 -0.73
C LEU C 171 27.53 5.21 -0.62
N ARG C 172 26.22 5.00 -0.53
CA ARG C 172 25.61 3.68 -0.50
C ARG C 172 25.87 2.89 -1.80
N ILE C 173 25.66 3.52 -2.96
CA ILE C 173 26.00 2.87 -4.21
C ILE C 173 27.50 2.56 -4.29
N ALA C 174 28.32 3.51 -3.87
CA ALA C 174 29.74 3.48 -4.16
C ALA C 174 30.39 2.43 -3.29
N LYS C 175 29.81 2.17 -2.12
CA LYS C 175 30.24 1.14 -1.21
C LYS C 175 30.26 -0.21 -1.96
N ASP C 176 29.16 -0.49 -2.66
CA ASP C 176 29.03 -1.73 -3.39
C ASP C 176 29.94 -1.80 -4.60
N LEU C 177 30.15 -0.69 -5.31
CA LEU C 177 31.09 -0.69 -6.44
C LEU C 177 32.53 -0.92 -5.97
N ALA C 178 32.93 -0.15 -4.97
CA ALA C 178 34.25 -0.22 -4.47
C ALA C 178 34.52 -1.61 -3.88
N GLU C 179 33.56 -2.12 -3.11
CA GLU C 179 33.78 -3.34 -2.32
C GLU C 179 33.71 -4.62 -3.16
N ASN C 180 32.96 -4.58 -4.26
CA ASN C 180 32.77 -5.76 -5.07
C ASN C 180 33.73 -5.96 -6.26
N ASN C 181 34.68 -5.04 -6.42
CA ASN C 181 35.52 -4.94 -7.62
C ASN C 181 36.92 -4.53 -7.22
N ARG C 182 37.82 -5.50 -7.18
CA ARG C 182 39.21 -5.28 -6.79
C ARG C 182 39.83 -4.17 -7.61
N GLY C 183 40.40 -3.18 -6.93
CA GLY C 183 41.01 -2.02 -7.57
C GLY C 183 40.00 -0.97 -8.04
N ALA C 184 38.71 -1.17 -7.83
CA ALA C 184 37.75 -0.13 -8.20
C ALA C 184 38.01 1.14 -7.39
N ARG C 185 38.10 2.25 -8.12
CA ARG C 185 38.17 3.60 -7.55
C ARG C 185 37.01 4.43 -8.11
N VAL C 186 36.16 4.91 -7.20
CA VAL C 186 34.89 5.50 -7.58
C VAL C 186 34.90 7.02 -7.30
N LEU C 187 34.73 7.78 -8.39
CA LEU C 187 34.55 9.23 -8.33
C LEU C 187 33.07 9.49 -8.06
N VAL C 188 32.79 10.02 -6.89
CA VAL C 188 31.44 10.31 -6.48
C VAL C 188 31.24 11.81 -6.47
N VAL C 189 30.22 12.30 -7.16
CA VAL C 189 30.02 13.74 -7.30
C VAL C 189 28.56 14.10 -7.20
N ALA C 190 28.27 15.17 -6.47
CA ALA C 190 26.91 15.73 -6.38
C ALA C 190 26.97 17.20 -6.71
N CYS C 191 26.02 17.68 -7.49
CA CYS C 191 26.03 19.04 -7.88
C CYS C 191 24.62 19.62 -8.04
N GLU C 192 24.39 20.77 -7.41
CA GLU C 192 23.07 21.42 -7.48
C GLU C 192 23.23 22.87 -7.83
N ILE C 193 22.39 23.35 -8.74
CA ILE C 193 22.34 24.76 -9.10
C ILE C 193 20.86 25.09 -9.22
N THR C 194 20.44 26.16 -8.53
CA THR C 194 19.02 26.38 -8.22
C THR C 194 18.21 27.06 -9.30
N VAL C 195 18.71 27.02 -10.53
CA VAL C 195 18.14 27.77 -11.63
C VAL C 195 16.72 27.32 -12.00
N LEU C 196 16.42 26.04 -11.81
CA LEU C 196 15.09 25.51 -12.15
C LEU C 196 14.01 25.81 -11.10
N SER C 197 14.38 26.33 -9.94
CA SER C 197 13.44 26.61 -8.86
C SER C 197 13.36 28.13 -8.55
N PHE C 198 14.31 28.89 -9.09
CA PHE C 198 14.28 30.33 -8.89
C PHE C 198 13.04 30.91 -9.58
N ARG C 199 12.30 31.75 -8.88
CA ARG C 199 11.18 32.47 -9.48
C ARG C 199 10.87 33.68 -8.61
N GLY C 200 10.07 34.59 -9.15
CA GLY C 200 9.62 35.78 -8.44
C GLY C 200 8.42 35.46 -7.59
N PRO C 201 7.99 36.44 -6.78
CA PRO C 201 7.06 36.20 -5.69
C PRO C 201 5.58 36.32 -6.05
N ASN C 202 4.76 35.55 -5.33
CA ASN C 202 3.30 35.66 -5.41
C ASN C 202 2.69 35.83 -4.03
N GLU C 203 1.81 36.83 -3.87
CA GLU C 203 1.12 37.09 -2.57
C GLU C 203 0.34 35.88 -2.07
N GLY C 204 -0.21 35.13 -3.03
CA GLY C 204 -1.01 33.96 -2.75
C GLY C 204 -0.21 32.75 -2.31
N ASP C 205 1.10 32.79 -2.51
CA ASP C 205 1.91 31.61 -2.23
C ASP C 205 3.09 31.96 -1.33
N PHE C 206 2.83 32.73 -0.27
CA PHE C 206 3.90 33.29 0.54
C PHE C 206 4.94 32.25 1.09
N GLU C 207 4.46 31.08 1.48
CA GLU C 207 5.27 30.06 2.11
C GLU C 207 6.32 29.42 1.17
N ALA C 208 5.97 29.24 -0.10
CA ALA C 208 6.92 28.74 -1.12
C ALA C 208 8.23 29.56 -1.18
N LEU C 209 8.17 30.80 -0.71
CA LEU C 209 9.31 31.69 -0.68
C LEU C 209 10.50 31.15 0.13
N ALA C 210 10.25 30.18 1.00
CA ALA C 210 11.27 29.53 1.78
C ALA C 210 12.29 28.88 0.84
N PHE C 211 11.82 28.51 -0.35
CA PHE C 211 12.68 27.98 -1.39
C PHE C 211 13.47 29.03 -2.15
N GLN C 212 13.19 30.31 -1.90
CA GLN C 212 14.00 31.35 -2.48
C GLN C 212 15.03 31.86 -1.50
N ALA C 213 14.73 31.67 -0.23
CA ALA C 213 15.61 32.20 0.78
C ALA C 213 16.64 31.17 1.29
N GLY C 214 16.37 29.90 1.02
CA GLY C 214 17.00 28.78 1.74
C GLY C 214 17.96 27.89 0.97
N PHE C 215 17.74 27.73 -0.33
CA PHE C 215 18.60 26.92 -1.19
C PHE C 215 19.76 27.67 -1.78
N GLY C 216 20.95 27.03 -1.82
CA GLY C 216 22.14 27.63 -2.42
C GLY C 216 22.65 26.68 -3.47
N ASP C 217 23.65 27.12 -4.26
CA ASP C 217 24.25 26.23 -5.27
C ASP C 217 25.57 25.65 -4.75
N GLY C 218 25.98 24.54 -5.31
CA GLY C 218 27.21 23.91 -4.80
C GLY C 218 27.42 22.50 -5.30
N ALA C 219 28.67 22.03 -5.16
CA ALA C 219 29.07 20.73 -5.64
C ALA C 219 30.03 20.07 -4.65
N GLY C 220 29.88 18.76 -4.51
CA GLY C 220 30.76 18.03 -3.61
C GLY C 220 31.24 16.78 -4.33
N ALA C 221 32.46 16.36 -4.02
CA ALA C 221 33.00 15.17 -4.63
C ALA C 221 33.88 14.40 -3.65
N VAL C 222 33.86 13.09 -3.78
CA VAL C 222 34.77 12.27 -3.00
C VAL C 222 35.29 11.23 -3.92
N VAL C 223 36.37 10.57 -3.52
CA VAL C 223 36.88 9.38 -4.18
C VAL C 223 36.68 8.24 -3.18
N VAL C 224 36.12 7.12 -3.64
CA VAL C 224 35.84 5.99 -2.76
C VAL C 224 36.54 4.73 -3.28
N GLY C 225 37.15 3.97 -2.38
CA GLY C 225 37.91 2.80 -2.78
C GLY C 225 38.10 1.86 -1.61
N ALA C 226 38.10 0.56 -1.88
CA ALA C 226 38.51 -0.40 -0.86
C ALA C 226 39.99 -0.70 -1.04
N ASP C 227 40.60 -1.37 -0.05
CA ASP C 227 41.99 -1.84 -0.12
C ASP C 227 42.98 -0.74 -0.52
N PRO C 228 43.12 0.31 0.31
CA PRO C 228 43.95 1.45 -0.05
C PRO C 228 45.43 1.08 -0.13
N LEU C 229 46.15 1.66 -1.10
CA LEU C 229 47.57 1.39 -1.26
C LEU C 229 48.38 1.92 -0.08
N GLU C 230 49.14 1.00 0.54
CA GLU C 230 50.08 1.27 1.62
C GLU C 230 50.91 2.50 1.31
N GLY C 231 50.76 3.55 2.12
CA GLY C 231 51.56 4.78 2.01
C GLY C 231 51.36 5.64 0.78
N ILE C 232 50.15 5.65 0.23
CA ILE C 232 49.83 6.43 -0.95
C ILE C 232 48.43 7.00 -0.85
N GLU C 233 47.50 6.14 -0.43
CA GLU C 233 46.14 6.53 -0.23
C GLU C 233 45.84 6.63 1.28
N LYS C 234 45.46 7.81 1.76
CA LYS C 234 45.19 7.98 3.19
C LYS C 234 43.69 8.18 3.41
N PRO C 235 42.95 7.11 3.79
CA PRO C 235 41.51 7.18 4.07
C PRO C 235 41.18 8.16 5.17
N ILE C 236 40.15 8.97 4.92
CA ILE C 236 39.55 9.92 5.87
C ILE C 236 38.49 9.22 6.73
N TYR C 237 37.69 8.35 6.12
CA TYR C 237 36.74 7.52 6.85
C TYR C 237 36.58 6.18 6.15
N GLU C 238 36.11 5.19 6.92
CA GLU C 238 35.75 3.86 6.38
C GLU C 238 34.24 3.81 6.42
N ILE C 239 33.64 3.12 5.46
CA ILE C 239 32.20 2.98 5.42
C ILE C 239 31.82 1.64 5.95
N ALA C 240 31.22 1.62 7.12
CA ALA C 240 30.87 0.37 7.78
C ALA C 240 29.54 -0.18 7.32
N ALA C 241 28.59 0.71 6.97
CA ALA C 241 27.26 0.28 6.54
C ALA C 241 26.51 1.41 5.85
N ALA C 242 25.53 1.06 5.04
CA ALA C 242 24.74 2.04 4.37
C ALA C 242 23.38 1.45 4.05
N MET C 243 22.32 2.22 4.28
CA MET C 243 20.95 1.74 4.13
C MET C 243 20.00 2.91 3.91
N GLN C 244 18.88 2.61 3.29
CA GLN C 244 17.79 3.55 3.09
C GLN C 244 16.56 2.99 3.79
N GLU C 245 15.76 3.89 4.32
CA GLU C 245 14.49 3.55 4.96
C GLU C 245 13.45 4.54 4.41
N THR C 246 12.21 4.13 4.35
CA THR C 246 11.11 4.99 3.88
C THR C 246 10.07 5.11 4.99
N VAL C 247 9.73 6.35 5.36
CA VAL C 247 8.73 6.57 6.39
C VAL C 247 7.33 6.32 5.85
N ALA C 248 6.56 5.52 6.58
CA ALA C 248 5.20 5.16 6.19
C ALA C 248 4.37 6.42 6.01
N GLU C 249 3.55 6.46 4.96
CA GLU C 249 2.56 7.53 4.72
C GLU C 249 3.08 8.93 5.03
N SER C 250 4.04 9.39 4.25
CA SER C 250 4.65 10.71 4.42
C SER C 250 5.02 11.33 3.11
N GLN C 251 4.42 10.86 2.02
CA GLN C 251 4.67 11.43 0.69
C GLN C 251 4.36 12.93 0.64
N GLY C 252 3.32 13.37 1.35
CA GLY C 252 2.93 14.78 1.42
C GLY C 252 3.78 15.66 2.33
N ALA C 253 4.79 15.06 2.98
CA ALA C 253 5.63 15.74 3.97
C ALA C 253 6.61 16.73 3.35
N VAL C 254 7.17 16.34 2.21
CA VAL C 254 8.12 17.15 1.42
C VAL C 254 8.25 16.45 0.06
N GLY C 255 8.45 17.25 -0.98
CA GLY C 255 8.49 16.73 -2.33
C GLY C 255 8.47 17.85 -3.33
N GLY C 256 8.06 17.51 -4.55
CA GLY C 256 7.98 18.51 -5.58
C GLY C 256 7.62 17.99 -6.95
N HIS C 257 7.36 18.94 -7.85
CA HIS C 257 6.93 18.63 -9.20
C HIS C 257 7.77 19.42 -10.22
N LEU C 258 8.04 18.73 -11.32
CA LEU C 258 8.70 19.29 -12.48
C LEU C 258 7.63 19.61 -13.53
N ARG C 259 7.45 20.91 -13.81
CA ARG C 259 6.46 21.43 -14.79
C ARG C 259 7.08 22.45 -15.79
N ALA C 260 6.27 22.98 -16.70
CA ALA C 260 6.71 23.95 -17.70
C ALA C 260 7.27 25.23 -17.05
N PHE C 261 6.94 25.44 -15.79
CA PHE C 261 7.47 26.60 -15.10
C PHE C 261 8.67 26.22 -14.25
N GLY C 262 9.20 25.02 -14.46
CA GLY C 262 10.35 24.55 -13.68
C GLY C 262 9.95 23.70 -12.48
N TRP C 263 10.84 23.63 -11.50
CA TRP C 263 10.57 22.86 -10.27
C TRP C 263 9.78 23.67 -9.30
N THR C 264 8.79 23.03 -8.70
CA THR C 264 8.14 23.59 -7.54
C THR C 264 8.19 22.62 -6.39
N PHE C 265 8.42 23.15 -5.18
CA PHE C 265 8.56 22.30 -3.99
C PHE C 265 7.51 22.53 -2.91
N TYR C 266 7.20 21.49 -2.14
CA TYR C 266 6.27 21.63 -1.01
C TYR C 266 6.83 21.01 0.28
N PHE C 267 6.19 21.36 1.40
CA PHE C 267 6.47 20.72 2.69
C PHE C 267 5.33 20.88 3.69
N LEU C 268 5.31 20.04 4.72
CA LEU C 268 4.41 20.23 5.83
C LEU C 268 5.18 20.77 7.04
N ASN C 269 4.52 21.58 7.88
CA ASN C 269 5.20 22.14 9.07
C ASN C 269 5.79 21.13 10.03
N GLN C 270 5.24 19.94 10.06
CA GLN C 270 5.60 18.91 11.03
C GLN C 270 6.75 18.00 10.53
N LEU C 271 7.35 18.37 9.39
CA LEU C 271 8.50 17.69 8.78
C LEU C 271 9.71 17.49 9.70
N PRO C 272 10.12 18.55 10.44
CA PRO C 272 11.24 18.31 11.35
C PRO C 272 10.96 17.14 12.28
N ALA C 273 9.72 17.06 12.79
CA ALA C 273 9.31 15.99 13.71
C ALA C 273 9.29 14.62 13.04
N ILE C 274 8.71 14.56 11.85
CA ILE C 274 8.75 13.34 11.08
C ILE C 274 10.19 12.90 10.79
N ILE C 275 11.11 13.83 10.49
CA ILE C 275 12.47 13.39 10.26
C ILE C 275 13.07 12.87 11.57
N ALA C 276 13.08 13.75 12.57
CA ALA C 276 13.76 13.50 13.83
C ALA C 276 13.27 12.22 14.47
N ASP C 277 11.97 11.97 14.43
CA ASP C 277 11.43 10.80 15.13
C ASP C 277 11.76 9.44 14.50
N ASN C 278 12.09 9.42 13.23
CA ASN C 278 12.30 8.16 12.55
C ASN C 278 13.75 7.82 12.37
N LEU C 279 14.61 8.62 13.00
CA LEU C 279 16.03 8.28 13.08
C LEU C 279 16.25 7.38 14.26
N GLY C 280 15.41 7.54 15.29
CA GLY C 280 15.51 6.72 16.52
C GLY C 280 15.77 5.23 16.30
N ARG C 281 14.74 4.49 15.90
CA ARG C 281 14.92 3.05 15.70
C ARG C 281 15.66 2.72 14.40
N SER C 282 15.40 3.50 13.35
CA SER C 282 16.19 3.42 12.13
C SER C 282 17.69 3.19 12.45
N LEU C 283 18.21 3.92 13.44
CA LEU C 283 19.64 3.91 13.75
C LEU C 283 20.10 2.94 14.83
N GLU C 284 19.26 2.75 15.86
CA GLU C 284 19.67 1.95 17.01
C GLU C 284 20.24 0.59 16.58
N ARG C 285 19.60 -0.05 15.59
CA ARG C 285 19.96 -1.44 15.26
C ARG C 285 21.35 -1.55 14.62
N ALA C 286 21.65 -0.64 13.70
CA ALA C 286 22.96 -0.55 13.05
C ALA C 286 24.07 -0.30 14.05
N LEU C 287 23.79 0.58 15.03
CA LEU C 287 24.81 1.03 15.96
C LEU C 287 25.01 0.10 17.17
N ALA C 288 23.96 -0.63 17.58
CA ALA C 288 24.06 -1.54 18.75
C ALA C 288 25.28 -2.49 18.72
N PRO C 289 25.51 -3.21 17.60
CA PRO C 289 26.68 -4.12 17.54
C PRO C 289 28.07 -3.47 17.72
N LEU C 290 28.12 -2.14 17.74
CA LEU C 290 29.42 -1.46 17.80
C LEU C 290 29.82 -1.05 19.21
N GLY C 291 28.90 -1.21 20.16
CA GLY C 291 29.14 -0.80 21.55
C GLY C 291 28.38 0.47 21.93
N VAL C 292 27.71 1.06 20.93
CA VAL C 292 27.02 2.33 21.09
C VAL C 292 25.78 2.23 22.01
N ARG C 293 25.77 3.10 23.03
CA ARG C 293 24.71 3.10 24.04
C ARG C 293 23.88 4.40 24.00
N GLU C 294 24.51 5.49 23.56
CA GLU C 294 23.92 6.81 23.62
C GLU C 294 24.21 7.57 22.33
N TRP C 295 23.22 8.34 21.86
CA TRP C 295 23.42 9.16 20.68
C TRP C 295 24.69 10.00 20.71
N ASN C 296 25.08 10.49 21.87
CA ASN C 296 26.32 11.27 21.98
C ASN C 296 27.64 10.51 21.87
N ASP C 297 27.60 9.19 21.73
CA ASP C 297 28.84 8.39 21.68
C ASP C 297 29.42 8.40 20.28
N VAL C 298 28.66 8.96 19.34
CA VAL C 298 29.06 8.94 17.95
C VAL C 298 29.10 10.33 17.32
N PHE C 299 29.91 10.49 16.27
CA PHE C 299 29.90 11.76 15.52
C PHE C 299 28.75 11.82 14.49
N TRP C 300 28.45 13.03 14.01
CA TRP C 300 27.30 13.24 13.11
C TRP C 300 27.62 14.10 11.87
N VAL C 301 27.24 13.60 10.71
CA VAL C 301 27.41 14.35 9.49
C VAL C 301 26.01 14.52 8.90
N ALA C 302 25.30 15.53 9.35
CA ALA C 302 23.90 15.58 9.01
C ALA C 302 23.65 16.53 7.88
N HIS C 303 22.95 16.05 6.86
CA HIS C 303 22.35 16.96 5.90
C HIS C 303 21.50 17.97 6.67
N PRO C 304 21.69 19.29 6.44
CA PRO C 304 20.94 20.20 7.29
C PRO C 304 19.45 20.35 6.93
N GLY C 305 19.10 20.59 5.68
CA GLY C 305 17.66 20.64 5.34
C GLY C 305 17.15 22.05 5.58
N ASN C 306 16.97 22.42 6.85
CA ASN C 306 16.85 23.82 7.31
C ASN C 306 17.08 23.87 8.82
N TRP C 307 17.07 25.07 9.40
CA TRP C 307 17.34 25.28 10.84
C TRP C 307 16.43 24.49 11.79
N ALA C 308 15.12 24.54 11.52
CA ALA C 308 14.13 23.81 12.30
C ALA C 308 14.43 22.30 12.35
N ILE C 309 14.90 21.72 11.23
CA ILE C 309 15.24 20.27 11.14
C ILE C 309 16.46 19.90 12.01
N ILE C 310 17.53 20.69 11.92
CA ILE C 310 18.65 20.55 12.85
C ILE C 310 18.19 20.59 14.32
N ASP C 311 17.36 21.57 14.68
CA ASP C 311 16.85 21.68 16.06
C ASP C 311 16.11 20.44 16.50
N ALA C 312 15.21 19.94 15.64
CA ALA C 312 14.43 18.74 15.93
C ALA C 312 15.33 17.50 16.19
N ILE C 313 16.35 17.33 15.38
CA ILE C 313 17.17 16.13 15.50
C ILE C 313 17.90 16.19 16.83
N GLU C 314 18.44 17.38 17.13
CA GLU C 314 19.16 17.65 18.37
C GLU C 314 18.29 17.48 19.64
N ALA C 315 17.10 18.08 19.64
CA ALA C 315 16.19 17.95 20.76
C ALA C 315 15.83 16.48 20.99
N LYS C 316 15.32 15.82 19.93
CA LYS C 316 14.91 14.43 20.00
C LYS C 316 16.00 13.44 20.46
N LEU C 317 17.17 13.51 19.83
CA LEU C 317 18.23 12.57 20.13
C LEU C 317 19.03 13.04 21.34
N GLN C 318 18.67 14.22 21.86
CA GLN C 318 19.31 14.80 23.01
C GLN C 318 20.81 14.93 22.76
N LEU C 319 21.14 15.39 21.55
CA LEU C 319 22.51 15.71 21.18
C LEU C 319 23.00 17.04 21.83
N SER C 320 24.24 17.01 22.31
CA SER C 320 24.91 18.22 22.74
C SER C 320 25.18 19.12 21.50
N PRO C 321 25.30 20.45 21.71
CA PRO C 321 25.29 21.35 20.54
C PRO C 321 26.45 21.23 19.57
N ASP C 322 27.54 20.57 19.96
CA ASP C 322 28.70 20.42 19.08
C ASP C 322 28.52 19.43 17.92
N LYS C 323 27.60 18.48 18.10
CA LYS C 323 27.35 17.38 17.15
C LYS C 323 26.87 17.77 15.75
N LEU C 324 25.88 18.65 15.68
CA LEU C 324 25.34 19.11 14.42
C LEU C 324 25.83 20.51 14.10
N SER C 325 26.73 21.06 14.94
CA SER C 325 27.34 22.40 14.68
C SER C 325 28.04 22.54 13.30
N THR C 326 28.61 21.46 12.76
CA THR C 326 29.15 21.46 11.41
C THR C 326 28.02 21.55 10.37
N ALA C 327 26.87 20.98 10.67
CA ALA C 327 25.71 21.13 9.79
C ALA C 327 25.20 22.57 9.86
N ARG C 328 25.19 23.17 11.05
CA ARG C 328 24.78 24.58 11.24
C ARG C 328 25.71 25.53 10.51
N HIS C 329 27.01 25.33 10.70
CA HIS C 329 28.00 26.18 10.06
C HIS C 329 27.75 26.29 8.56
N VAL C 330 27.77 25.14 7.89
CA VAL C 330 27.63 24.99 6.45
C VAL C 330 26.29 25.54 6.01
N PHE C 331 25.24 25.23 6.76
CA PHE C 331 23.94 25.73 6.43
C PHE C 331 23.93 27.26 6.43
N THR C 332 24.49 27.87 7.48
CA THR C 332 24.59 29.33 7.65
C THR C 332 25.49 30.02 6.61
N GLU C 333 26.52 29.32 6.14
CA GLU C 333 27.54 29.89 5.25
C GLU C 333 27.31 29.61 3.78
N TYR C 334 26.41 28.66 3.48
CA TYR C 334 26.12 28.22 2.11
C TYR C 334 24.64 27.99 1.81
N GLY C 335 23.81 27.83 2.84
CA GLY C 335 22.42 27.50 2.65
C GLY C 335 22.19 26.01 2.36
N ASN C 336 20.99 25.68 1.88
CA ASN C 336 20.74 24.29 1.54
C ASN C 336 21.14 23.97 0.08
N MET C 337 22.23 23.22 -0.09
CA MET C 337 22.74 22.94 -1.43
C MET C 337 22.33 21.55 -1.92
N GLN C 338 21.19 21.07 -1.39
CA GLN C 338 20.64 19.75 -1.69
C GLN C 338 21.67 18.61 -1.61
N SER C 339 21.64 17.67 -2.55
CA SER C 339 22.48 16.46 -2.44
C SER C 339 23.91 16.81 -2.06
N ALA C 340 24.39 17.94 -2.57
CA ALA C 340 25.76 18.39 -2.31
C ALA C 340 26.09 18.73 -0.85
N THR C 341 25.10 19.09 -0.07
CA THR C 341 25.39 19.72 1.23
C THR C 341 26.17 18.82 2.20
N VAL C 342 25.83 17.55 2.18
CA VAL C 342 26.37 16.62 3.14
C VAL C 342 27.91 16.52 2.93
N TYR C 343 28.37 16.89 1.73
CA TYR C 343 29.82 16.81 1.45
C TYR C 343 30.61 17.94 2.06
N PHE C 344 30.00 19.11 2.01
CA PHE C 344 30.56 20.26 2.66
C PHE C 344 30.62 19.96 4.16
N VAL C 345 29.55 19.37 4.72
CA VAL C 345 29.49 19.07 6.16
C VAL C 345 30.61 18.10 6.53
N MET C 346 30.74 17.04 5.74
CA MET C 346 31.78 16.05 5.93
C MET C 346 33.16 16.71 5.92
N ASP C 347 33.37 17.57 4.91
CA ASP C 347 34.67 18.24 4.74
C ASP C 347 35.01 19.07 5.96
N GLU C 348 34.01 19.82 6.41
CA GLU C 348 34.10 20.69 7.55
C GLU C 348 34.46 19.96 8.83
N LEU C 349 33.96 18.75 8.98
CA LEU C 349 34.23 17.96 10.16
C LEU C 349 35.68 17.50 10.24
N ARG C 350 36.19 16.93 9.17
CA ARG C 350 37.54 16.41 9.26
C ARG C 350 38.49 17.59 9.38
N LYS C 351 38.07 18.76 8.90
CA LYS C 351 38.92 19.96 9.00
C LYS C 351 38.94 20.45 10.44
N ARG C 352 37.77 20.50 11.07
CA ARG C 352 37.65 20.93 12.45
C ARG C 352 38.39 19.97 13.38
N SER C 353 38.19 18.68 13.16
CA SER C 353 38.91 17.68 13.93
C SER C 353 40.42 17.97 13.94
N ALA C 354 40.97 18.31 12.75
CA ALA C 354 42.40 18.61 12.60
C ALA C 354 42.81 19.92 13.30
N VAL C 355 41.97 20.96 13.16
CA VAL C 355 42.27 22.30 13.68
C VAL C 355 42.19 22.32 15.20
N GLU C 356 41.17 21.64 15.75
CA GLU C 356 40.97 21.54 17.19
C GLU C 356 41.84 20.49 17.91
N GLY C 357 42.74 19.84 17.19
CA GLY C 357 43.63 18.83 17.77
C GLY C 357 43.03 17.50 18.24
N ARG C 358 42.02 17.05 17.50
CA ARG C 358 41.32 15.80 17.82
C ARG C 358 42.09 14.55 17.37
N SER C 359 41.84 13.42 18.02
CA SER C 359 42.57 12.18 17.72
C SER C 359 42.03 11.44 16.48
N THR C 360 40.86 11.82 16.01
CA THR C 360 40.27 11.18 14.84
C THR C 360 39.61 12.19 13.96
N THR C 361 39.34 11.78 12.73
CA THR C 361 38.72 12.59 11.74
C THR C 361 37.26 12.75 12.07
N GLY C 362 36.84 12.18 13.20
CA GLY C 362 35.44 12.19 13.61
C GLY C 362 35.27 12.88 14.93
N ASP C 363 36.00 13.99 15.10
CA ASP C 363 35.97 14.85 16.29
C ASP C 363 36.40 14.10 17.56
N GLY C 364 37.32 13.14 17.43
CA GLY C 364 37.79 12.38 18.57
C GLY C 364 37.05 11.06 18.80
N LEU C 365 35.93 10.89 18.09
CA LEU C 365 35.11 9.69 18.27
C LEU C 365 35.41 8.64 17.21
N GLN C 366 35.13 7.36 17.49
CA GLN C 366 35.40 6.29 16.54
C GLN C 366 34.27 6.08 15.50
N TRP C 367 33.03 5.97 15.96
CA TRP C 367 31.94 5.73 15.01
C TRP C 367 31.12 6.99 14.80
N GLY C 368 30.48 7.10 13.64
CA GLY C 368 29.65 8.26 13.30
C GLY C 368 28.59 7.91 12.28
N VAL C 369 27.61 8.78 12.12
CA VAL C 369 26.58 8.52 11.14
C VAL C 369 26.42 9.67 10.19
N LEU C 370 26.55 9.38 8.92
CA LEU C 370 26.23 10.37 7.93
C LEU C 370 24.77 10.14 7.52
N LEU C 371 24.06 11.24 7.38
CA LEU C 371 22.62 11.27 7.39
C LEU C 371 22.07 12.14 6.27
N GLY C 372 21.35 11.54 5.33
CA GLY C 372 20.64 12.27 4.29
C GLY C 372 19.13 12.05 4.43
N PHE C 373 18.33 13.00 3.93
CA PHE C 373 16.88 12.83 3.89
C PHE C 373 16.16 13.69 2.87
N GLY C 374 15.10 13.13 2.31
CA GLY C 374 14.40 13.78 1.23
C GLY C 374 13.04 13.18 1.01
N PRO C 375 12.37 13.61 -0.09
CA PRO C 375 11.09 13.11 -0.53
C PRO C 375 10.98 11.60 -0.42
N GLY C 376 9.89 11.13 0.18
CA GLY C 376 9.63 9.72 0.43
C GLY C 376 8.54 9.58 1.50
N LEU C 377 8.81 9.98 2.74
CA LEU C 377 10.09 10.49 3.15
C LEU C 377 11.20 9.40 3.15
N SER C 378 12.31 9.70 2.47
CA SER C 378 13.40 8.76 2.37
C SER C 378 14.52 9.14 3.33
N ILE C 379 15.02 8.16 4.08
CA ILE C 379 16.11 8.42 5.03
C ILE C 379 17.37 7.61 4.69
N GLU C 380 18.45 8.30 4.35
CA GLU C 380 19.74 7.64 4.06
C GLU C 380 20.68 7.67 5.24
N THR C 381 21.25 6.52 5.55
CA THR C 381 22.10 6.36 6.72
C THR C 381 23.41 5.72 6.30
N VAL C 382 24.51 6.40 6.59
CA VAL C 382 25.81 5.80 6.35
C VAL C 382 26.54 5.81 7.67
N VAL C 383 26.93 4.62 8.14
CA VAL C 383 27.68 4.53 9.38
C VAL C 383 29.11 4.62 8.98
N LEU C 384 29.80 5.61 9.53
CA LEU C 384 31.22 5.78 9.22
C LEU C 384 32.06 5.39 10.39
N ARG C 385 33.30 5.06 10.10
CA ARG C 385 34.30 5.05 11.12
C ARG C 385 35.41 6.03 10.74
N SER C 386 35.88 6.75 11.75
CA SER C 386 36.92 7.71 11.54
C SER C 386 38.30 7.04 11.45
N MET C 387 39.29 7.89 11.24
CA MET C 387 40.65 7.53 11.00
C MET C 387 41.48 8.36 11.98
N PRO C 388 42.62 7.82 12.44
CA PRO C 388 43.50 8.53 13.37
C PRO C 388 44.13 9.74 12.70
N LEU C 389 44.23 10.82 13.49
CA LEU C 389 44.97 11.99 13.12
C LEU C 389 46.27 11.94 13.91
N HIS C 390 47.38 11.93 13.19
CA HIS C 390 48.70 11.95 13.80
C HIS C 390 49.14 13.39 13.70
N HIS C 391 48.99 14.13 14.80
CA HIS C 391 49.37 15.55 14.80
C HIS C 391 50.86 15.67 14.98
N HIS C 392 51.45 14.59 15.49
CA HIS C 392 52.91 14.51 15.67
C HIS C 392 53.65 14.36 14.32
N HIS C 393 53.21 15.23 13.38
CA HIS C 393 53.84 15.55 12.09
C HIS C 393 54.23 14.34 11.23
N ASN D 3 38.01 -7.61 12.64
CA ASN D 3 37.02 -6.56 12.98
C ASN D 3 36.28 -6.11 11.72
N LEU D 4 36.72 -5.00 11.12
CA LEU D 4 36.09 -4.44 9.92
C LEU D 4 36.34 -5.28 8.64
N HIS D 5 37.46 -6.01 8.61
CA HIS D 5 37.72 -6.99 7.54
C HIS D 5 36.95 -8.29 7.79
N ALA D 6 36.81 -8.67 9.07
CA ALA D 6 36.02 -9.82 9.49
C ALA D 6 34.52 -9.67 9.22
N LEU D 7 33.94 -8.54 9.62
CA LEU D 7 32.54 -8.22 9.38
C LEU D 7 32.21 -8.30 7.89
N ARG D 8 33.09 -7.71 7.09
CA ARG D 8 32.95 -7.62 5.65
C ARG D 8 32.84 -9.01 4.99
N ARG D 9 33.54 -10.00 5.52
CA ARG D 9 33.46 -11.39 5.03
C ARG D 9 32.10 -12.02 5.36
N GLU D 10 31.59 -11.76 6.54
CA GLU D 10 30.29 -12.27 6.96
C GLU D 10 29.10 -11.68 6.17
N GLN D 11 29.26 -10.45 5.70
CA GLN D 11 28.17 -9.66 5.13
C GLN D 11 28.02 -9.75 3.61
N ARG D 12 29.00 -10.35 2.94
CA ARG D 12 29.01 -10.44 1.48
C ARG D 12 28.34 -11.75 1.00
N ALA D 13 27.95 -11.78 -0.26
CA ALA D 13 27.48 -12.98 -0.93
C ALA D 13 28.70 -13.78 -1.35
N GLN D 14 28.52 -15.05 -1.74
CA GLN D 14 29.66 -15.87 -2.17
C GLN D 14 29.85 -16.01 -3.70
N GLY D 15 28.75 -16.20 -4.43
CA GLY D 15 28.88 -16.50 -5.85
C GLY D 15 28.36 -15.36 -6.70
N PRO D 16 28.15 -15.62 -8.00
CA PRO D 16 27.76 -14.57 -8.95
C PRO D 16 26.27 -14.17 -8.86
N ALA D 17 25.97 -12.92 -9.16
CA ALA D 17 24.56 -12.52 -9.35
C ALA D 17 23.96 -13.46 -10.38
N THR D 18 22.73 -13.88 -10.16
CA THR D 18 22.01 -14.66 -11.16
C THR D 18 20.69 -13.95 -11.48
N ILE D 19 20.14 -14.20 -12.66
CA ILE D 19 18.82 -13.68 -13.00
C ILE D 19 17.83 -14.81 -12.72
N MET D 20 16.94 -14.64 -11.75
CA MET D 20 16.05 -15.73 -11.32
C MET D 20 14.60 -15.65 -11.87
N ALA D 21 14.26 -14.60 -12.60
CA ALA D 21 12.89 -14.44 -13.13
C ALA D 21 12.82 -13.27 -14.07
N ILE D 22 11.94 -13.35 -15.05
CA ILE D 22 11.77 -12.25 -15.97
C ILE D 22 10.28 -12.06 -16.17
N GLY D 23 9.81 -10.82 -16.10
CA GLY D 23 8.42 -10.51 -16.45
C GLY D 23 8.33 -9.33 -17.39
N THR D 24 7.38 -9.37 -18.31
CA THR D 24 7.20 -8.25 -19.22
C THR D 24 5.75 -7.77 -19.26
N ALA D 25 5.51 -6.57 -19.78
CA ALA D 25 4.15 -6.04 -19.94
C ALA D 25 4.10 -4.89 -20.92
N THR D 26 2.93 -4.70 -21.53
CA THR D 26 2.69 -3.57 -22.41
C THR D 26 1.36 -2.95 -22.03
N PRO D 27 1.08 -1.72 -22.50
CA PRO D 27 -0.28 -1.18 -22.41
C PRO D 27 -1.24 -2.03 -23.23
N PRO D 28 -2.57 -1.90 -22.98
CA PRO D 28 -3.58 -2.72 -23.69
C PRO D 28 -3.86 -2.31 -25.14
N ASN D 29 -3.44 -1.12 -25.54
CA ASN D 29 -3.80 -0.58 -26.86
C ASN D 29 -2.88 -1.00 -27.98
N LEU D 30 -3.40 -1.88 -28.85
CA LEU D 30 -2.72 -2.34 -30.06
C LEU D 30 -2.73 -1.34 -31.23
N TYR D 31 -1.54 -1.13 -31.81
CA TYR D 31 -1.40 -0.32 -33.01
C TYR D 31 -0.72 -1.14 -34.08
N GLU D 32 -1.52 -1.60 -35.03
CA GLU D 32 -0.97 -2.30 -36.19
C GLU D 32 -0.31 -1.26 -37.09
N GLN D 33 0.82 -1.64 -37.69
CA GLN D 33 1.65 -0.69 -38.43
C GLN D 33 1.04 -0.28 -39.77
N SER D 34 0.49 -1.24 -40.51
CA SER D 34 -0.10 -0.99 -41.82
C SER D 34 -1.22 0.09 -41.82
N THR D 35 -1.88 0.27 -40.66
CA THR D 35 -2.91 1.31 -40.52
C THR D 35 -2.49 2.42 -39.56
N PHE D 36 -1.23 2.43 -39.12
CA PHE D 36 -0.79 3.52 -38.27
C PHE D 36 -0.82 4.88 -38.98
N PRO D 37 -0.32 4.94 -40.24
CA PRO D 37 -0.29 6.23 -40.93
C PRO D 37 -1.69 6.86 -40.97
N ASP D 38 -2.70 6.04 -41.24
CA ASP D 38 -4.08 6.50 -41.23
C ASP D 38 -4.44 7.06 -39.87
N PHE D 39 -4.16 6.32 -38.83
CA PHE D 39 -4.55 6.74 -37.51
C PHE D 39 -3.84 8.03 -37.09
N TYR D 40 -2.54 8.10 -37.37
CA TYR D 40 -1.69 9.20 -36.92
C TYR D 40 -1.99 10.52 -37.63
N PHE D 41 -2.39 10.45 -38.90
CA PHE D 41 -2.70 11.66 -39.61
C PHE D 41 -4.10 12.21 -39.30
N ARG D 42 -5.09 11.31 -39.16
CA ARG D 42 -6.46 11.67 -38.74
C ARG D 42 -6.43 12.36 -37.36
N VAL D 43 -5.65 11.80 -36.46
CA VAL D 43 -5.76 12.13 -35.05
C VAL D 43 -5.03 13.43 -34.71
N THR D 44 -4.02 13.76 -35.52
CA THR D 44 -3.27 15.01 -35.40
C THR D 44 -3.82 16.12 -36.33
N ASN D 45 -5.04 15.96 -36.84
CA ASN D 45 -5.63 16.87 -37.83
C ASN D 45 -4.67 17.31 -38.94
N SER D 46 -4.18 16.34 -39.71
CA SER D 46 -3.13 16.58 -40.71
C SER D 46 -3.46 15.91 -42.04
N ASP D 47 -4.74 15.70 -42.30
CA ASP D 47 -5.18 15.02 -43.52
C ASP D 47 -5.02 15.81 -44.83
N ASP D 48 -4.81 17.12 -44.70
CA ASP D 48 -4.49 17.99 -45.83
C ASP D 48 -3.08 17.72 -46.39
N LYS D 49 -2.20 17.22 -45.53
CA LYS D 49 -0.80 16.97 -45.86
C LYS D 49 -0.64 15.59 -46.49
N GLN D 50 -1.35 15.39 -47.60
CA GLN D 50 -1.45 14.09 -48.25
C GLN D 50 -0.14 13.48 -48.76
N GLU D 51 0.76 14.31 -49.32
CA GLU D 51 2.02 13.78 -49.86
C GLU D 51 2.97 13.37 -48.73
N LEU D 52 2.80 14.01 -47.57
CA LEU D 52 3.54 13.63 -46.39
C LEU D 52 3.04 12.31 -45.84
N LYS D 53 1.72 12.11 -45.90
CA LYS D 53 1.12 10.86 -45.45
C LYS D 53 1.68 9.67 -46.21
N LYS D 54 1.70 9.75 -47.54
CA LYS D 54 2.29 8.72 -48.37
C LYS D 54 3.74 8.44 -47.96
N LYS D 55 4.51 9.52 -47.80
CA LYS D 55 5.92 9.40 -47.43
C LYS D 55 6.12 8.78 -46.05
N PHE D 56 5.24 9.11 -45.09
CA PHE D 56 5.22 8.42 -43.79
C PHE D 56 4.81 6.95 -43.86
N ARG D 57 3.92 6.61 -44.79
CA ARG D 57 3.50 5.21 -44.97
C ARG D 57 4.67 4.34 -45.45
N ARG D 58 5.48 4.90 -46.36
CA ARG D 58 6.68 4.22 -46.86
C ARG D 58 7.70 3.96 -45.72
N MET D 59 8.01 5.02 -44.97
CA MET D 59 8.91 4.97 -43.83
C MET D 59 8.43 3.88 -42.86
N CYS D 60 7.11 3.84 -42.61
CA CYS D 60 6.47 2.78 -41.80
C CYS D 60 6.62 1.36 -42.31
N GLU D 61 6.48 1.17 -43.62
CA GLU D 61 6.67 -0.13 -44.23
C GLU D 61 8.14 -0.50 -44.07
N LYS D 62 9.02 0.46 -44.30
CA LYS D 62 10.45 0.23 -44.23
C LYS D 62 10.96 0.00 -42.80
N THR D 63 10.14 0.29 -41.78
CA THR D 63 10.62 0.14 -40.40
C THR D 63 10.74 -1.31 -40.04
N MET D 64 9.90 -2.13 -40.68
CA MET D 64 9.73 -3.56 -40.41
C MET D 64 9.01 -3.85 -39.08
N VAL D 65 8.42 -2.83 -38.45
CA VAL D 65 7.58 -3.03 -37.27
C VAL D 65 6.21 -3.46 -37.75
N LYS D 66 5.65 -4.52 -37.16
CA LYS D 66 4.27 -4.92 -37.48
C LYS D 66 3.27 -4.40 -36.43
N LYS D 67 3.67 -4.45 -35.16
CA LYS D 67 2.83 -4.09 -34.01
C LYS D 67 3.55 -3.25 -32.95
N ARG D 68 2.83 -2.32 -32.34
CA ARG D 68 3.29 -1.72 -31.07
C ARG D 68 2.12 -1.57 -30.05
N TYR D 69 2.48 -1.26 -28.80
CA TYR D 69 1.49 -1.00 -27.74
C TYR D 69 1.73 0.39 -27.13
N LEU D 70 0.74 1.26 -27.25
CA LEU D 70 0.94 2.61 -26.76
C LEU D 70 -0.08 2.88 -25.71
N HIS D 71 0.35 3.49 -24.61
CA HIS D 71 -0.59 4.02 -23.62
C HIS D 71 -1.58 5.01 -24.24
N LEU D 72 -1.09 5.83 -25.16
CA LEU D 72 -1.92 6.77 -25.93
C LEU D 72 -3.07 6.13 -26.70
N THR D 73 -4.18 6.87 -26.77
CA THR D 73 -5.36 6.51 -27.55
C THR D 73 -5.91 7.78 -28.13
N GLU D 74 -6.84 7.65 -29.07
CA GLU D 74 -7.51 8.80 -29.66
C GLU D 74 -8.16 9.70 -28.62
N GLU D 75 -8.85 9.10 -27.67
CA GLU D 75 -9.55 9.90 -26.68
C GLU D 75 -8.62 10.63 -25.70
N ILE D 76 -7.46 10.05 -25.37
CA ILE D 76 -6.47 10.78 -24.56
C ILE D 76 -5.95 12.00 -25.31
N LEU D 77 -5.59 11.84 -26.59
CA LEU D 77 -5.22 12.98 -27.42
C LEU D 77 -6.32 14.02 -27.72
N LYS D 78 -7.58 13.65 -27.59
CA LYS D 78 -8.62 14.66 -27.83
C LYS D 78 -8.86 15.47 -26.57
N GLU D 79 -8.57 14.84 -25.45
CA GLU D 79 -8.71 15.44 -24.15
C GLU D 79 -7.55 16.41 -23.94
N ARG D 80 -6.38 16.06 -24.47
CA ARG D 80 -5.16 16.88 -24.42
C ARG D 80 -4.64 17.22 -25.83
N PRO D 81 -5.37 18.07 -26.60
CA PRO D 81 -4.93 18.36 -27.97
C PRO D 81 -3.44 18.78 -28.09
N LYS D 82 -2.90 19.39 -27.05
CA LYS D 82 -1.54 19.89 -27.14
C LYS D 82 -0.53 18.78 -27.39
N LEU D 83 -0.86 17.57 -26.95
CA LEU D 83 -0.02 16.39 -27.19
C LEU D 83 0.27 16.22 -28.68
N CYS D 84 -0.68 16.63 -29.53
CA CYS D 84 -0.57 16.51 -30.99
C CYS D 84 0.26 17.62 -31.65
N SER D 85 0.44 18.75 -30.98
CA SER D 85 1.14 19.86 -31.61
C SER D 85 2.60 19.48 -31.86
N TYR D 86 3.14 20.00 -32.96
CA TYR D 86 4.53 19.80 -33.29
C TYR D 86 5.48 20.39 -32.23
N LYS D 87 5.36 21.69 -31.97
CA LYS D 87 6.33 22.39 -31.11
C LYS D 87 5.72 23.27 -30.01
N GLU D 88 4.40 23.40 -29.98
CA GLU D 88 3.72 24.12 -28.88
C GLU D 88 4.13 23.53 -27.53
N ALA D 89 4.09 24.34 -26.48
CA ALA D 89 4.41 23.87 -25.13
C ALA D 89 3.40 22.80 -24.66
N SER D 90 3.90 21.62 -24.28
CA SER D 90 3.02 20.50 -23.97
C SER D 90 3.52 19.63 -22.80
N PHE D 91 4.55 20.12 -22.10
CA PHE D 91 5.19 19.38 -21.02
C PHE D 91 4.25 19.09 -19.85
N ASP D 92 3.43 20.07 -19.49
CA ASP D 92 2.48 19.88 -18.41
C ASP D 92 1.54 18.68 -18.64
N ASP D 93 0.92 18.64 -19.82
CA ASP D 93 0.04 17.55 -20.22
C ASP D 93 0.77 16.21 -20.20
N ARG D 94 2.01 16.22 -20.69
CA ARG D 94 2.83 15.02 -20.77
C ARG D 94 3.20 14.50 -19.38
N GLN D 95 3.55 15.41 -18.49
CA GLN D 95 3.94 15.01 -17.14
C GLN D 95 2.79 14.38 -16.35
N ASP D 96 1.63 15.02 -16.48
CA ASP D 96 0.38 14.62 -15.87
C ASP D 96 0.18 13.16 -16.10
N ILE D 97 0.43 12.72 -17.33
CA ILE D 97 0.27 11.33 -17.70
C ILE D 97 1.46 10.48 -17.18
N VAL D 98 2.68 10.83 -17.56
CA VAL D 98 3.82 9.95 -17.27
C VAL D 98 4.08 9.71 -15.77
N VAL D 99 3.94 10.71 -14.91
CA VAL D 99 4.16 10.54 -13.47
C VAL D 99 3.23 9.45 -12.88
N GLU D 100 1.98 9.41 -13.33
CA GLU D 100 1.04 8.38 -12.93
C GLU D 100 1.31 7.04 -13.61
N GLU D 101 1.62 7.05 -14.89
CA GLU D 101 1.46 5.82 -15.67
C GLU D 101 2.69 4.93 -15.66
N ILE D 102 3.85 5.57 -15.65
CA ILE D 102 5.11 4.84 -15.62
C ILE D 102 5.13 3.86 -14.44
N PRO D 103 4.81 4.33 -13.22
CA PRO D 103 4.79 3.34 -12.12
C PRO D 103 3.80 2.20 -12.35
N ARG D 104 2.63 2.51 -12.91
CA ARG D 104 1.52 1.57 -13.09
C ARG D 104 1.82 0.42 -14.07
N LEU D 105 2.42 0.76 -15.21
CA LEU D 105 2.85 -0.25 -16.17
C LEU D 105 4.04 -1.08 -15.64
N ALA D 106 4.95 -0.42 -14.93
CA ALA D 106 6.05 -1.13 -14.27
C ALA D 106 5.57 -2.13 -13.22
N LYS D 107 4.45 -1.85 -12.55
CA LYS D 107 3.91 -2.79 -11.56
C LYS D 107 3.63 -4.13 -12.23
N GLU D 108 2.94 -4.07 -13.36
CA GLU D 108 2.57 -5.24 -14.13
C GLU D 108 3.76 -6.18 -14.40
N ALA D 109 4.87 -5.69 -14.91
CA ALA D 109 6.03 -6.54 -15.23
C ALA D 109 6.64 -7.09 -13.96
N ALA D 110 6.72 -6.22 -12.96
CA ALA D 110 7.36 -6.54 -11.71
C ALA D 110 6.57 -7.61 -10.93
N GLU D 111 5.25 -7.54 -11.01
CA GLU D 111 4.45 -8.59 -10.42
C GLU D 111 4.65 -9.94 -11.10
N LYS D 112 4.77 -9.95 -12.42
CA LYS D 112 4.94 -11.22 -13.12
C LYS D 112 6.31 -11.82 -12.79
N ALA D 113 7.30 -10.94 -12.66
CA ALA D 113 8.64 -11.32 -12.26
C ALA D 113 8.63 -11.89 -10.83
N ILE D 114 7.98 -11.18 -9.90
CA ILE D 114 7.85 -11.68 -8.51
C ILE D 114 7.15 -13.05 -8.49
N LYS D 115 6.02 -13.16 -9.18
CA LYS D 115 5.29 -14.42 -9.28
C LYS D 115 6.16 -15.58 -9.73
N GLU D 116 6.99 -15.40 -10.78
CA GLU D 116 7.82 -16.50 -11.30
C GLU D 116 8.92 -16.91 -10.31
N TRP D 117 9.51 -15.91 -9.64
CA TRP D 117 10.49 -16.10 -8.57
C TRP D 117 9.90 -16.99 -7.51
N GLY D 118 8.63 -16.77 -7.17
CA GLY D 118 7.89 -17.64 -6.23
C GLY D 118 8.08 -17.40 -4.75
N ARG D 119 9.07 -16.57 -4.41
CA ARG D 119 9.38 -16.19 -3.03
C ARG D 119 8.62 -14.93 -2.56
N PRO D 120 8.50 -14.75 -1.23
CA PRO D 120 7.78 -13.56 -0.72
C PRO D 120 8.43 -12.21 -1.01
N LYS D 121 7.58 -11.24 -1.33
CA LYS D 121 7.91 -9.81 -1.41
C LYS D 121 8.73 -9.29 -0.22
N SER D 122 8.47 -9.81 0.96
CA SER D 122 9.24 -9.44 2.12
C SER D 122 10.76 -9.74 1.97
N GLU D 123 11.15 -10.49 0.95
CA GLU D 123 12.55 -10.88 0.81
C GLU D 123 13.36 -10.06 -0.22
N ILE D 124 12.69 -9.11 -0.86
CA ILE D 124 13.31 -8.18 -1.78
C ILE D 124 14.06 -7.13 -0.95
N THR D 125 15.33 -6.93 -1.23
CA THR D 125 16.14 -6.03 -0.40
C THR D 125 16.37 -4.70 -1.13
N HIS D 126 16.42 -4.77 -2.46
CA HIS D 126 16.73 -3.61 -3.29
C HIS D 126 15.75 -3.46 -4.43
N LEU D 127 15.38 -2.21 -4.72
CA LEU D 127 14.65 -1.90 -5.96
C LEU D 127 15.54 -1.05 -6.89
N VAL D 128 15.78 -1.51 -8.12
CA VAL D 128 16.42 -0.65 -9.13
C VAL D 128 15.46 -0.41 -10.34
N PHE D 129 15.15 0.85 -10.61
CA PHE D 129 14.11 1.20 -11.58
C PHE D 129 14.62 2.28 -12.56
N CYS D 130 14.45 2.07 -13.86
CA CYS D 130 14.80 3.14 -14.82
C CYS D 130 13.66 3.54 -15.77
N SER D 131 13.76 4.75 -16.30
CA SER D 131 12.74 5.21 -17.22
C SER D 131 13.25 6.49 -17.83
N ILE D 132 12.86 6.77 -19.05
CA ILE D 132 13.09 8.10 -19.56
C ILE D 132 12.19 9.08 -18.79
N SER D 133 10.95 8.65 -18.51
CA SER D 133 9.88 9.58 -18.08
C SER D 133 9.41 9.38 -16.64
N GLY D 134 8.53 10.30 -16.19
CA GLY D 134 7.85 10.16 -14.91
C GLY D 134 8.49 10.85 -13.71
N ILE D 135 9.25 11.90 -13.96
CA ILE D 135 9.94 12.68 -12.92
C ILE D 135 9.01 13.46 -12.01
N ASP D 136 9.20 13.31 -10.72
CA ASP D 136 8.38 13.90 -9.64
C ASP D 136 9.10 13.58 -8.34
N MET D 137 8.70 14.26 -7.27
CA MET D 137 9.26 14.01 -5.96
C MET D 137 8.18 13.83 -4.89
N PRO D 138 8.14 12.66 -4.24
CA PRO D 138 9.00 11.50 -4.50
C PRO D 138 8.65 10.89 -5.86
N GLY D 139 9.53 9.99 -6.32
CA GLY D 139 9.49 9.53 -7.71
C GLY D 139 8.80 8.22 -8.03
N ALA D 140 8.93 7.81 -9.28
CA ALA D 140 8.30 6.59 -9.74
C ALA D 140 8.77 5.29 -9.02
N ASP D 141 10.03 5.26 -8.58
CA ASP D 141 10.52 4.19 -7.72
C ASP D 141 9.71 4.10 -6.41
N TYR D 142 9.45 5.23 -5.74
CA TYR D 142 8.55 5.27 -4.58
C TYR D 142 7.12 4.83 -4.91
N ARG D 143 6.58 5.20 -6.09
CA ARG D 143 5.26 4.73 -6.46
C ARG D 143 5.29 3.22 -6.76
N LEU D 144 6.16 2.79 -7.69
CA LEU D 144 6.38 1.36 -7.87
C LEU D 144 6.38 0.56 -6.54
N ALA D 145 7.24 0.94 -5.59
CA ALA D 145 7.37 0.19 -4.33
C ALA D 145 6.09 0.16 -3.52
N THR D 146 5.34 1.26 -3.57
CA THR D 146 4.11 1.36 -2.82
C THR D 146 3.02 0.55 -3.50
N LEU D 147 2.85 0.70 -4.82
CA LEU D 147 1.94 -0.14 -5.57
C LEU D 147 2.23 -1.65 -5.35
N LEU D 148 3.50 -2.04 -5.35
CA LEU D 148 3.88 -3.45 -5.09
C LEU D 148 3.69 -3.94 -3.67
N GLY D 149 3.76 -3.04 -2.68
CA GLY D 149 3.64 -3.44 -1.28
C GLY D 149 4.97 -3.99 -0.79
N LEU D 150 6.07 -3.50 -1.36
CA LEU D 150 7.40 -3.81 -0.88
C LEU D 150 7.61 -3.23 0.51
N PRO D 151 8.46 -3.88 1.32
CA PRO D 151 8.73 -3.38 2.65
C PRO D 151 9.30 -1.96 2.63
N LEU D 152 9.00 -1.19 3.67
CA LEU D 152 9.55 0.16 3.88
C LEU D 152 11.08 0.15 3.85
N THR D 153 11.63 -1.00 4.21
CA THR D 153 13.05 -1.22 4.41
C THR D 153 13.88 -1.38 3.11
N VAL D 154 13.20 -1.54 1.98
CA VAL D 154 13.90 -1.79 0.74
C VAL D 154 14.68 -0.60 0.24
N ASN D 155 15.94 -0.82 -0.13
CA ASN D 155 16.80 0.20 -0.70
C ASN D 155 16.44 0.46 -2.16
N ARG D 156 15.85 1.64 -2.42
CA ARG D 156 15.42 2.03 -3.76
C ARG D 156 16.44 2.87 -4.51
N LEU D 157 16.55 2.66 -5.81
CA LEU D 157 17.32 3.58 -6.62
C LEU D 157 16.56 3.89 -7.94
N MET D 158 16.38 5.16 -8.24
CA MET D 158 15.67 5.57 -9.45
C MET D 158 16.62 6.20 -10.50
N ILE D 159 16.67 5.62 -11.70
CA ILE D 159 17.38 6.19 -12.86
C ILE D 159 16.46 6.80 -13.93
N TYR D 160 16.37 8.11 -13.92
CA TYR D 160 15.61 8.88 -14.88
C TYR D 160 16.44 9.31 -16.08
N SER D 161 15.83 9.20 -17.25
CA SER D 161 16.19 9.97 -18.45
C SER D 161 17.52 9.63 -19.08
N GLN D 162 18.01 8.41 -18.83
CA GLN D 162 19.06 7.81 -19.66
C GLN D 162 18.39 7.05 -20.77
N ALA D 163 19.10 6.74 -21.83
CA ALA D 163 18.34 6.21 -22.97
C ALA D 163 18.23 4.68 -23.00
N CYS D 164 18.31 4.14 -24.22
CA CYS D 164 18.04 2.73 -24.47
C CYS D 164 18.95 1.81 -23.67
N HIS D 165 20.21 2.18 -23.50
CA HIS D 165 21.21 1.28 -22.89
C HIS D 165 21.00 1.04 -21.39
N MET D 166 20.08 1.78 -20.79
CA MET D 166 19.87 1.73 -19.33
C MET D 166 19.35 0.37 -18.91
N GLY D 167 18.60 -0.25 -19.79
CA GLY D 167 18.08 -1.58 -19.55
C GLY D 167 19.19 -2.49 -19.18
N ALA D 168 20.23 -2.49 -19.99
CA ALA D 168 21.37 -3.35 -19.76
C ALA D 168 22.23 -2.83 -18.61
N ALA D 169 22.29 -1.50 -18.44
CA ALA D 169 23.12 -0.94 -17.36
C ALA D 169 22.54 -1.30 -15.98
N MET D 170 21.22 -1.46 -15.87
CA MET D 170 20.69 -1.88 -14.57
C MET D 170 21.26 -3.22 -14.06
N LEU D 171 21.59 -4.15 -14.96
CA LEU D 171 22.13 -5.45 -14.54
C LEU D 171 23.53 -5.27 -14.04
N ARG D 172 24.27 -4.34 -14.67
CA ARG D 172 25.59 -3.92 -14.22
C ARG D 172 25.62 -3.41 -12.78
N ILE D 173 24.58 -2.65 -12.40
CA ILE D 173 24.44 -2.11 -11.05
C ILE D 173 24.01 -3.27 -10.16
N ALA D 174 23.04 -4.05 -10.64
CA ALA D 174 22.48 -5.15 -9.82
C ALA D 174 23.56 -6.19 -9.51
N LYS D 175 24.52 -6.36 -10.44
CA LYS D 175 25.66 -7.28 -10.23
C LYS D 175 26.33 -7.05 -8.86
N ASP D 176 26.77 -5.81 -8.65
CA ASP D 176 27.38 -5.35 -7.44
C ASP D 176 26.46 -5.36 -6.20
N LEU D 177 25.20 -4.98 -6.37
CA LEU D 177 24.27 -4.99 -5.24
C LEU D 177 24.13 -6.40 -4.68
N ALA D 178 23.88 -7.37 -5.57
CA ALA D 178 23.57 -8.75 -5.22
C ALA D 178 24.81 -9.52 -4.73
N GLU D 179 25.95 -9.21 -5.30
CA GLU D 179 27.16 -9.93 -4.97
C GLU D 179 27.84 -9.45 -3.68
N ASN D 180 27.67 -8.16 -3.36
CA ASN D 180 28.30 -7.57 -2.18
C ASN D 180 27.47 -7.75 -0.90
N ASN D 181 26.30 -8.38 -1.02
CA ASN D 181 25.36 -8.48 0.10
C ASN D 181 24.65 -9.84 0.18
N ARG D 182 25.08 -10.63 1.15
CA ARG D 182 24.46 -11.91 1.46
C ARG D 182 22.96 -11.71 1.66
N GLY D 183 22.17 -12.53 0.98
CA GLY D 183 20.73 -12.46 1.11
C GLY D 183 20.07 -11.41 0.23
N ALA D 184 20.85 -10.47 -0.31
CA ALA D 184 20.28 -9.45 -1.19
C ALA D 184 19.55 -10.07 -2.37
N ARG D 185 18.36 -9.56 -2.63
CA ARG D 185 17.55 -9.93 -3.77
C ARG D 185 17.07 -8.61 -4.35
N VAL D 186 17.43 -8.36 -5.61
CA VAL D 186 17.27 -7.07 -6.25
C VAL D 186 16.21 -7.22 -7.33
N LEU D 187 15.09 -6.49 -7.19
CA LEU D 187 14.11 -6.33 -8.25
C LEU D 187 14.61 -5.26 -9.26
N VAL D 188 14.80 -5.64 -10.51
CA VAL D 188 15.29 -4.72 -11.52
C VAL D 188 14.10 -4.44 -12.46
N VAL D 189 13.82 -3.17 -12.73
CA VAL D 189 12.67 -2.87 -13.56
C VAL D 189 12.96 -1.78 -14.56
N ALA D 190 12.63 -2.04 -15.83
CA ALA D 190 12.68 -0.99 -16.82
C ALA D 190 11.29 -0.67 -17.28
N CYS D 191 11.01 0.61 -17.54
CA CYS D 191 9.69 0.97 -18.07
C CYS D 191 9.67 2.25 -18.91
N GLU D 192 9.05 2.14 -20.09
CA GLU D 192 8.98 3.27 -21.03
C GLU D 192 7.59 3.46 -21.62
N ILE D 193 7.14 4.71 -21.56
CA ILE D 193 5.87 5.11 -22.20
C ILE D 193 6.16 6.35 -23.06
N THR D 194 5.86 6.25 -24.35
CA THR D 194 6.25 7.29 -25.31
C THR D 194 5.50 8.59 -25.19
N VAL D 195 4.66 8.74 -24.18
CA VAL D 195 3.89 9.99 -24.06
C VAL D 195 4.73 11.29 -24.12
N LEU D 196 6.00 11.25 -23.70
CA LEU D 196 6.81 12.49 -23.72
C LEU D 196 7.47 12.85 -25.07
N SER D 197 7.50 11.88 -26.00
CA SER D 197 8.02 12.10 -27.36
C SER D 197 6.95 12.03 -28.44
N PHE D 198 5.74 11.58 -28.12
CA PHE D 198 4.66 11.67 -29.11
C PHE D 198 4.40 13.10 -29.59
N ARG D 199 4.39 13.28 -30.90
CA ARG D 199 3.95 14.57 -31.50
C ARG D 199 3.49 14.45 -32.98
N GLY D 200 2.61 15.34 -33.42
CA GLY D 200 2.18 15.39 -34.83
C GLY D 200 3.28 15.80 -35.82
N PRO D 201 3.01 15.62 -37.13
CA PRO D 201 4.05 15.73 -38.14
C PRO D 201 4.27 17.14 -38.68
N ASN D 202 5.49 17.36 -39.18
CA ASN D 202 5.86 18.59 -39.83
C ASN D 202 6.72 18.31 -41.05
N GLU D 203 6.38 18.92 -42.20
CA GLU D 203 7.24 18.87 -43.38
C GLU D 203 8.64 19.42 -43.09
N GLY D 204 9.64 18.79 -43.69
CA GLY D 204 11.00 19.25 -43.52
C GLY D 204 11.69 18.46 -42.43
N ASP D 205 11.04 18.35 -41.26
CA ASP D 205 11.53 17.42 -40.25
C ASP D 205 11.03 16.02 -40.52
N PHE D 206 11.54 15.45 -41.62
CA PHE D 206 11.25 14.09 -41.98
C PHE D 206 11.95 13.13 -41.04
N GLU D 207 13.19 13.46 -40.64
CA GLU D 207 13.90 12.76 -39.55
C GLU D 207 12.87 12.32 -38.49
N ALA D 208 12.43 13.29 -37.66
CA ALA D 208 11.58 13.09 -36.46
C ALA D 208 10.52 11.99 -36.53
N LEU D 209 9.88 11.82 -37.69
CA LEU D 209 8.85 10.81 -37.92
C LEU D 209 9.32 9.38 -37.61
N ALA D 210 10.60 9.09 -37.86
CA ALA D 210 11.20 7.80 -37.52
C ALA D 210 10.90 7.44 -36.09
N PHE D 211 10.83 8.45 -35.24
CA PHE D 211 10.47 8.27 -33.85
C PHE D 211 8.96 8.05 -33.63
N GLN D 212 8.12 8.64 -34.47
CA GLN D 212 6.67 8.43 -34.34
C GLN D 212 6.29 7.03 -34.82
N ALA D 213 7.11 6.47 -35.71
CA ALA D 213 6.84 5.14 -36.30
C ALA D 213 7.56 3.95 -35.64
N GLY D 214 8.71 4.20 -35.00
CA GLY D 214 9.57 3.11 -34.53
C GLY D 214 9.49 2.82 -33.04
N PHE D 215 9.16 3.83 -32.24
CA PHE D 215 9.10 3.67 -30.78
C PHE D 215 7.80 3.06 -30.26
N GLY D 216 7.92 2.17 -29.28
CA GLY D 216 6.75 1.57 -28.60
C GLY D 216 6.83 1.70 -27.10
N ASP D 217 5.77 1.33 -26.39
CA ASP D 217 5.76 1.38 -24.92
C ASP D 217 5.90 -0.01 -24.33
N GLY D 218 6.61 -0.09 -23.21
CA GLY D 218 6.61 -1.33 -22.48
C GLY D 218 7.51 -1.35 -21.27
N ALA D 219 7.42 -2.47 -20.55
CA ALA D 219 8.08 -2.64 -19.27
C ALA D 219 8.62 -4.06 -19.08
N GLY D 220 9.74 -4.16 -18.40
CA GLY D 220 10.40 -5.46 -18.16
C GLY D 220 10.99 -5.51 -16.76
N ALA D 221 10.93 -6.69 -16.14
CA ALA D 221 11.42 -6.80 -14.78
C ALA D 221 12.16 -8.09 -14.56
N VAL D 222 13.22 -8.04 -13.74
CA VAL D 222 13.88 -9.28 -13.31
C VAL D 222 14.12 -9.29 -11.82
N VAL D 223 14.61 -10.43 -11.34
CA VAL D 223 15.00 -10.55 -9.96
C VAL D 223 16.38 -11.16 -9.96
N VAL D 224 17.29 -10.47 -9.31
CA VAL D 224 18.68 -10.81 -9.36
C VAL D 224 19.20 -11.15 -7.96
N GLY D 225 19.94 -12.24 -7.81
CA GLY D 225 20.57 -12.52 -6.53
C GLY D 225 21.71 -13.50 -6.67
N ALA D 226 22.66 -13.42 -5.75
CA ALA D 226 23.67 -14.46 -5.66
C ALA D 226 23.20 -15.50 -4.65
N ASP D 227 23.92 -16.62 -4.60
CA ASP D 227 23.63 -17.76 -3.72
C ASP D 227 22.16 -18.15 -3.72
N PRO D 228 21.67 -18.70 -4.84
CA PRO D 228 20.31 -19.26 -4.94
C PRO D 228 20.02 -20.33 -3.89
N LEU D 229 18.83 -20.26 -3.29
CA LEU D 229 18.39 -21.28 -2.36
C LEU D 229 18.10 -22.59 -3.10
N GLU D 230 18.85 -23.62 -2.72
CA GLU D 230 18.78 -24.94 -3.31
C GLU D 230 17.35 -25.44 -3.43
N GLY D 231 16.99 -25.92 -4.63
CA GLY D 231 15.67 -26.48 -4.88
C GLY D 231 14.49 -25.54 -4.64
N ILE D 232 14.77 -24.25 -4.51
CA ILE D 232 13.73 -23.25 -4.35
C ILE D 232 13.87 -22.19 -5.44
N GLU D 233 15.08 -21.66 -5.60
CA GLU D 233 15.38 -20.61 -6.59
C GLU D 233 16.17 -21.20 -7.72
N LYS D 234 15.72 -20.95 -8.93
CA LYS D 234 16.33 -21.56 -10.10
C LYS D 234 16.77 -20.49 -11.10
N PRO D 235 18.06 -20.16 -11.11
CA PRO D 235 18.55 -19.18 -12.07
C PRO D 235 18.23 -19.52 -13.53
N ILE D 236 17.98 -18.48 -14.31
CA ILE D 236 17.93 -18.54 -15.76
C ILE D 236 19.31 -18.23 -16.38
N TYR D 237 20.00 -17.19 -15.90
CA TYR D 237 21.37 -16.93 -16.28
C TYR D 237 22.27 -16.53 -15.10
N GLU D 238 23.59 -16.63 -15.30
CA GLU D 238 24.52 -15.99 -14.39
C GLU D 238 25.10 -14.77 -15.07
N ILE D 239 25.29 -13.68 -14.32
CA ILE D 239 26.03 -12.51 -14.80
C ILE D 239 27.50 -12.73 -14.44
N ALA D 240 28.36 -12.84 -15.45
CA ALA D 240 29.76 -13.12 -15.22
C ALA D 240 30.62 -11.85 -15.22
N ALA D 241 30.12 -10.81 -15.87
CA ALA D 241 30.84 -9.54 -16.03
C ALA D 241 29.92 -8.53 -16.67
N ALA D 242 30.06 -7.27 -16.26
CA ALA D 242 29.32 -6.21 -16.90
C ALA D 242 30.24 -4.99 -16.97
N MET D 243 30.32 -4.37 -18.14
CA MET D 243 31.14 -3.17 -18.33
C MET D 243 30.44 -2.15 -19.23
N GLN D 244 30.76 -0.88 -18.98
CA GLN D 244 30.32 0.19 -19.89
C GLN D 244 31.53 0.74 -20.60
N GLU D 245 31.35 1.17 -21.84
CA GLU D 245 32.38 1.88 -22.61
C GLU D 245 31.75 3.00 -23.44
N THR D 246 32.50 4.10 -23.61
CA THR D 246 32.08 5.24 -24.40
C THR D 246 32.92 5.33 -25.67
N VAL D 247 32.25 5.61 -26.80
CA VAL D 247 32.94 5.74 -28.08
C VAL D 247 33.37 7.18 -28.23
N ALA D 248 34.67 7.42 -28.41
CA ALA D 248 35.22 8.76 -28.63
C ALA D 248 34.46 9.53 -29.73
N GLU D 249 34.32 10.85 -29.55
CA GLU D 249 33.77 11.76 -30.61
C GLU D 249 32.46 11.29 -31.28
N SER D 250 31.51 10.83 -30.48
CA SER D 250 30.33 10.19 -31.03
C SER D 250 29.05 10.74 -30.40
N GLN D 251 29.17 11.85 -29.69
CA GLN D 251 28.04 12.45 -28.98
C GLN D 251 26.90 12.90 -29.91
N GLY D 252 27.24 13.20 -31.16
CA GLY D 252 26.27 13.66 -32.14
C GLY D 252 25.67 12.47 -32.88
N ALA D 253 26.06 11.26 -32.50
CA ALA D 253 25.62 10.07 -33.18
C ALA D 253 24.13 9.83 -32.95
N VAL D 254 23.69 10.11 -31.72
CA VAL D 254 22.32 9.84 -31.27
C VAL D 254 22.16 10.48 -29.89
N GLY D 255 20.97 11.00 -29.63
CA GLY D 255 20.68 11.62 -28.34
C GLY D 255 19.39 12.40 -28.38
N GLY D 256 19.26 13.38 -27.50
CA GLY D 256 18.04 14.16 -27.47
C GLY D 256 17.99 15.19 -26.39
N HIS D 257 16.91 15.97 -26.42
CA HIS D 257 16.74 17.13 -25.54
C HIS D 257 15.35 17.15 -24.91
N LEU D 258 15.28 17.52 -23.64
CA LEU D 258 14.01 17.68 -22.94
C LEU D 258 13.69 19.18 -22.83
N ARG D 259 12.59 19.58 -23.47
CA ARG D 259 12.18 21.01 -23.56
C ARG D 259 10.70 21.21 -23.22
N ALA D 260 10.21 22.45 -23.31
CA ALA D 260 8.77 22.73 -23.07
C ALA D 260 7.82 21.89 -23.91
N PHE D 261 8.29 21.38 -25.03
CA PHE D 261 7.44 20.60 -25.93
C PHE D 261 7.62 19.09 -25.73
N GLY D 262 8.42 18.73 -24.72
CA GLY D 262 8.64 17.34 -24.35
C GLY D 262 10.02 16.87 -24.77
N TRP D 263 10.13 15.58 -25.14
CA TRP D 263 11.41 14.99 -25.57
C TRP D 263 11.53 15.05 -27.09
N THR D 264 12.70 15.45 -27.55
CA THR D 264 13.02 15.43 -28.96
C THR D 264 14.33 14.63 -29.13
N PHE D 265 14.34 13.70 -30.08
CA PHE D 265 15.53 12.84 -30.25
C PHE D 265 16.21 13.15 -31.58
N TYR D 266 17.49 12.80 -31.69
CA TYR D 266 18.24 13.01 -32.94
C TYR D 266 19.16 11.81 -33.23
N PHE D 267 19.47 11.64 -34.52
CA PHE D 267 20.43 10.63 -34.95
C PHE D 267 21.11 11.05 -36.26
N LEU D 268 22.33 10.55 -36.47
CA LEU D 268 22.95 10.62 -37.79
C LEU D 268 22.49 9.38 -38.57
N ASN D 269 22.37 9.50 -39.90
CA ASN D 269 21.94 8.38 -40.75
C ASN D 269 22.90 7.21 -40.70
N GLN D 270 24.18 7.50 -40.50
CA GLN D 270 25.16 6.43 -40.40
C GLN D 270 25.30 5.82 -38.99
N LEU D 271 24.34 6.10 -38.10
CA LEU D 271 24.31 5.52 -36.73
C LEU D 271 24.53 4.00 -36.65
N PRO D 272 23.82 3.22 -37.51
CA PRO D 272 24.03 1.77 -37.52
C PRO D 272 25.49 1.41 -37.78
N ALA D 273 26.10 2.05 -38.77
CA ALA D 273 27.51 1.85 -39.03
C ALA D 273 28.35 2.21 -37.78
N ILE D 274 28.10 3.38 -37.19
CA ILE D 274 28.85 3.88 -36.03
C ILE D 274 28.81 2.91 -34.84
N ILE D 275 27.63 2.35 -34.54
CA ILE D 275 27.50 1.33 -33.51
C ILE D 275 28.31 0.11 -33.91
N ALA D 276 27.95 -0.51 -35.05
CA ALA D 276 28.58 -1.75 -35.50
C ALA D 276 30.09 -1.71 -35.60
N ASP D 277 30.62 -0.59 -36.08
CA ASP D 277 32.08 -0.40 -36.19
C ASP D 277 32.76 -0.34 -34.83
N ASN D 278 32.01 0.00 -33.79
CA ASN D 278 32.62 0.25 -32.50
C ASN D 278 32.28 -0.77 -31.44
N LEU D 279 31.69 -1.87 -31.87
CA LEU D 279 31.29 -2.92 -30.96
C LEU D 279 32.49 -3.79 -30.61
N GLY D 280 33.42 -3.90 -31.57
CA GLY D 280 34.53 -4.83 -31.50
C GLY D 280 35.24 -4.84 -30.16
N ARG D 281 35.75 -3.66 -29.79
CA ARG D 281 36.58 -3.48 -28.59
C ARG D 281 35.89 -3.95 -27.29
N SER D 282 34.64 -3.54 -27.10
CA SER D 282 33.85 -3.99 -25.95
C SER D 282 33.71 -5.48 -25.93
N LEU D 283 33.43 -6.07 -27.10
CA LEU D 283 33.21 -7.50 -27.18
C LEU D 283 34.47 -8.30 -26.91
N GLU D 284 35.59 -7.87 -27.51
CA GLU D 284 36.85 -8.55 -27.25
C GLU D 284 37.23 -8.50 -25.77
N ARG D 285 37.03 -7.34 -25.15
CA ARG D 285 37.34 -7.18 -23.74
C ARG D 285 36.45 -8.06 -22.88
N ALA D 286 35.20 -8.19 -23.28
CA ALA D 286 34.22 -8.94 -22.52
C ALA D 286 34.42 -10.45 -22.60
N LEU D 287 34.76 -10.97 -23.77
CA LEU D 287 34.73 -12.41 -24.06
C LEU D 287 36.09 -13.09 -24.23
N ALA D 288 37.14 -12.32 -24.50
CA ALA D 288 38.46 -12.90 -24.70
C ALA D 288 39.02 -13.68 -23.50
N PRO D 289 38.74 -13.23 -22.26
CA PRO D 289 39.15 -14.03 -21.08
C PRO D 289 38.53 -15.43 -20.97
N LEU D 290 37.68 -15.82 -21.92
CA LEU D 290 37.00 -17.12 -21.90
C LEU D 290 37.40 -18.01 -23.08
N GLY D 291 38.41 -17.57 -23.82
CA GLY D 291 38.88 -18.28 -25.00
C GLY D 291 37.83 -18.45 -26.09
N VAL D 292 36.96 -17.45 -26.26
CA VAL D 292 35.99 -17.42 -27.36
C VAL D 292 36.67 -17.15 -28.70
N ARG D 293 36.59 -18.12 -29.61
CA ARG D 293 37.31 -18.03 -30.89
C ARG D 293 36.50 -17.34 -31.98
N GLU D 294 35.20 -17.64 -32.01
CA GLU D 294 34.33 -17.02 -33.00
C GLU D 294 33.18 -16.31 -32.30
N TRP D 295 32.55 -15.39 -33.02
CA TRP D 295 31.39 -14.69 -32.49
C TRP D 295 30.13 -15.55 -32.38
N ASN D 296 29.96 -16.52 -33.29
CA ASN D 296 28.83 -17.45 -33.26
C ASN D 296 28.96 -18.53 -32.20
N ASP D 297 30.08 -18.51 -31.49
CA ASP D 297 30.31 -19.43 -30.40
C ASP D 297 29.62 -18.95 -29.12
N VAL D 298 28.96 -17.78 -29.16
CA VAL D 298 28.16 -17.34 -27.99
C VAL D 298 26.72 -16.99 -28.37
N PHE D 299 25.82 -16.93 -27.38
CA PHE D 299 24.48 -16.38 -27.60
C PHE D 299 24.41 -14.88 -27.40
N TRP D 300 23.34 -14.27 -27.91
CA TRP D 300 23.23 -12.83 -27.93
C TRP D 300 21.85 -12.34 -27.59
N VAL D 301 21.81 -11.44 -26.62
CA VAL D 301 20.60 -10.80 -26.21
C VAL D 301 20.87 -9.34 -26.52
N ALA D 302 20.29 -8.86 -27.61
CA ALA D 302 20.61 -7.55 -28.10
C ALA D 302 19.44 -6.59 -28.04
N HIS D 303 19.72 -5.38 -27.56
CA HIS D 303 18.78 -4.29 -27.74
C HIS D 303 18.69 -4.02 -29.25
N PRO D 304 17.48 -3.98 -29.81
CA PRO D 304 17.42 -3.90 -31.26
C PRO D 304 17.80 -2.55 -31.85
N GLY D 305 17.56 -1.45 -31.13
CA GLY D 305 17.78 -0.12 -31.74
C GLY D 305 16.77 0.04 -32.88
N ASN D 306 17.08 -0.52 -34.05
CA ASN D 306 16.13 -0.62 -35.15
C ASN D 306 16.62 -1.68 -36.15
N TRP D 307 15.87 -1.85 -37.23
CA TRP D 307 16.16 -2.89 -38.18
C TRP D 307 17.55 -2.68 -38.80
N ALA D 308 17.82 -1.45 -39.25
CA ALA D 308 19.08 -1.18 -39.93
C ALA D 308 20.28 -1.44 -39.00
N ILE D 309 20.09 -1.16 -37.70
CA ILE D 309 21.13 -1.36 -36.70
C ILE D 309 21.37 -2.84 -36.47
N ILE D 310 20.30 -3.60 -36.39
CA ILE D 310 20.45 -5.08 -36.29
C ILE D 310 21.28 -5.61 -37.45
N ASP D 311 20.88 -5.25 -38.66
CA ASP D 311 21.55 -5.67 -39.91
C ASP D 311 23.04 -5.28 -39.95
N ALA D 312 23.38 -4.08 -39.47
CA ALA D 312 24.77 -3.65 -39.40
C ALA D 312 25.62 -4.48 -38.42
N ILE D 313 25.04 -4.84 -37.28
CA ILE D 313 25.76 -5.60 -36.24
C ILE D 313 26.01 -6.99 -36.77
N GLU D 314 24.95 -7.61 -37.28
CA GLU D 314 25.04 -8.95 -37.87
C GLU D 314 26.05 -8.99 -39.00
N ALA D 315 26.03 -7.97 -39.87
CA ALA D 315 26.99 -7.93 -40.99
C ALA D 315 28.43 -7.76 -40.51
N LYS D 316 28.63 -6.91 -39.50
CA LYS D 316 29.97 -6.62 -39.01
C LYS D 316 30.60 -7.84 -38.36
N LEU D 317 29.84 -8.50 -37.49
CA LEU D 317 30.36 -9.65 -36.76
C LEU D 317 30.03 -11.00 -37.40
N GLN D 318 29.58 -11.00 -38.66
CA GLN D 318 29.36 -12.25 -39.43
C GLN D 318 28.56 -13.27 -38.61
N LEU D 319 27.47 -12.83 -38.01
CA LEU D 319 26.65 -13.69 -37.19
C LEU D 319 25.63 -14.38 -38.10
N SER D 320 25.20 -15.57 -37.75
CA SER D 320 24.18 -16.19 -38.54
C SER D 320 22.85 -15.63 -38.03
N PRO D 321 21.82 -15.52 -38.91
CA PRO D 321 20.52 -14.93 -38.59
C PRO D 321 19.94 -15.35 -37.24
N ASP D 322 20.24 -16.57 -36.79
CA ASP D 322 19.63 -17.03 -35.53
C ASP D 322 20.04 -16.18 -34.33
N LYS D 323 21.27 -15.66 -34.33
CA LYS D 323 21.79 -14.96 -33.16
C LYS D 323 20.96 -13.75 -32.75
N LEU D 324 20.45 -13.03 -33.73
CA LEU D 324 19.82 -11.73 -33.51
C LEU D 324 18.31 -11.75 -33.76
N SER D 325 17.77 -12.92 -34.09
CA SER D 325 16.35 -13.07 -34.38
C SER D 325 15.47 -12.79 -33.16
N THR D 326 15.94 -13.14 -31.96
CA THR D 326 15.22 -12.75 -30.73
C THR D 326 15.08 -11.24 -30.65
N ALA D 327 16.08 -10.50 -31.14
CA ALA D 327 16.02 -9.03 -31.22
C ALA D 327 15.13 -8.59 -32.39
N ARG D 328 15.18 -9.33 -33.48
CA ARG D 328 14.31 -9.07 -34.63
C ARG D 328 12.84 -9.34 -34.26
N HIS D 329 12.58 -10.51 -33.68
CA HIS D 329 11.24 -10.86 -33.24
C HIS D 329 10.67 -9.77 -32.34
N VAL D 330 11.43 -9.34 -31.33
CA VAL D 330 10.89 -8.33 -30.43
C VAL D 330 10.63 -6.99 -31.12
N PHE D 331 11.60 -6.51 -31.90
CA PHE D 331 11.45 -5.24 -32.57
C PHE D 331 10.20 -5.21 -33.47
N THR D 332 10.03 -6.27 -34.27
CA THR D 332 8.89 -6.43 -35.16
C THR D 332 7.55 -6.43 -34.41
N GLU D 333 7.50 -7.12 -33.28
CA GLU D 333 6.23 -7.36 -32.58
C GLU D 333 5.84 -6.31 -31.55
N TYR D 334 6.78 -5.42 -31.21
CA TYR D 334 6.64 -4.45 -30.13
C TYR D 334 7.21 -3.06 -30.42
N GLY D 335 8.05 -2.94 -31.45
CA GLY D 335 8.82 -1.72 -31.69
C GLY D 335 10.03 -1.64 -30.78
N ASN D 336 10.69 -0.49 -30.79
CA ASN D 336 11.76 -0.19 -29.87
C ASN D 336 11.16 0.37 -28.60
N MET D 337 11.31 -0.37 -27.49
CA MET D 337 10.72 0.01 -26.20
C MET D 337 11.76 0.62 -25.26
N GLN D 338 12.73 1.27 -25.89
CA GLN D 338 13.89 1.84 -25.21
C GLN D 338 14.52 0.87 -24.18
N SER D 339 14.84 1.37 -22.98
CA SER D 339 15.49 0.55 -21.93
C SER D 339 14.82 -0.81 -21.65
N ALA D 340 13.53 -0.94 -21.88
CA ALA D 340 12.79 -2.18 -21.56
C ALA D 340 13.05 -3.30 -22.55
N THR D 341 13.41 -2.95 -23.78
CA THR D 341 13.45 -3.93 -24.86
C THR D 341 14.34 -5.13 -24.61
N VAL D 342 15.53 -4.92 -24.06
CA VAL D 342 16.44 -6.02 -23.81
C VAL D 342 15.80 -7.13 -22.93
N TYR D 343 14.99 -6.74 -21.96
CA TYR D 343 14.31 -7.70 -21.10
C TYR D 343 13.33 -8.62 -21.82
N PHE D 344 12.63 -8.07 -22.82
CA PHE D 344 11.71 -8.84 -23.65
C PHE D 344 12.51 -9.82 -24.50
N VAL D 345 13.62 -9.34 -25.06
CA VAL D 345 14.54 -10.16 -25.86
C VAL D 345 15.07 -11.30 -25.01
N MET D 346 15.51 -10.99 -23.80
CA MET D 346 15.96 -12.01 -22.87
C MET D 346 14.86 -13.03 -22.59
N ASP D 347 13.63 -12.55 -22.43
CA ASP D 347 12.49 -13.43 -22.18
C ASP D 347 12.26 -14.37 -23.35
N GLU D 348 12.21 -13.83 -24.55
CA GLU D 348 12.05 -14.61 -25.76
C GLU D 348 13.13 -15.72 -25.92
N LEU D 349 14.37 -15.43 -25.54
CA LEU D 349 15.47 -16.40 -25.75
C LEU D 349 15.34 -17.66 -24.89
N ARG D 350 15.14 -17.44 -23.59
CA ARG D 350 14.92 -18.53 -22.63
C ARG D 350 13.66 -19.32 -22.92
N LYS D 351 12.65 -18.65 -23.49
CA LYS D 351 11.38 -19.27 -23.87
C LYS D 351 11.51 -20.12 -25.14
N ARG D 352 12.10 -19.55 -26.19
CA ARG D 352 12.48 -20.29 -27.39
C ARG D 352 13.37 -21.47 -26.99
N SER D 353 14.31 -21.26 -26.07
CA SER D 353 15.13 -22.38 -25.59
C SER D 353 14.29 -23.58 -25.09
N ALA D 354 13.41 -23.34 -24.13
CA ALA D 354 12.55 -24.41 -23.61
C ALA D 354 11.68 -25.05 -24.70
N VAL D 355 10.97 -24.24 -25.49
CA VAL D 355 10.11 -24.77 -26.57
C VAL D 355 10.92 -25.57 -27.61
N GLU D 356 12.04 -25.03 -28.08
CA GLU D 356 12.80 -25.70 -29.12
C GLU D 356 13.58 -26.87 -28.54
N GLY D 357 13.49 -27.06 -27.23
CA GLY D 357 14.09 -28.21 -26.56
C GLY D 357 15.61 -28.19 -26.44
N ARG D 358 16.19 -27.03 -26.16
CA ARG D 358 17.65 -26.90 -26.08
C ARG D 358 18.14 -27.35 -24.73
N SER D 359 19.45 -27.52 -24.59
CA SER D 359 20.02 -28.04 -23.36
C SER D 359 20.36 -26.91 -22.40
N THR D 360 20.46 -25.69 -22.91
CA THR D 360 20.66 -24.51 -22.05
C THR D 360 19.70 -23.36 -22.39
N THR D 361 19.59 -22.41 -21.46
CA THR D 361 18.74 -21.23 -21.63
C THR D 361 19.30 -20.27 -22.67
N GLY D 362 20.53 -20.54 -23.10
CA GLY D 362 21.19 -19.74 -24.13
C GLY D 362 21.26 -20.46 -25.46
N ASP D 363 20.12 -21.04 -25.86
CA ASP D 363 19.96 -21.74 -27.15
C ASP D 363 21.01 -22.87 -27.32
N GLY D 364 21.37 -23.51 -26.21
CA GLY D 364 22.29 -24.63 -26.22
C GLY D 364 23.74 -24.26 -26.01
N LEU D 365 24.03 -22.95 -26.04
CA LEU D 365 25.38 -22.42 -25.83
C LEU D 365 25.67 -22.06 -24.35
N GLN D 366 26.94 -22.14 -23.97
CA GLN D 366 27.41 -21.79 -22.62
C GLN D 366 27.37 -20.28 -22.33
N TRP D 367 28.13 -19.51 -23.10
CA TRP D 367 28.29 -18.09 -22.85
C TRP D 367 27.48 -17.25 -23.80
N GLY D 368 27.15 -16.04 -23.37
CA GLY D 368 26.41 -15.09 -24.19
C GLY D 368 26.69 -13.66 -23.85
N VAL D 369 26.24 -12.75 -24.72
CA VAL D 369 26.37 -11.32 -24.50
C VAL D 369 24.99 -10.67 -24.45
N LEU D 370 24.76 -9.91 -23.39
CA LEU D 370 23.62 -9.01 -23.38
C LEU D 370 24.13 -7.64 -23.77
N LEU D 371 23.40 -6.97 -24.64
CA LEU D 371 23.97 -5.79 -25.26
C LEU D 371 23.01 -4.62 -25.28
N GLY D 372 23.47 -3.51 -24.72
CA GLY D 372 22.77 -2.25 -24.81
C GLY D 372 23.67 -1.19 -25.42
N PHE D 373 23.02 -0.23 -26.09
CA PHE D 373 23.69 0.96 -26.58
C PHE D 373 22.69 2.09 -26.63
N GLY D 374 23.19 3.31 -26.48
CA GLY D 374 22.37 4.51 -26.48
C GLY D 374 23.25 5.75 -26.59
N PRO D 375 22.67 6.95 -26.41
CA PRO D 375 23.45 8.18 -26.50
C PRO D 375 24.76 8.14 -25.70
N GLY D 376 25.81 8.66 -26.34
CA GLY D 376 27.12 8.80 -25.72
C GLY D 376 28.20 9.07 -26.74
N LEU D 377 28.46 8.11 -27.62
CA LEU D 377 27.75 6.84 -27.66
C LEU D 377 28.18 5.84 -26.56
N SER D 378 27.18 5.31 -25.85
CA SER D 378 27.38 4.45 -24.68
C SER D 378 27.09 2.99 -25.03
N ILE D 379 28.02 2.10 -24.68
CA ILE D 379 27.85 0.65 -24.89
C ILE D 379 27.98 -0.19 -23.61
N GLU D 380 26.94 -0.94 -23.31
CA GLU D 380 26.84 -1.77 -22.12
C GLU D 380 26.90 -3.25 -22.50
N THR D 381 27.91 -3.95 -21.97
CA THR D 381 28.07 -5.36 -22.24
C THR D 381 27.89 -6.12 -20.96
N VAL D 382 26.97 -7.09 -20.97
CA VAL D 382 26.82 -8.05 -19.88
C VAL D 382 27.09 -9.49 -20.40
N VAL D 383 28.14 -10.11 -19.88
CA VAL D 383 28.45 -11.48 -20.22
C VAL D 383 27.56 -12.33 -19.37
N LEU D 384 26.82 -13.21 -20.05
CA LEU D 384 25.89 -14.10 -19.38
C LEU D 384 26.37 -15.52 -19.53
N ARG D 385 26.12 -16.34 -18.50
CA ARG D 385 26.22 -17.78 -18.64
C ARG D 385 24.82 -18.37 -18.58
N SER D 386 24.56 -19.33 -19.44
CA SER D 386 23.25 -19.97 -19.51
C SER D 386 23.19 -21.01 -18.40
N MET D 387 21.97 -21.42 -18.05
CA MET D 387 21.78 -22.53 -17.12
C MET D 387 21.33 -23.79 -17.85
N PRO D 388 21.54 -24.97 -17.22
CA PRO D 388 21.12 -26.19 -17.89
C PRO D 388 19.60 -26.33 -17.84
N LEU D 389 19.01 -26.76 -18.95
CA LEU D 389 17.61 -27.10 -19.01
C LEU D 389 17.48 -28.61 -19.00
N HIS D 390 16.73 -29.13 -18.02
CA HIS D 390 16.39 -30.56 -17.95
C HIS D 390 14.93 -30.77 -18.39
N HIS D 391 14.73 -31.55 -19.45
CA HIS D 391 13.37 -31.87 -19.89
C HIS D 391 13.01 -33.29 -19.47
#